data_3BGC
# 
_entry.id   3BGC 
# 
_audit_conform.dict_name       mmcif_pdbx.dic 
_audit_conform.dict_version    5.380 
_audit_conform.dict_location   http://mmcif.pdb.org/dictionaries/ascii/mmcif_pdbx.dic 
# 
loop_
_database_2.database_id 
_database_2.database_code 
_database_2.pdbx_database_accession 
_database_2.pdbx_DOI 
PDB   3BGC         pdb_00003bgc 10.2210/pdb3bgc/pdb 
RCSB  RCSB045485   ?            ?                   
WWPDB D_1000045485 ?            ?                   
# 
_pdbx_database_related.db_name        PDB 
_pdbx_database_related.db_id          3BGB 
_pdbx_database_related.details        'HIV-1 protease in complex with a isobutyl decorated oligoamine' 
_pdbx_database_related.content_type   unspecified 
# 
_pdbx_database_status.status_code                     REL 
_pdbx_database_status.entry_id                        3BGC 
_pdbx_database_status.recvd_initial_deposition_date   2007-11-26 
_pdbx_database_status.deposit_site                    RCSB 
_pdbx_database_status.process_site                    PDBJ 
_pdbx_database_status.status_code_sf                  REL 
_pdbx_database_status.status_code_mr                  ? 
_pdbx_database_status.SG_entry                        ? 
_pdbx_database_status.pdb_format_compatible           Y 
_pdbx_database_status.status_code_cs                  ? 
_pdbx_database_status.status_code_nmr_data            ? 
_pdbx_database_status.methods_development_category    ? 
# 
loop_
_audit_author.name 
_audit_author.pdbx_ordinal 
'Boettcher, J.'   1 
'Blum, A.'        2 
'Sammet, B.'      3 
'Heine, A.'       4 
'Diederich, W.E.' 5 
'Klebe, G.'       6 
# 
_citation.id                        primary 
_citation.title                     'Achiral oligoamines as versatile tool for the development of aspartic protease inhibitors' 
_citation.journal_abbrev            Bioorg.Med.Chem. 
_citation.journal_volume            16 
_citation.page_first                8574 
_citation.page_last                 8586 
_citation.year                      2008 
_citation.journal_id_ASTM           BMECEP 
_citation.country                   UK 
_citation.journal_id_ISSN           0968-0896 
_citation.journal_id_CSD            1200 
_citation.book_publisher            ? 
_citation.pdbx_database_id_PubMed   18760609 
_citation.pdbx_database_id_DOI      10.1016/j.bmc.2008.08.012 
# 
loop_
_citation_author.citation_id 
_citation_author.name 
_citation_author.ordinal 
_citation_author.identifier_ORCID 
primary 'Blum, A.'        1 ? 
primary 'Sammet, B.'      2 ? 
primary 'Luksch, T.'      3 ? 
primary 'Heine, A.'       4 ? 
primary 'Klebe, G.'       5 ? 
primary 'Diederich, W.E.' 6 ? 
# 
_cell.entry_id           3BGC 
_cell.length_a           57.430 
_cell.length_b           85.724 
_cell.length_c           46.540 
_cell.angle_alpha        90.00 
_cell.angle_beta         90.00 
_cell.angle_gamma        90.00 
_cell.Z_PDB              8 
_cell.pdbx_unique_axis   ? 
_cell.length_a_esd       ? 
_cell.length_b_esd       ? 
_cell.length_c_esd       ? 
_cell.angle_alpha_esd    ? 
_cell.angle_beta_esd     ? 
_cell.angle_gamma_esd    ? 
# 
_symmetry.entry_id                         3BGC 
_symmetry.space_group_name_H-M             'P 21 21 2' 
_symmetry.pdbx_full_space_group_name_H-M   ? 
_symmetry.cell_setting                     ? 
_symmetry.Int_Tables_number                18 
_symmetry.space_group_name_Hall            ? 
# 
loop_
_entity.id 
_entity.type 
_entity.src_method 
_entity.pdbx_description 
_entity.formula_weight 
_entity.pdbx_number_of_molecules 
_entity.pdbx_ec 
_entity.pdbx_mutation 
_entity.pdbx_fragment 
_entity.details 
1 polymer     man Protease                                                               10803.756 2   3.4.23.16 ? 
'UNP residues 501-599' ? 
2 non-polymer syn "N,N'-(iminodiethane-2,1-diyl)bis(4-amino-N-benzylbenzenesulfonamide)" 593.760   1   ?         ? ? ? 
3 non-polymer syn 'CHLORIDE ION'                                                         35.453    2   ?         ? ? ? 
4 water       nat water                                                                  18.015    155 ?         ? ? ? 
# 
_entity_poly.entity_id                      1 
_entity_poly.type                           'polypeptide(L)' 
_entity_poly.nstd_linkage                   no 
_entity_poly.nstd_monomer                   no 
_entity_poly.pdbx_seq_one_letter_code       
;PQITLWQRPLVTIKIGGQLKEALLDTGADDTVLEEMSLPGRWKPKMIGGIGGFIKVRQYDQILIEICGHKAIGTVLVGPT
PVNIIGRNLLTQIGCTLNF
;
_entity_poly.pdbx_seq_one_letter_code_can   
;PQITLWQRPLVTIKIGGQLKEALLDTGADDTVLEEMSLPGRWKPKMIGGIGGFIKVRQYDQILIEICGHKAIGTVLVGPT
PVNIIGRNLLTQIGCTLNF
;
_entity_poly.pdbx_strand_id                 A,B 
_entity_poly.pdbx_target_identifier         ? 
# 
loop_
_entity_poly_seq.entity_id 
_entity_poly_seq.num 
_entity_poly_seq.mon_id 
_entity_poly_seq.hetero 
1 1  PRO n 
1 2  GLN n 
1 3  ILE n 
1 4  THR n 
1 5  LEU n 
1 6  TRP n 
1 7  GLN n 
1 8  ARG n 
1 9  PRO n 
1 10 LEU n 
1 11 VAL n 
1 12 THR n 
1 13 ILE n 
1 14 LYS n 
1 15 ILE n 
1 16 GLY n 
1 17 GLY n 
1 18 GLN n 
1 19 LEU n 
1 20 LYS n 
1 21 GLU n 
1 22 ALA n 
1 23 LEU n 
1 24 LEU n 
1 25 ASP n 
1 26 THR n 
1 27 GLY n 
1 28 ALA n 
1 29 ASP n 
1 30 ASP n 
1 31 THR n 
1 32 VAL n 
1 33 LEU n 
1 34 GLU n 
1 35 GLU n 
1 36 MET n 
1 37 SER n 
1 38 LEU n 
1 39 PRO n 
1 40 GLY n 
1 41 ARG n 
1 42 TRP n 
1 43 LYS n 
1 44 PRO n 
1 45 LYS n 
1 46 MET n 
1 47 ILE n 
1 48 GLY n 
1 49 GLY n 
1 50 ILE n 
1 51 GLY n 
1 52 GLY n 
1 53 PHE n 
1 54 ILE n 
1 55 LYS n 
1 56 VAL n 
1 57 ARG n 
1 58 GLN n 
1 59 TYR n 
1 60 ASP n 
1 61 GLN n 
1 62 ILE n 
1 63 LEU n 
1 64 ILE n 
1 65 GLU n 
1 66 ILE n 
1 67 CYS n 
1 68 GLY n 
1 69 HIS n 
1 70 LYS n 
1 71 ALA n 
1 72 ILE n 
1 73 GLY n 
1 74 THR n 
1 75 VAL n 
1 76 LEU n 
1 77 VAL n 
1 78 GLY n 
1 79 PRO n 
1 80 THR n 
1 81 PRO n 
1 82 VAL n 
1 83 ASN n 
1 84 ILE n 
1 85 ILE n 
1 86 GLY n 
1 87 ARG n 
1 88 ASN n 
1 89 LEU n 
1 90 LEU n 
1 91 THR n 
1 92 GLN n 
1 93 ILE n 
1 94 GLY n 
1 95 CYS n 
1 96 THR n 
1 97 LEU n 
1 98 ASN n 
1 99 PHE n 
# 
_entity_src_gen.entity_id                          1 
_entity_src_gen.pdbx_src_id                        1 
_entity_src_gen.pdbx_alt_source_flag               sample 
_entity_src_gen.pdbx_seq_type                      ? 
_entity_src_gen.pdbx_beg_seq_num                   ? 
_entity_src_gen.pdbx_end_seq_num                   ? 
_entity_src_gen.gene_src_common_name               Viruses 
_entity_src_gen.gene_src_genus                     ? 
_entity_src_gen.pdbx_gene_src_gene                 gag-pol 
_entity_src_gen.gene_src_species                   ? 
_entity_src_gen.gene_src_strain                    ? 
_entity_src_gen.gene_src_tissue                    ? 
_entity_src_gen.gene_src_tissue_fraction           ? 
_entity_src_gen.gene_src_details                   ? 
_entity_src_gen.pdbx_gene_src_fragment             ? 
_entity_src_gen.pdbx_gene_src_scientific_name      'Human immunodeficiency virus type 1' 
_entity_src_gen.pdbx_gene_src_ncbi_taxonomy_id     ? 
_entity_src_gen.pdbx_gene_src_variant              ? 
_entity_src_gen.pdbx_gene_src_cell_line            ? 
_entity_src_gen.pdbx_gene_src_atcc                 ? 
_entity_src_gen.pdbx_gene_src_organ                ? 
_entity_src_gen.pdbx_gene_src_organelle            ? 
_entity_src_gen.pdbx_gene_src_cell                 ? 
_entity_src_gen.pdbx_gene_src_cellular_location    ? 
_entity_src_gen.host_org_common_name               ? 
_entity_src_gen.pdbx_host_org_scientific_name      'Escherichia coli' 
_entity_src_gen.pdbx_host_org_ncbi_taxonomy_id     562 
_entity_src_gen.host_org_genus                     ? 
_entity_src_gen.pdbx_host_org_gene                 ? 
_entity_src_gen.pdbx_host_org_organ                ? 
_entity_src_gen.host_org_species                   ? 
_entity_src_gen.pdbx_host_org_tissue               ? 
_entity_src_gen.pdbx_host_org_tissue_fraction      ? 
_entity_src_gen.pdbx_host_org_strain               'BL21(D3)plysS' 
_entity_src_gen.pdbx_host_org_variant              ? 
_entity_src_gen.pdbx_host_org_cell_line            ? 
_entity_src_gen.pdbx_host_org_atcc                 ? 
_entity_src_gen.pdbx_host_org_culture_collection   ? 
_entity_src_gen.pdbx_host_org_cell                 ? 
_entity_src_gen.pdbx_host_org_organelle            ? 
_entity_src_gen.pdbx_host_org_cellular_location    ? 
_entity_src_gen.pdbx_host_org_vector_type          plasmid 
_entity_src_gen.pdbx_host_org_vector               ? 
_entity_src_gen.host_org_details                   ? 
_entity_src_gen.expression_system_id               ? 
_entity_src_gen.plasmid_name                       peT11a 
_entity_src_gen.plasmid_details                    ? 
_entity_src_gen.pdbx_description                   ? 
# 
_struct_ref.id                         1 
_struct_ref.db_name                    UNP 
_struct_ref.db_code                    POL_HV1BR 
_struct_ref.pdbx_db_accession          P03367 
_struct_ref.entity_id                  1 
_struct_ref.pdbx_seq_one_letter_code   
;PQITLWQRPLVTIKIGGQLKEALLDTGADDTVLEEMSLPGRWKPKMIGGIGGFIKVRQYDQILIEICGHKAIGTVLVGPT
PVNIIGRNLLTQIGCTLNF
;
_struct_ref.pdbx_align_begin           501 
_struct_ref.pdbx_db_isoform            ? 
# 
loop_
_struct_ref_seq.align_id 
_struct_ref_seq.ref_id 
_struct_ref_seq.pdbx_PDB_id_code 
_struct_ref_seq.pdbx_strand_id 
_struct_ref_seq.seq_align_beg 
_struct_ref_seq.pdbx_seq_align_beg_ins_code 
_struct_ref_seq.seq_align_end 
_struct_ref_seq.pdbx_seq_align_end_ins_code 
_struct_ref_seq.pdbx_db_accession 
_struct_ref_seq.db_align_beg 
_struct_ref_seq.pdbx_db_align_beg_ins_code 
_struct_ref_seq.db_align_end 
_struct_ref_seq.pdbx_db_align_end_ins_code 
_struct_ref_seq.pdbx_auth_seq_align_beg 
_struct_ref_seq.pdbx_auth_seq_align_end 
1 1 3BGC A 1 ? 99 ? P03367 501 ? 599 ? 1 99 
2 1 3BGC B 1 ? 99 ? P03367 501 ? 599 ? 1 99 
# 
loop_
_chem_comp.id 
_chem_comp.type 
_chem_comp.mon_nstd_flag 
_chem_comp.name 
_chem_comp.pdbx_synonyms 
_chem_comp.formula 
_chem_comp.formula_weight 
ALA 'L-peptide linking' y ALANINE                                                                ? 'C3 H7 N O2'       89.093  
ARG 'L-peptide linking' y ARGININE                                                               ? 'C6 H15 N4 O2 1'   175.209 
ASN 'L-peptide linking' y ASPARAGINE                                                             ? 'C4 H8 N2 O3'      132.118 
ASP 'L-peptide linking' y 'ASPARTIC ACID'                                                        ? 'C4 H7 N O4'       133.103 
CL  non-polymer         . 'CHLORIDE ION'                                                         ? 'Cl -1'            35.453  
CYS 'L-peptide linking' y CYSTEINE                                                               ? 'C3 H7 N O2 S'     121.158 
GLN 'L-peptide linking' y GLUTAMINE                                                              ? 'C5 H10 N2 O3'     146.144 
GLU 'L-peptide linking' y 'GLUTAMIC ACID'                                                        ? 'C5 H9 N O4'       147.129 
GLY 'peptide linking'   y GLYCINE                                                                ? 'C2 H5 N O2'       75.067  
HIS 'L-peptide linking' y HISTIDINE                                                              ? 'C6 H10 N3 O2 1'   156.162 
HOH non-polymer         . WATER                                                                  ? 'H2 O'             18.015  
ILE 'L-peptide linking' y ISOLEUCINE                                                             ? 'C6 H13 N O2'      131.173 
LEU 'L-peptide linking' y LEUCINE                                                                ? 'C6 H13 N O2'      131.173 
LJH non-polymer         . "N,N'-(iminodiethane-2,1-diyl)bis(4-amino-N-benzylbenzenesulfonamide)" ? 'C30 H35 N5 O4 S2' 593.760 
LYS 'L-peptide linking' y LYSINE                                                                 ? 'C6 H15 N2 O2 1'   147.195 
MET 'L-peptide linking' y METHIONINE                                                             ? 'C5 H11 N O2 S'    149.211 
PHE 'L-peptide linking' y PHENYLALANINE                                                          ? 'C9 H11 N O2'      165.189 
PRO 'L-peptide linking' y PROLINE                                                                ? 'C5 H9 N O2'       115.130 
SER 'L-peptide linking' y SERINE                                                                 ? 'C3 H7 N O3'       105.093 
THR 'L-peptide linking' y THREONINE                                                              ? 'C4 H9 N O3'       119.119 
TRP 'L-peptide linking' y TRYPTOPHAN                                                             ? 'C11 H12 N2 O2'    204.225 
TYR 'L-peptide linking' y TYROSINE                                                               ? 'C9 H11 N O3'      181.189 
VAL 'L-peptide linking' y VALINE                                                                 ? 'C5 H11 N O2'      117.146 
# 
_exptl.entry_id          3BGC 
_exptl.method            'X-RAY DIFFRACTION' 
_exptl.crystals_number   1 
# 
_exptl_crystal.id                    1 
_exptl_crystal.density_meas          ? 
_exptl_crystal.density_Matthews      2.65 
_exptl_crystal.density_percent_sol   53.60 
_exptl_crystal.description           ? 
_exptl_crystal.F_000                 ? 
_exptl_crystal.preparation           ? 
# 
_exptl_crystal_grow.crystal_id      1 
_exptl_crystal_grow.method          'VAPOR DIFFUSION' 
_exptl_crystal_grow.temp            293 
_exptl_crystal_grow.temp_details    ? 
_exptl_crystal_grow.pH              6.5 
_exptl_crystal_grow.pdbx_details    '3.0M NaCl, 0.1M Bis-Tris, pH6.5, VAPOR DIFFUSION, temperature 293K' 
_exptl_crystal_grow.pdbx_pH_range   . 
# 
_diffrn.id                     1 
_diffrn.ambient_temp           113 
_diffrn.ambient_temp_details   ? 
_diffrn.crystal_id             1 
# 
_diffrn_detector.diffrn_id              1 
_diffrn_detector.detector               'IMAGE PLATE' 
_diffrn_detector.type                   'RIGAKU RAXIS IV' 
_diffrn_detector.pdbx_collection_date   2006-12-19 
_diffrn_detector.details                ? 
# 
_diffrn_radiation.diffrn_id                        1 
_diffrn_radiation.wavelength_id                    1 
_diffrn_radiation.pdbx_monochromatic_or_laue_m_l   M 
_diffrn_radiation.monochromator                    ? 
_diffrn_radiation.pdbx_diffrn_protocol             'SINGLE WAVELENGTH' 
_diffrn_radiation.pdbx_scattering_type             x-ray 
# 
_diffrn_radiation_wavelength.id           1 
_diffrn_radiation_wavelength.wavelength   1.5418 
_diffrn_radiation_wavelength.wt           1.0 
# 
_diffrn_source.diffrn_id                   1 
_diffrn_source.source                      'ROTATING ANODE' 
_diffrn_source.type                        'RIGAKU RUH3R' 
_diffrn_source.pdbx_synchrotron_site       ? 
_diffrn_source.pdbx_synchrotron_beamline   ? 
_diffrn_source.pdbx_wavelength             ? 
_diffrn_source.pdbx_wavelength_list        1.5418 
# 
_reflns.entry_id                     3BGC 
_reflns.observed_criterion_sigma_F   0 
_reflns.observed_criterion_sigma_I   0 
_reflns.d_resolution_high            1.80 
_reflns.d_resolution_low             50 
_reflns.number_all                   21367 
_reflns.number_obs                   21367 
_reflns.percent_possible_obs         97.4 
_reflns.pdbx_Rmerge_I_obs            0.078 
_reflns.pdbx_Rsym_value              0.078 
_reflns.pdbx_netI_over_sigmaI        16.0 
_reflns.B_iso_Wilson_estimate        21.1 
_reflns.pdbx_redundancy              3.5 
_reflns.R_free_details               ? 
_reflns.limit_h_max                  ? 
_reflns.limit_h_min                  ? 
_reflns.limit_k_max                  ? 
_reflns.limit_k_min                  ? 
_reflns.limit_l_max                  ? 
_reflns.limit_l_min                  ? 
_reflns.observed_criterion_F_max     ? 
_reflns.observed_criterion_F_min     ? 
_reflns.pdbx_chi_squared             ? 
_reflns.pdbx_scaling_rejects         ? 
_reflns.pdbx_diffrn_id               1 
_reflns.pdbx_ordinal                 1 
# 
_reflns_shell.d_res_high             1.8 
_reflns_shell.d_res_low              1.83 
_reflns_shell.percent_possible_all   97.6 
_reflns_shell.Rmerge_I_obs           0.444 
_reflns_shell.pdbx_Rsym_value        0.444 
_reflns_shell.meanI_over_sigI_obs    2.0 
_reflns_shell.pdbx_redundancy        3.4 
_reflns_shell.percent_possible_obs   ? 
_reflns_shell.number_unique_all      1033 
_reflns_shell.number_measured_all    ? 
_reflns_shell.number_measured_obs    ? 
_reflns_shell.number_unique_obs      ? 
_reflns_shell.pdbx_chi_squared       ? 
_reflns_shell.pdbx_diffrn_id         ? 
_reflns_shell.pdbx_ordinal           1 
# 
_refine.entry_id                                 3BGC 
_refine.ls_number_reflns_obs                     20753 
_refine.ls_number_reflns_all                     20753 
_refine.pdbx_ls_sigma_I                          2 
_refine.pdbx_ls_sigma_F                          4 
_refine.pdbx_data_cutoff_high_absF               ? 
_refine.pdbx_data_cutoff_low_absF                ? 
_refine.pdbx_data_cutoff_high_rms_absF           ? 
_refine.ls_d_res_low                             25.00 
_refine.ls_d_res_high                            1.80 
_refine.ls_percent_reflns_obs                    94.6 
_refine.ls_R_factor_obs                          0.185 
_refine.ls_R_factor_all                          0.2075 
_refine.ls_R_factor_R_work                       0.184 
_refine.ls_R_factor_R_free                       0.230 
_refine.ls_R_factor_R_free_error                 ? 
_refine.ls_R_factor_R_free_error_details         ? 
_refine.ls_percent_reflns_R_free                 ? 
_refine.ls_number_reflns_R_free                  1093 
_refine.ls_number_parameters                     6799 
_refine.ls_number_restraints                     6330 
_refine.occupancy_min                            ? 
_refine.occupancy_max                            ? 
_refine.correlation_coeff_Fo_to_Fc               ? 
_refine.correlation_coeff_Fo_to_Fc_free          ? 
_refine.B_iso_mean                               ? 
_refine.aniso_B[1][1]                            ? 
_refine.aniso_B[2][2]                            ? 
_refine.aniso_B[3][3]                            ? 
_refine.aniso_B[1][2]                            ? 
_refine.aniso_B[1][3]                            ? 
_refine.aniso_B[2][3]                            ? 
_refine.solvent_model_details                    ? 
_refine.solvent_model_param_ksol                 ? 
_refine.solvent_model_param_bsol                 ? 
_refine.pdbx_solvent_vdw_probe_radii             ? 
_refine.pdbx_solvent_ion_probe_radii             ? 
_refine.pdbx_solvent_shrinkage_radii             ? 
_refine.pdbx_ls_cross_valid_method               'FREE R' 
_refine.details                                  'ANISOTROPIC SCALING APPLIED BY THE METHOD OF PARKIN' 
_refine.pdbx_starting_model                      'PDB ENTRY 2PQZ' 
_refine.pdbx_method_to_determine_struct          'AB INITIO' 
_refine.pdbx_isotropic_thermal_model             ? 
_refine.pdbx_stereochemistry_target_values       'ENGH AND HUBER' 
_refine.pdbx_stereochem_target_val_spec_case     ? 
_refine.pdbx_R_Free_selection_details            RANDOM 
_refine.pdbx_overall_ESU_R                       ? 
_refine.pdbx_overall_ESU_R_Free                  ? 
_refine.overall_SU_ML                            ? 
_refine.overall_SU_B                             ? 
_refine.ls_redundancy_reflns_obs                 ? 
_refine.B_iso_min                                ? 
_refine.B_iso_max                                ? 
_refine.overall_SU_R_Cruickshank_DPI             ? 
_refine.overall_SU_R_free                        ? 
_refine.ls_wR_factor_R_free                      ? 
_refine.ls_wR_factor_R_work                      ? 
_refine.overall_FOM_free_R_set                   ? 
_refine.overall_FOM_work_R_set                   ? 
_refine.pdbx_overall_phase_error                 ? 
_refine.pdbx_refine_id                           'X-RAY DIFFRACTION' 
_refine.pdbx_diffrn_id                           1 
_refine.pdbx_TLS_residual_ADP_flag               ? 
_refine.pdbx_overall_SU_R_free_Cruickshank_DPI   ? 
_refine.pdbx_overall_SU_R_Blow_DPI               ? 
_refine.pdbx_overall_SU_R_free_Blow_DPI          ? 
# 
_refine_analyze.entry_id                        3BGC 
_refine_analyze.Luzzati_coordinate_error_obs    ? 
_refine_analyze.Luzzati_sigma_a_obs             ? 
_refine_analyze.Luzzati_d_res_low_obs           ? 
_refine_analyze.Luzzati_coordinate_error_free   ? 
_refine_analyze.Luzzati_sigma_a_free            ? 
_refine_analyze.Luzzati_d_res_low_free          ? 
_refine_analyze.number_disordered_residues      0 
_refine_analyze.occupancy_sum_hydrogen          1572.00 
_refine_analyze.occupancy_sum_non_hydrogen      1696.00 
_refine_analyze.pdbx_Luzzati_d_res_high_obs     ? 
_refine_analyze.pdbx_refine_id                  'X-RAY DIFFRACTION' 
# 
_refine_hist.pdbx_refine_id                   'X-RAY DIFFRACTION' 
_refine_hist.cycle_id                         LAST 
_refine_hist.pdbx_number_atoms_protein        1498 
_refine_hist.pdbx_number_atoms_nucleic_acid   0 
_refine_hist.pdbx_number_atoms_ligand         43 
_refine_hist.number_atoms_solvent             155 
_refine_hist.number_atoms_total               1696 
_refine_hist.d_res_high                       1.80 
_refine_hist.d_res_low                        25.00 
# 
loop_
_refine_ls_restr.type 
_refine_ls_restr.dev_ideal 
_refine_ls_restr.dev_ideal_target 
_refine_ls_restr.weight 
_refine_ls_restr.number 
_refine_ls_restr.pdbx_refine_id 
_refine_ls_restr.pdbx_restraint_function 
s_bond_d               0.006  ? ? ? 'X-RAY DIFFRACTION' ? 
s_angle_d              0.021  ? ? ? 'X-RAY DIFFRACTION' ? 
s_similar_dist         0.000  ? ? ? 'X-RAY DIFFRACTION' ? 
s_from_restr_planes    0.0243 ? ? ? 'X-RAY DIFFRACTION' ? 
s_zero_chiral_vol      0.029  ? ? ? 'X-RAY DIFFRACTION' ? 
s_non_zero_chiral_vol  0.037  ? ? ? 'X-RAY DIFFRACTION' ? 
s_anti_bump_dis_restr  0.012  ? ? ? 'X-RAY DIFFRACTION' ? 
s_rigid_bond_adp_cmpnt 0.000  ? ? ? 'X-RAY DIFFRACTION' ? 
s_similar_adp_cmpnt    0.065  ? ? ? 'X-RAY DIFFRACTION' ? 
s_approx_iso_adps      0.000  ? ? ? 'X-RAY DIFFRACTION' ? 
# 
_pdbx_refine.entry_id                                    3BGC 
_pdbx_refine.R_factor_all_no_cutoff                      0.2075 
_pdbx_refine.R_factor_obs_no_cutoff                      0.184 
_pdbx_refine.free_R_factor_no_cutoff                     0.230 
_pdbx_refine.free_R_val_test_set_size_perc_no_cutoff     ? 
_pdbx_refine.free_R_val_test_set_ct_no_cutoff            ? 
_pdbx_refine.R_factor_all_4sig_cutoff                    0.1835 
_pdbx_refine.R_factor_obs_4sig_cutoff                    ? 
_pdbx_refine.free_R_factor_4sig_cutoff                   ? 
_pdbx_refine.free_R_val_test_set_size_perc_4sig_cutoff   ? 
_pdbx_refine.free_R_val_test_set_ct_4sig_cutoff          ? 
_pdbx_refine.number_reflns_obs_4sig_cutoff               16460 
_pdbx_refine.pdbx_refine_id                              'X-RAY DIFFRACTION' 
_pdbx_refine.free_R_error_no_cutoff                      ? 
# 
_struct.entry_id                  3BGC 
_struct.title                     'HIV-1 protease in complex with a benzyl decorated oligoamine' 
_struct.pdbx_model_details        ? 
_struct.pdbx_CASP_flag            ? 
_struct.pdbx_model_type_details   ? 
# 
_struct_keywords.entry_id        3BGC 
_struct_keywords.pdbx_keywords   HYDROLASE 
_struct_keywords.text            
;protein-ligand complex, AIDS, Aspartyl protease, Capsid maturation, Core protein, Cytoplasm, DNA integration, DNA recombination, DNA-directed DNA polymerase, Endonuclease, Hydrolase, Lipoprotein, Magnesium, Membrane, Metal-binding, Multifunctional enzyme, Myristate, Nuclease, Nucleotidyltransferase, Nucleus, Phosphoprotein, Protease, RNA-binding, RNA-directed DNA polymerase, Transferase, Viral nucleoprotein, Virion, Zinc, Zinc-finger
;
# 
loop_
_struct_asym.id 
_struct_asym.pdbx_blank_PDB_chainid_flag 
_struct_asym.pdbx_modified 
_struct_asym.entity_id 
_struct_asym.details 
A N N 1 ? 
B N N 1 ? 
C N N 2 ? 
D N N 3 ? 
E N N 3 ? 
F N N 4 ? 
G N N 4 ? 
# 
_struct_biol.id        1 
_struct_biol.details   ? 
# 
loop_
_struct_conf.conf_type_id 
_struct_conf.id 
_struct_conf.pdbx_PDB_helix_id 
_struct_conf.beg_label_comp_id 
_struct_conf.beg_label_asym_id 
_struct_conf.beg_label_seq_id 
_struct_conf.pdbx_beg_PDB_ins_code 
_struct_conf.end_label_comp_id 
_struct_conf.end_label_asym_id 
_struct_conf.end_label_seq_id 
_struct_conf.pdbx_end_PDB_ins_code 
_struct_conf.beg_auth_comp_id 
_struct_conf.beg_auth_asym_id 
_struct_conf.beg_auth_seq_id 
_struct_conf.end_auth_comp_id 
_struct_conf.end_auth_asym_id 
_struct_conf.end_auth_seq_id 
_struct_conf.pdbx_PDB_helix_class 
_struct_conf.details 
_struct_conf.pdbx_PDB_helix_length 
HELX_P HELX_P1 1 GLY A 86 ? THR A 91 ? GLY A 86 THR A 91 1 ? 6 
HELX_P HELX_P2 2 GLN A 92 ? GLY A 94 ? GLN A 92 GLY A 94 5 ? 3 
HELX_P HELX_P3 3 GLY B 86 ? ILE B 93 ? GLY B 86 ILE B 93 1 ? 8 
# 
_struct_conf_type.id          HELX_P 
_struct_conf_type.criteria    ? 
_struct_conf_type.reference   ? 
# 
loop_
_struct_sheet.id 
_struct_sheet.type 
_struct_sheet.number_strands 
_struct_sheet.details 
A ? 4 ? 
B ? 8 ? 
C ? 8 ? 
# 
loop_
_struct_sheet_order.sheet_id 
_struct_sheet_order.range_id_1 
_struct_sheet_order.range_id_2 
_struct_sheet_order.offset 
_struct_sheet_order.sense 
A 1 2 ? anti-parallel 
A 2 3 ? anti-parallel 
A 3 4 ? anti-parallel 
B 1 2 ? anti-parallel 
B 2 3 ? anti-parallel 
B 3 4 ? parallel      
B 4 5 ? anti-parallel 
B 5 6 ? parallel      
B 6 7 ? anti-parallel 
B 7 8 ? anti-parallel 
C 1 2 ? anti-parallel 
C 2 3 ? anti-parallel 
C 3 4 ? parallel      
C 4 5 ? anti-parallel 
C 5 6 ? parallel      
C 6 7 ? anti-parallel 
C 7 8 ? anti-parallel 
# 
loop_
_struct_sheet_range.sheet_id 
_struct_sheet_range.id 
_struct_sheet_range.beg_label_comp_id 
_struct_sheet_range.beg_label_asym_id 
_struct_sheet_range.beg_label_seq_id 
_struct_sheet_range.pdbx_beg_PDB_ins_code 
_struct_sheet_range.end_label_comp_id 
_struct_sheet_range.end_label_asym_id 
_struct_sheet_range.end_label_seq_id 
_struct_sheet_range.pdbx_end_PDB_ins_code 
_struct_sheet_range.beg_auth_comp_id 
_struct_sheet_range.beg_auth_asym_id 
_struct_sheet_range.beg_auth_seq_id 
_struct_sheet_range.end_auth_comp_id 
_struct_sheet_range.end_auth_asym_id 
_struct_sheet_range.end_auth_seq_id 
A 1 GLN A 2  ? ILE A 3  ? GLN A 2  ILE A 3  
A 2 THR B 96 ? ASN B 98 ? THR B 96 ASN B 98 
A 3 THR A 96 ? ASN A 98 ? THR A 96 ASN A 98 
A 4 GLN B 2  ? ILE B 3  ? GLN B 2  ILE B 3  
B 1 TRP A 42 ? GLY A 48 ? TRP A 42 GLY A 48 
B 2 PHE A 53 ? ILE A 66 ? PHE A 53 ILE A 66 
B 3 HIS A 69 ? VAL A 77 ? HIS A 69 VAL A 77 
B 4 THR A 31 ? LEU A 33 ? THR A 31 LEU A 33 
B 5 ILE A 84 ? ILE A 85 ? ILE A 84 ILE A 85 
B 6 GLN A 18 ? LEU A 24 ? GLN A 18 LEU A 24 
B 7 LEU A 10 ? ILE A 15 ? LEU A 10 ILE A 15 
B 8 PHE A 53 ? ILE A 66 ? PHE A 53 ILE A 66 
C 1 LYS B 43 ? GLY B 49 ? LYS B 43 GLY B 49 
C 2 GLY B 52 ? ILE B 66 ? GLY B 52 ILE B 66 
C 3 HIS B 69 ? VAL B 77 ? HIS B 69 VAL B 77 
C 4 VAL B 32 ? LEU B 33 ? VAL B 32 LEU B 33 
C 5 ILE B 84 ? ILE B 85 ? ILE B 84 ILE B 85 
C 6 GLN B 18 ? LEU B 24 ? GLN B 18 LEU B 24 
C 7 LEU B 10 ? ILE B 15 ? LEU B 10 ILE B 15 
C 8 GLY B 52 ? ILE B 66 ? GLY B 52 ILE B 66 
# 
loop_
_pdbx_struct_sheet_hbond.sheet_id 
_pdbx_struct_sheet_hbond.range_id_1 
_pdbx_struct_sheet_hbond.range_id_2 
_pdbx_struct_sheet_hbond.range_1_label_atom_id 
_pdbx_struct_sheet_hbond.range_1_label_comp_id 
_pdbx_struct_sheet_hbond.range_1_label_asym_id 
_pdbx_struct_sheet_hbond.range_1_label_seq_id 
_pdbx_struct_sheet_hbond.range_1_PDB_ins_code 
_pdbx_struct_sheet_hbond.range_1_auth_atom_id 
_pdbx_struct_sheet_hbond.range_1_auth_comp_id 
_pdbx_struct_sheet_hbond.range_1_auth_asym_id 
_pdbx_struct_sheet_hbond.range_1_auth_seq_id 
_pdbx_struct_sheet_hbond.range_2_label_atom_id 
_pdbx_struct_sheet_hbond.range_2_label_comp_id 
_pdbx_struct_sheet_hbond.range_2_label_asym_id 
_pdbx_struct_sheet_hbond.range_2_label_seq_id 
_pdbx_struct_sheet_hbond.range_2_PDB_ins_code 
_pdbx_struct_sheet_hbond.range_2_auth_atom_id 
_pdbx_struct_sheet_hbond.range_2_auth_comp_id 
_pdbx_struct_sheet_hbond.range_2_auth_asym_id 
_pdbx_struct_sheet_hbond.range_2_auth_seq_id 
A 1 2 N ILE A 3  ? N ILE A 3  O LEU B 97 ? O LEU B 97 
A 2 3 O THR B 96 ? O THR B 96 N ASN A 98 ? N ASN A 98 
A 3 4 N LEU A 97 ? N LEU A 97 O ILE B 3  ? O ILE B 3  
B 1 2 N ILE A 47 ? N ILE A 47 O ILE A 54 ? O ILE A 54 
B 2 3 N TYR A 59 ? N TYR A 59 O VAL A 75 ? O VAL A 75 
B 3 4 O LEU A 76 ? O LEU A 76 N THR A 31 ? N THR A 31 
B 4 5 N VAL A 32 ? N VAL A 32 O ILE A 84 ? O ILE A 84 
B 5 6 O ILE A 85 ? O ILE A 85 N LEU A 23 ? N LEU A 23 
B 6 7 O LYS A 20 ? O LYS A 20 N ILE A 13 ? N ILE A 13 
B 7 8 N LYS A 14 ? N LYS A 14 O GLU A 65 ? O GLU A 65 
C 1 2 N ILE B 47 ? N ILE B 47 O ILE B 54 ? O ILE B 54 
C 2 3 N ILE B 62 ? N ILE B 62 O GLY B 73 ? O GLY B 73 
C 3 4 O LEU B 76 ? O LEU B 76 N LEU B 33 ? N LEU B 33 
C 4 5 N VAL B 32 ? N VAL B 32 O ILE B 84 ? O ILE B 84 
C 5 6 O ILE B 85 ? O ILE B 85 N LEU B 23 ? N LEU B 23 
C 6 7 O ALA B 22 ? O ALA B 22 N VAL B 11 ? N VAL B 11 
C 7 8 N LYS B 14 ? N LYS B 14 O GLU B 65 ? O GLU B 65 
# 
loop_
_struct_site.id 
_struct_site.pdbx_evidence_code 
_struct_site.pdbx_auth_asym_id 
_struct_site.pdbx_auth_comp_id 
_struct_site.pdbx_auth_seq_id 
_struct_site.pdbx_auth_ins_code 
_struct_site.pdbx_num_residues 
_struct_site.details 
AC1 Software B CL  2602 ? 3  'BINDING SITE FOR RESIDUE CL B 2602'  
AC2 Software A LJH 2501 ? 19 'BINDING SITE FOR RESIDUE LJH A 2501' 
# 
loop_
_struct_site_gen.id 
_struct_site_gen.site_id 
_struct_site_gen.pdbx_num_res 
_struct_site_gen.label_comp_id 
_struct_site_gen.label_asym_id 
_struct_site_gen.label_seq_id 
_struct_site_gen.pdbx_auth_ins_code 
_struct_site_gen.auth_comp_id 
_struct_site_gen.auth_asym_id 
_struct_site_gen.auth_seq_id 
_struct_site_gen.label_atom_id 
_struct_site_gen.label_alt_id 
_struct_site_gen.symmetry 
_struct_site_gen.details 
1  AC1 3  THR B 74 ? THR B 74   . ? 1_555 ? 
2  AC1 3  ASN B 88 ? ASN B 88   . ? 1_555 ? 
3  AC1 3  HOH G .  ? HOH B 3015 . ? 1_555 ? 
4  AC2 19 ASP A 25 ? ASP A 25   . ? 1_555 ? 
5  AC2 19 GLY A 27 ? GLY A 27   . ? 1_555 ? 
6  AC2 19 ALA A 28 ? ALA A 28   . ? 1_555 ? 
7  AC2 19 ASP A 30 ? ASP A 30   . ? 1_555 ? 
8  AC2 19 GLY A 48 ? GLY A 48   . ? 1_555 ? 
9  AC2 19 ILE A 50 ? ILE A 50   . ? 1_555 ? 
10 AC2 19 THR A 80 ? THR A 80   . ? 1_555 ? 
11 AC2 19 ILE A 84 ? ILE A 84   . ? 1_555 ? 
12 AC2 19 HOH F .  ? HOH A 3131 . ? 1_555 ? 
13 AC2 19 ASP B 25 ? ASP B 25   . ? 1_555 ? 
14 AC2 19 GLY B 27 ? GLY B 27   . ? 1_555 ? 
15 AC2 19 ALA B 28 ? ALA B 28   . ? 1_555 ? 
16 AC2 19 ASP B 30 ? ASP B 30   . ? 1_555 ? 
17 AC2 19 GLY B 48 ? GLY B 48   . ? 1_555 ? 
18 AC2 19 GLY B 49 ? GLY B 49   . ? 1_555 ? 
19 AC2 19 ILE B 50 ? ILE B 50   . ? 1_555 ? 
20 AC2 19 THR B 80 ? THR B 80   . ? 1_555 ? 
21 AC2 19 ILE B 84 ? ILE B 84   . ? 1_555 ? 
22 AC2 19 HOH G .  ? HOH B 3150 . ? 1_555 ? 
# 
_atom_sites.entry_id                    3BGC 
_atom_sites.fract_transf_matrix[1][1]   -0.01482392 
_atom_sites.fract_transf_matrix[1][2]   0.00296127 
_atom_sites.fract_transf_matrix[1][3]   0.00864262 
_atom_sites.fract_transf_matrix[2][1]   -0.00516429 
_atom_sites.fract_transf_matrix[2][2]   -0.00863793 
_atom_sites.fract_transf_matrix[2][3]   -0.00589818 
_atom_sites.fract_transf_matrix[3][1]   0.00604957 
_atom_sites.fract_transf_matrix[3][2]   -0.01397051 
_atom_sites.fract_transf_matrix[3][3]   0.01516307 
_atom_sites.fract_transf_vector[1]      -0.266691 
_atom_sites.fract_transf_vector[2]      0.192642 
_atom_sites.fract_transf_vector[3]      -0.416959 
# 
loop_
_atom_type.symbol 
C  
CL 
N  
O  
S  
# 
loop_
_atom_site.group_PDB 
_atom_site.id 
_atom_site.type_symbol 
_atom_site.label_atom_id 
_atom_site.label_alt_id 
_atom_site.label_comp_id 
_atom_site.label_asym_id 
_atom_site.label_entity_id 
_atom_site.label_seq_id 
_atom_site.pdbx_PDB_ins_code 
_atom_site.Cartn_x 
_atom_site.Cartn_y 
_atom_site.Cartn_z 
_atom_site.occupancy 
_atom_site.B_iso_or_equiv 
_atom_site.pdbx_formal_charge 
_atom_site.auth_seq_id 
_atom_site.auth_comp_id 
_atom_site.auth_asym_id 
_atom_site.auth_atom_id 
_atom_site.pdbx_PDB_model_num 
ATOM   1    N  N   . PRO A 1 1  ? 17.511  6.563   1.767   1.00 33.94 ? 1    PRO A N   1 
ATOM   2    C  CA  . PRO A 1 1  ? 17.746  6.037   0.420   1.00 34.14 ? 1    PRO A CA  1 
ATOM   3    C  C   . PRO A 1 1  ? 16.634  6.415   -0.561  1.00 31.03 ? 1    PRO A C   1 
ATOM   4    O  O   . PRO A 1 1  ? 15.625  6.997   -0.165  1.00 25.68 ? 1    PRO A O   1 
ATOM   5    C  CB  . PRO A 1 1  ? 17.741  4.524   0.634   1.00 31.07 ? 1    PRO A CB  1 
ATOM   6    C  CG  . PRO A 1 1  ? 17.024  4.311   1.930   1.00 33.23 ? 1    PRO A CG  1 
ATOM   7    C  CD  . PRO A 1 1  ? 17.421  5.487   2.776   1.00 33.32 ? 1    PRO A CD  1 
ATOM   8    N  N   . GLN A 1 2  ? 16.832  6.073   -1.827  1.00 28.41 ? 2    GLN A N   1 
ATOM   9    C  CA  . GLN A 1 2  ? 15.816  6.147   -2.867  1.00 23.39 ? 2    GLN A CA  1 
ATOM   10   C  C   . GLN A 1 2  ? 15.490  4.706   -3.268  1.00 32.96 ? 2    GLN A C   1 
ATOM   11   O  O   . GLN A 1 2  ? 16.362  4.023   -3.798  1.00 38.05 ? 2    GLN A O   1 
ATOM   12   C  CB  . GLN A 1 2  ? 16.222  6.950   -4.089  1.00 21.88 ? 2    GLN A CB  1 
ATOM   13   C  CG  . GLN A 1 2  ? 15.271  6.905   -5.264  1.00 24.98 ? 2    GLN A CG  1 
ATOM   14   C  CD  . GLN A 1 2  ? 15.757  7.660   -6.482  1.00 35.04 ? 2    GLN A CD  1 
ATOM   15   O  OE1 . GLN A 1 2  ? 16.601  7.192   -7.248  1.00 49.23 ? 2    GLN A OE1 1 
ATOM   16   N  NE2 . GLN A 1 2  ? 15.229  8.858   -6.702  1.00 45.55 ? 2    GLN A NE2 1 
ATOM   17   N  N   . ILE A 1 3  ? 14.259  4.309   -2.974  1.00 23.02 ? 3    ILE A N   1 
ATOM   18   C  CA  . ILE A 1 3  ? 13.799  2.947   -3.216  1.00 23.72 ? 3    ILE A CA  1 
ATOM   19   C  C   . ILE A 1 3  ? 12.920  2.917   -4.462  1.00 26.31 ? 3    ILE A C   1 
ATOM   20   O  O   . ILE A 1 3  ? 11.897  3.594   -4.524  1.00 16.88 ? 3    ILE A O   1 
ATOM   21   C  CB  . ILE A 1 3  ? 13.040  2.394   -1.996  1.00 26.47 ? 3    ILE A CB  1 
ATOM   22   C  CG1 . ILE A 1 3  ? 13.808  2.628   -0.691  1.00 28.92 ? 3    ILE A CG1 1 
ATOM   23   C  CG2 . ILE A 1 3  ? 12.674  0.935   -2.200  1.00 22.99 ? 3    ILE A CG2 1 
ATOM   24   C  CD1 . ILE A 1 3  ? 13.415  1.782   0.488   1.00 32.81 ? 3    ILE A CD1 1 
ATOM   25   N  N   . THR A 1 4  ? 13.362  2.131   -5.432  1.00 23.54 ? 4    THR A N   1 
ATOM   26   C  CA  . THR A 1 4  ? 12.656  1.872   -6.664  1.00 23.63 ? 4    THR A CA  1 
ATOM   27   C  C   . THR A 1 4  ? 11.361  1.115   -6.415  1.00 17.04 ? 4    THR A C   1 
ATOM   28   O  O   . THR A 1 4  ? 11.184  0.461   -5.382  1.00 19.94 ? 4    THR A O   1 
ATOM   29   C  CB  . THR A 1 4  ? 13.509  1.025   -7.638  1.00 22.34 ? 4    THR A CB  1 
ATOM   30   O  OG1 . THR A 1 4  ? 12.848  1.037   -8.892  1.00 21.88 ? 4    THR A OG1 1 
ATOM   31   C  CG2 . THR A 1 4  ? 13.556  -0.424  -7.183  1.00 27.48 ? 4    THR A CG2 1 
ATOM   32   N  N   . LEU A 1 5  ? 10.455  1.206   -7.383  1.00 21.82 ? 5    LEU A N   1 
ATOM   33   C  CA  . LEU A 1 5  ? 9.213   0.439   -7.243  1.00 18.03 ? 5    LEU A CA  1 
ATOM   34   C  C   . LEU A 1 5  ? 9.088   -0.644  -8.300  1.00 21.79 ? 5    LEU A C   1 
ATOM   35   O  O   . LEU A 1 5  ? 8.022   -1.220  -8.501  1.00 19.96 ? 5    LEU A O   1 
ATOM   36   C  CB  . LEU A 1 5  ? 7.994   1.377   -7.250  1.00 13.70 ? 5    LEU A CB  1 
ATOM   37   C  CG  . LEU A 1 5  ? 7.911   2.306   -6.038  1.00 14.34 ? 5    LEU A CG  1 
ATOM   38   C  CD1 . LEU A 1 5  ? 6.743   3.261   -6.229  1.00 14.64 ? 5    LEU A CD1 1 
ATOM   39   C  CD2 . LEU A 1 5  ? 7.793   1.550   -4.728  1.00 20.61 ? 5    LEU A CD2 1 
ATOM   40   N  N   . TRP A 1 6  ? 10.192  -0.950  -8.986  1.00 18.98 ? 6    TRP A N   1 
ATOM   41   C  CA  . TRP A 1 6  ? 10.186  -2.053  -9.941  1.00 18.72 ? 6    TRP A CA  1 
ATOM   42   C  C   . TRP A 1 6  ? 9.897   -3.383  -9.250  1.00 19.42 ? 6    TRP A C   1 
ATOM   43   O  O   . TRP A 1 6  ? 9.288   -4.287  -9.813  1.00 24.02 ? 6    TRP A O   1 
ATOM   44   C  CB  . TRP A 1 6  ? 11.532  -2.164  -10.653 1.00 16.76 ? 6    TRP A CB  1 
ATOM   45   C  CG  . TRP A 1 6  ? 11.764  -1.123  -11.695 1.00 16.65 ? 6    TRP A CG  1 
ATOM   46   C  CD1 . TRP A 1 6  ? 12.778  -0.207  -11.703 1.00 23.71 ? 6    TRP A CD1 1 
ATOM   47   C  CD2 . TRP A 1 6  ? 10.990  -0.875  -12.872 1.00 21.86 ? 6    TRP A CD2 1 
ATOM   48   N  NE1 . TRP A 1 6  ? 12.673  0.590   -12.821 1.00 27.66 ? 6    TRP A NE1 1 
ATOM   49   C  CE2 . TRP A 1 6  ? 11.588  0.201   -13.550 1.00 20.73 ? 6    TRP A CE2 1 
ATOM   50   C  CE3 . TRP A 1 6  ? 9.847   -1.470  -13.411 1.00 25.48 ? 6    TRP A CE3 1 
ATOM   51   C  CZ2 . TRP A 1 6  ? 11.098  0.718   -14.748 1.00 30.01 ? 6    TRP A CZ2 1 
ATOM   52   C  CZ3 . TRP A 1 6  ? 9.366   -0.956  -14.594 1.00 25.97 ? 6    TRP A CZ3 1 
ATOM   53   C  CH2 . TRP A 1 6  ? 9.979   0.112   -15.243 1.00 21.34 ? 6    TRP A CH2 1 
ATOM   54   N  N   . GLN A 1 7  ? 10.363  -3.484  -8.017  1.00 19.42 ? 7    GLN A N   1 
ATOM   55   C  CA  . GLN A 1 7  ? 10.161  -4.580  -7.107  1.00 22.46 ? 7    GLN A CA  1 
ATOM   56   C  C   . GLN A 1 7  ? 9.397   -4.119  -5.866  1.00 20.08 ? 7    GLN A C   1 
ATOM   57   O  O   . GLN A 1 7  ? 9.342   -2.927  -5.583  1.00 21.71 ? 7    GLN A O   1 
ATOM   58   C  CB  . GLN A 1 7  ? 11.484  -5.167  -6.610  1.00 23.78 ? 7    GLN A CB  1 
ATOM   59   C  CG  . GLN A 1 7  ? 12.279  -5.884  -7.689  1.00 26.82 ? 7    GLN A CG  1 
ATOM   60   C  CD  . GLN A 1 7  ? 12.969  -5.000  -8.698  1.00 18.62 ? 7    GLN A CD  1 
ATOM   61   O  OE1 . GLN A 1 7  ? 12.928  -5.255  -9.915  1.00 25.20 ? 7    GLN A OE1 1 
ATOM   62   N  NE2 . GLN A 1 7  ? 13.623  -3.947  -8.237  1.00 19.26 ? 7    GLN A NE2 1 
ATOM   63   N  N   . ARG A 1 8  ? 8.853   -5.086  -5.140  1.00 17.40 ? 8    ARG A N   1 
ATOM   64   C  CA  . ARG A 1 8  ? 8.203   -4.727  -3.881  1.00 21.92 ? 8    ARG A CA  1 
ATOM   65   C  C   . ARG A 1 8  ? 9.236   -4.052  -2.980  1.00 25.11 ? 8    ARG A C   1 
ATOM   66   O  O   . ARG A 1 8  ? 10.336  -4.613  -2.877  1.00 22.79 ? 8    ARG A O   1 
ATOM   67   C  CB  . ARG A 1 8  ? 7.608   -5.963  -3.219  1.00 21.21 ? 8    ARG A CB  1 
ATOM   68   C  CG  . ARG A 1 8  ? 6.429   -6.559  -3.961  1.00 25.93 ? 8    ARG A CG  1 
ATOM   69   C  CD  . ARG A 1 8  ? 5.992   -7.882  -3.382  1.00 32.00 ? 8    ARG A CD  1 
ATOM   70   N  NE  . ARG A 1 8  ? 5.021   -7.772  -2.311  1.00 52.72 ? 8    ARG A NE  1 
ATOM   71   C  CZ  . ARG A 1 8  ? 3.861   -8.389  -2.164  1.00 61.67 ? 8    ARG A CZ  1 
ATOM   72   N  NH1 . ARG A 1 8  ? 3.376   -9.261  -3.039  1.00 85.73 ? 8    ARG A NH1 1 
ATOM   73   N  NH2 . ARG A 1 8  ? 3.131   -8.125  -1.083  1.00 50.57 ? 8    ARG A NH2 1 
ATOM   74   N  N   . PRO A 1 9  ? 8.910   -2.913  -2.384  1.00 17.54 ? 9    PRO A N   1 
ATOM   75   C  CA  . PRO A 1 9  ? 9.856   -2.190  -1.513  1.00 18.10 ? 9    PRO A CA  1 
ATOM   76   C  C   . PRO A 1 9  ? 9.951   -2.811  -0.132  1.00 18.73 ? 9    PRO A C   1 
ATOM   77   O  O   . PRO A 1 9  ? 9.311   -2.369  0.822   1.00 18.22 ? 9    PRO A O   1 
ATOM   78   C  CB  . PRO A 1 9  ? 9.258   -0.779  -1.445  1.00 16.67 ? 9    PRO A CB  1 
ATOM   79   C  CG  . PRO A 1 9  ? 7.791   -1.029  -1.545  1.00 22.20 ? 9    PRO A CG  1 
ATOM   80   C  CD  . PRO A 1 9  ? 7.646   -2.165  -2.516  1.00 17.74 ? 9    PRO A CD  1 
ATOM   81   N  N   . LEU A 1 10 ? 10.764  -3.854  -0.040  1.00 19.95 ? 10   LEU A N   1 
ATOM   82   C  CA  . LEU A 1 10 ? 11.010  -4.571  1.197   1.00 21.45 ? 10   LEU A CA  1 
ATOM   83   C  C   . LEU A 1 10 ? 12.279  -4.095  1.892   1.00 23.27 ? 10   LEU A C   1 
ATOM   84   O  O   . LEU A 1 10 ? 13.322  -3.897  1.293   1.00 30.15 ? 10   LEU A O   1 
ATOM   85   C  CB  . LEU A 1 10 ? 11.150  -6.071  0.936   1.00 23.98 ? 10   LEU A CB  1 
ATOM   86   C  CG  . LEU A 1 10 ? 9.924   -6.740  0.308   1.00 31.35 ? 10   LEU A CG  1 
ATOM   87   C  CD1 . LEU A 1 10 ? 10.240  -8.172  -0.098  1.00 43.89 ? 10   LEU A CD1 1 
ATOM   88   C  CD2 . LEU A 1 10 ? 8.747   -6.701  1.265   1.00 23.77 ? 10   LEU A CD2 1 
ATOM   89   N  N   . VAL A 1 11 ? 12.170  -3.906  3.194   1.00 22.31 ? 11   VAL A N   1 
ATOM   90   C  CA  . VAL A 1 11 ? 13.280  -3.478  4.013   1.00 25.75 ? 11   VAL A CA  1 
ATOM   91   C  C   . VAL A 1 11 ? 13.345  -4.365  5.254   1.00 28.47 ? 11   VAL A C   1 
ATOM   92   O  O   . VAL A 1 11 ? 12.382  -5.041  5.605   1.00 26.66 ? 11   VAL A O   1 
ATOM   93   C  CB  . VAL A 1 11 ? 13.182  -2.017  4.492   1.00 29.14 ? 11   VAL A CB  1 
ATOM   94   C  CG1 . VAL A 1 11 ? 13.041  -1.065  3.318   1.00 40.09 ? 11   VAL A CG1 1 
ATOM   95   C  CG2 . VAL A 1 11 ? 12.018  -1.870  5.458   1.00 24.81 ? 11   VAL A CG2 1 
ATOM   96   N  N   . THR A 1 12 ? 14.511  -4.311  5.877   1.00 25.60 ? 12   THR A N   1 
ATOM   97   C  CA  . THR A 1 12 ? 14.678  -5.016  7.139   1.00 31.79 ? 12   THR A CA  1 
ATOM   98   C  C   . THR A 1 12 ? 14.258  -4.144  8.302   1.00 24.27 ? 12   THR A C   1 
ATOM   99   O  O   . THR A 1 12 ? 14.607  -2.975  8.425   1.00 28.78 ? 12   THR A O   1 
ATOM   100  C  CB  . THR A 1 12 ? 16.143  -5.450  7.341   1.00 34.68 ? 12   THR A CB  1 
ATOM   101  O  OG1 . THR A 1 12 ? 16.491  -6.344  6.278   1.00 37.86 ? 12   THR A OG1 1 
ATOM   102  C  CG2 . THR A 1 12 ? 16.275  -6.184  8.663   1.00 40.95 ? 12   THR A CG2 1 
ATOM   103  N  N   . ILE A 1 13 ? 13.471  -4.711  9.215   1.00 20.84 ? 13   ILE A N   1 
ATOM   104  C  CA  . ILE A 1 13 ? 13.204  -3.921  10.407  1.00 25.73 ? 13   ILE A CA  1 
ATOM   105  C  C   . ILE A 1 13 ? 13.706  -4.689  11.628  1.00 28.84 ? 13   ILE A C   1 
ATOM   106  O  O   . ILE A 1 13 ? 13.942  -5.893  11.531  1.00 30.47 ? 13   ILE A O   1 
ATOM   107  C  CB  . ILE A 1 13 ? 11.710  -3.613  10.555  1.00 27.71 ? 13   ILE A CB  1 
ATOM   108  C  CG1 . ILE A 1 13 ? 10.825  -4.850  10.713  1.00 33.94 ? 13   ILE A CG1 1 
ATOM   109  C  CG2 . ILE A 1 13 ? 11.220  -2.789  9.378   1.00 28.25 ? 13   ILE A CG2 1 
ATOM   110  C  CD1 . ILE A 1 13 ? 9.642   -4.635  11.625  1.00 31.82 ? 13   ILE A CD1 1 
ATOM   111  N  N   . LYS A 1 14 ? 13.845  -3.973  12.731  1.00 25.50 ? 14   LYS A N   1 
ATOM   112  C  CA  . LYS A 1 14 ? 14.190  -4.567  14.003  1.00 23.54 ? 14   LYS A CA  1 
ATOM   113  C  C   . LYS A 1 14 ? 13.138  -4.151  15.020  1.00 20.68 ? 14   LYS A C   1 
ATOM   114  O  O   . LYS A 1 14 ? 12.892  -2.965  15.212  1.00 23.89 ? 14   LYS A O   1 
ATOM   115  C  CB  . LYS A 1 14 ? 15.570  -4.149  14.518  1.00 32.28 ? 14   LYS A CB  1 
ATOM   116  C  CG  . LYS A 1 14 ? 15.776  -4.622  15.955  1.00 46.77 ? 14   LYS A CG  1 
ATOM   117  C  CD  . LYS A 1 14 ? 17.243  -4.695  16.323  1.00 63.30 ? 14   LYS A CD  1 
ATOM   118  C  CE  . LYS A 1 14 ? 17.750  -3.398  16.933  1.00 71.50 ? 14   LYS A CE  1 
ATOM   119  N  NZ  . LYS A 1 14 ? 19.193  -3.174  16.627  1.00 75.93 ? 14   LYS A NZ  1 
ATOM   120  N  N   . ILE A 1 15 ? 12.535  -5.152  15.628  1.00 24.20 ? 15   ILE A N   1 
ATOM   121  C  CA  . ILE A 1 15 ? 11.471  -4.934  16.583  1.00 24.37 ? 15   ILE A CA  1 
ATOM   122  C  C   . ILE A 1 15 ? 11.405  -6.080  17.585  1.00 25.03 ? 15   ILE A C   1 
ATOM   123  O  O   . ILE A 1 15 ? 11.429  -7.218  17.121  1.00 23.73 ? 15   ILE A O   1 
ATOM   124  C  CB  . ILE A 1 15 ? 10.086  -4.854  15.902  1.00 25.84 ? 15   ILE A CB  1 
ATOM   125  C  CG1 . ILE A 1 15 ? 8.940   -4.688  16.897  1.00 22.34 ? 15   ILE A CG1 1 
ATOM   126  C  CG2 . ILE A 1 15 ? 9.901   -6.059  15.000  1.00 26.91 ? 15   ILE A CG2 1 
ATOM   127  C  CD1 . ILE A 1 15 ? 7.608   -4.316  16.293  1.00 26.13 ? 15   ILE A CD1 1 
ATOM   128  N  N   . GLY A 1 16 ? 11.317  -5.703  18.849  1.00 34.75 ? 16   GLY A N   1 
ATOM   129  C  CA  . GLY A 1 16 ? 11.206  -6.631  19.965  1.00 38.83 ? 16   GLY A CA  1 
ATOM   130  C  C   . GLY A 1 16 ? 12.392  -7.577  19.996  1.00 37.29 ? 16   GLY A C   1 
ATOM   131  O  O   . GLY A 1 16 ? 12.287  -8.730  20.400  1.00 50.13 ? 16   GLY A O   1 
ATOM   132  N  N   . GLY A 1 17 ? 13.537  -7.068  19.555  1.00 40.03 ? 17   GLY A N   1 
ATOM   133  C  CA  . GLY A 1 17 ? 14.745  -7.859  19.479  1.00 42.41 ? 17   GLY A CA  1 
ATOM   134  C  C   . GLY A 1 17 ? 14.815  -8.675  18.200  1.00 46.32 ? 17   GLY A C   1 
ATOM   135  O  O   . GLY A 1 17 ? 15.871  -9.218  17.874  1.00 65.36 ? 17   GLY A O   1 
ATOM   136  N  N   . GLN A 1 18 ? 13.696  -8.750  17.495  1.00 40.10 ? 18   GLN A N   1 
ATOM   137  C  CA  . GLN A 1 18 ? 13.559  -9.544  16.279  1.00 38.83 ? 18   GLN A CA  1 
ATOM   138  C  C   . GLN A 1 18 ? 13.944  -8.735  15.044  1.00 35.25 ? 18   GLN A C   1 
ATOM   139  O  O   . GLN A 1 18 ? 13.656  -7.539  14.990  1.00 36.02 ? 18   GLN A O   1 
ATOM   140  C  CB  . GLN A 1 18 ? 12.113  -10.041 16.159  1.00 45.73 ? 18   GLN A CB  1 
ATOM   141  C  CG  . GLN A 1 18 ? 11.771  -11.351 16.838  1.00 49.28 ? 18   GLN A CG  1 
ATOM   142  C  CD  . GLN A 1 18 ? 10.384  -11.888 16.529  1.00 46.54 ? 18   GLN A CD  1 
ATOM   143  O  OE1 . GLN A 1 18 ? 9.522   -12.012 17.405  1.00 46.00 ? 18   GLN A OE1 1 
ATOM   144  N  NE2 . GLN A 1 18 ? 10.116  -12.225 15.273  1.00 60.96 ? 18   GLN A NE2 1 
ATOM   145  N  N   . LEU A 1 19 ? 14.573  -9.347  14.052  1.00 35.69 ? 19   LEU A N   1 
ATOM   146  C  CA  . LEU A 1 19 ? 14.797  -8.707  12.758  1.00 34.27 ? 19   LEU A CA  1 
ATOM   147  C  C   . LEU A 1 19 ? 13.805  -9.244  11.740  1.00 35.61 ? 19   LEU A C   1 
ATOM   148  O  O   . LEU A 1 19 ? 13.765  -10.464 11.552  1.00 45.24 ? 19   LEU A O   1 
ATOM   149  C  CB  . LEU A 1 19 ? 16.208  -8.940  12.245  1.00 36.08 ? 19   LEU A CB  1 
ATOM   150  C  CG  . LEU A 1 19 ? 17.341  -8.212  12.969  1.00 48.41 ? 19   LEU A CG  1 
ATOM   151  C  CD1 . LEU A 1 19 ? 18.667  -8.435  12.253  1.00 59.72 ? 19   LEU A CD1 1 
ATOM   152  C  CD2 . LEU A 1 19 ? 17.058  -6.724  13.089  1.00 52.04 ? 19   LEU A CD2 1 
ATOM   153  N  N   . LYS A 1 20 ? 13.011  -8.397  11.096  1.00 32.58 ? 20   LYS A N   1 
ATOM   154  C  CA  . LYS A 1 20 ? 12.005  -8.945  10.179  1.00 21.36 ? 20   LYS A CA  1 
ATOM   155  C  C   . LYS A 1 20 ? 12.076  -8.254  8.823   1.00 22.66 ? 20   LYS A C   1 
ATOM   156  O  O   . LYS A 1 20 ? 12.696  -7.210  8.643   1.00 32.89 ? 20   LYS A O   1 
ATOM   157  C  CB  . LYS A 1 20 ? 10.606  -8.827  10.762  1.00 27.95 ? 20   LYS A CB  1 
ATOM   158  C  CG  . LYS A 1 20 ? 10.408  -9.457  12.131  1.00 34.97 ? 20   LYS A CG  1 
ATOM   159  C  CD  . LYS A 1 20 ? 8.958   -9.411  12.570  1.00 37.26 ? 20   LYS A CD  1 
ATOM   160  C  CE  . LYS A 1 20 ? 8.340   -10.779 12.790  1.00 50.06 ? 20   LYS A CE  1 
ATOM   161  N  NZ  . LYS A 1 20 ? 6.867   -10.700 13.024  1.00 50.91 ? 20   LYS A NZ  1 
ATOM   162  N  N   . GLU A 1 21 ? 11.438  -8.864  7.833   1.00 21.79 ? 21   GLU A N   1 
ATOM   163  C  CA  . GLU A 1 21 ? 11.337  -8.217  6.533   1.00 20.73 ? 21   GLU A CA  1 
ATOM   164  C  C   . GLU A 1 21 ? 9.936   -7.627  6.413   1.00 23.93 ? 21   GLU A C   1 
ATOM   165  O  O   . GLU A 1 21 ? 8.968   -8.238  6.863   1.00 20.02 ? 21   GLU A O   1 
ATOM   166  C  CB  . GLU A 1 21 ? 11.619  -9.209  5.418   1.00 26.06 ? 21   GLU A CB  1 
ATOM   167  C  CG  . GLU A 1 21 ? 10.938  -8.911  4.098   1.00 40.77 ? 21   GLU A CG  1 
ATOM   168  C  CD  . GLU A 1 21 ? 10.976  -10.058 3.108   1.00 47.41 ? 21   GLU A CD  1 
ATOM   169  O  OE1 . GLU A 1 21 ? 12.086  -10.399 2.635   1.00 55.76 ? 21   GLU A OE1 1 
ATOM   170  O  OE2 . GLU A 1 21 ? 9.908   -10.627 2.785   1.00 44.23 ? 21   GLU A OE2 1 
ATOM   171  N  N   . ALA A 1 22 ? 9.804   -6.450  5.819   1.00 23.31 ? 22   ALA A N   1 
ATOM   172  C  CA  . ALA A 1 22 ? 8.496   -5.788  5.803   1.00 17.56 ? 22   ALA A CA  1 
ATOM   173  C  C   . ALA A 1 22 ? 8.368   -4.909  4.559   1.00 19.67 ? 22   ALA A C   1 
ATOM   174  O  O   . ALA A 1 22 ? 9.393   -4.383  4.119   1.00 20.88 ? 22   ALA A O   1 
ATOM   175  C  CB  . ALA A 1 22 ? 8.301   -4.960  7.061   1.00 24.30 ? 22   ALA A CB  1 
ATOM   176  N  N   . LEU A 1 23 ? 7.154   -4.786  4.051   1.00 18.95 ? 23   LEU A N   1 
ATOM   177  C  CA  . LEU A 1 23 ? 6.775   -4.023  2.876   1.00 15.55 ? 23   LEU A CA  1 
ATOM   178  C  C   . LEU A 1 23 ? 6.490   -2.558  3.164   1.00 19.13 ? 23   LEU A C   1 
ATOM   179  O  O   . LEU A 1 23 ? 5.586   -2.279  3.958   1.00 17.71 ? 23   LEU A O   1 
ATOM   180  C  CB  . LEU A 1 23 ? 5.502   -4.650  2.306   1.00 22.40 ? 23   LEU A CB  1 
ATOM   181  C  CG  . LEU A 1 23 ? 4.933   -4.021  1.039   1.00 27.58 ? 23   LEU A CG  1 
ATOM   182  C  CD1 . LEU A 1 23 ? 6.012   -3.875  -0.008  1.00 34.32 ? 23   LEU A CD1 1 
ATOM   183  C  CD2 . LEU A 1 23 ? 3.802   -4.873  0.475   1.00 37.76 ? 23   LEU A CD2 1 
ATOM   184  N  N   . LEU A 1 24 ? 7.170   -1.593  2.566   1.00 15.09 ? 24   LEU A N   1 
ATOM   185  C  CA  . LEU A 1 24 ? 6.795   -0.185  2.777   1.00 17.28 ? 24   LEU A CA  1 
ATOM   186  C  C   . LEU A 1 24 ? 5.529   0.135   2.001   1.00 15.04 ? 24   LEU A C   1 
ATOM   187  O  O   . LEU A 1 24 ? 5.502   0.110   0.769   1.00 22.53 ? 24   LEU A O   1 
ATOM   188  C  CB  . LEU A 1 24 ? 7.929   0.759   2.383   1.00 23.74 ? 24   LEU A CB  1 
ATOM   189  C  CG  . LEU A 1 24 ? 9.310   0.478   2.975   1.00 18.29 ? 24   LEU A CG  1 
ATOM   190  C  CD1 . LEU A 1 24 ? 10.366  1.421   2.413   1.00 20.20 ? 24   LEU A CD1 1 
ATOM   191  C  CD2 . LEU A 1 24 ? 9.294   0.584   4.490   1.00 27.04 ? 24   LEU A CD2 1 
ATOM   192  N  N   . ASP A 1 25 ? 4.434   0.397   2.715   1.00 15.89 ? 25   ASP A N   1 
ATOM   193  C  CA  . ASP A 1 25 ? 3.114   0.457   2.091   1.00 15.38 ? 25   ASP A CA  1 
ATOM   194  C  C   . ASP A 1 25 ? 2.410   1.795   2.347   1.00 18.38 ? 25   ASP A C   1 
ATOM   195  O  O   . ASP A 1 25 ? 1.797   2.014   3.387   1.00 18.07 ? 25   ASP A O   1 
ATOM   196  C  CB  . ASP A 1 25 ? 2.269   -0.702  2.598   1.00 14.72 ? 25   ASP A CB  1 
ATOM   197  C  CG  . ASP A 1 25 ? 0.903   -0.811  1.968   1.00 22.10 ? 25   ASP A CG  1 
ATOM   198  O  OD1 . ASP A 1 25 ? 0.463   0.118   1.259   1.00 23.39 ? 25   ASP A OD1 1 
ATOM   199  O  OD2 . ASP A 1 25 ? 0.233   -1.851  2.164   1.00 23.47 ? 25   ASP A OD2 1 
ATOM   200  N  N   . THR A 1 26 ? 2.470   2.687   1.358   1.00 17.66 ? 26   THR A N   1 
ATOM   201  C  CA  . THR A 1 26 ? 1.903   4.024   1.464   1.00 16.40 ? 26   THR A CA  1 
ATOM   202  C  C   . THR A 1 26 ? 0.379   3.981   1.601   1.00 14.75 ? 26   THR A C   1 
ATOM   203  O  O   . THR A 1 26 ? -0.215  4.971   2.021   1.00 19.69 ? 26   THR A O   1 
ATOM   204  C  CB  . THR A 1 26 ? 2.290   4.920   0.274   1.00 16.60 ? 26   THR A CB  1 
ATOM   205  O  OG1 . THR A 1 26 ? 2.039   4.281   -0.991  1.00 15.30 ? 26   THR A OG1 1 
ATOM   206  C  CG2 . THR A 1 26 ? 3.790   5.219   0.348   1.00 16.24 ? 26   THR A CG2 1 
ATOM   207  N  N   . GLY A 1 27 ? -0.199  2.847   1.236   1.00 14.44 ? 27   GLY A N   1 
ATOM   208  C  CA  . GLY A 1 27 ? -1.635  2.670   1.223   1.00 13.57 ? 27   GLY A CA  1 
ATOM   209  C  C   . GLY A 1 27 ? -2.169  2.183   2.556   1.00 17.41 ? 27   GLY A C   1 
ATOM   210  O  O   . GLY A 1 27 ? -3.388  2.148   2.736   1.00 21.58 ? 27   GLY A O   1 
ATOM   211  N  N   . ALA A 1 28 ? -1.285  1.815   3.473   1.00 17.17 ? 28   ALA A N   1 
ATOM   212  C  CA  . ALA A 1 28 ? -1.659  1.328   4.795   1.00 16.73 ? 28   ALA A CA  1 
ATOM   213  C  C   . ALA A 1 28 ? -1.596  2.436   5.831   1.00 18.00 ? 28   ALA A C   1 
ATOM   214  O  O   . ALA A 1 28 ? -0.558  3.099   5.969   1.00 17.84 ? 28   ALA A O   1 
ATOM   215  C  CB  . ALA A 1 28 ? -0.733  0.190   5.205   1.00 15.37 ? 28   ALA A CB  1 
ATOM   216  N  N   . ASP A 1 29 ? -2.671  2.655   6.580   1.00 16.33 ? 29   ASP A N   1 
ATOM   217  C  CA  . ASP A 1 29 ? -2.632  3.691   7.609   1.00 17.63 ? 29   ASP A CA  1 
ATOM   218  C  C   . ASP A 1 29 ? -1.652  3.334   8.722   1.00 18.52 ? 29   ASP A C   1 
ATOM   219  O  O   . ASP A 1 29 ? -0.933  4.188   9.233   1.00 22.75 ? 29   ASP A O   1 
ATOM   220  C  CB  . ASP A 1 29 ? -4.007  3.906   8.245   1.00 21.54 ? 29   ASP A CB  1 
ATOM   221  C  CG  . ASP A 1 29 ? -5.073  4.431   7.311   1.00 28.41 ? 29   ASP A CG  1 
ATOM   222  O  OD1 . ASP A 1 29 ? -4.789  5.077   6.280   1.00 18.53 ? 29   ASP A OD1 1 
ATOM   223  O  OD2 . ASP A 1 29 ? -6.266  4.184   7.623   1.00 35.42 ? 29   ASP A OD2 1 
ATOM   224  N  N   . ASP A 1 30 ? -1.640  2.058   9.089   1.00 17.09 ? 30   ASP A N   1 
ATOM   225  C  CA  . ASP A 1 30 ? -0.848  1.577   10.198  1.00 16.33 ? 30   ASP A CA  1 
ATOM   226  C  C   . ASP A 1 30 ? -0.062  0.312   9.863   1.00 20.43 ? 30   ASP A C   1 
ATOM   227  O  O   . ASP A 1 30 ? -0.461  -0.457  9.005   1.00 23.21 ? 30   ASP A O   1 
ATOM   228  C  CB  . ASP A 1 30 ? -1.725  1.232   11.395  1.00 27.39 ? 30   ASP A CB  1 
ATOM   229  C  CG  . ASP A 1 30 ? -2.335  2.472   12.026  1.00 32.62 ? 30   ASP A CG  1 
ATOM   230  O  OD1 . ASP A 1 30 ? -1.578  3.296   12.570  1.00 29.75 ? 30   ASP A OD1 1 
ATOM   231  O  OD2 . ASP A 1 30 ? -3.569  2.557   11.936  1.00 29.72 ? 30   ASP A OD2 1 
ATOM   232  N  N   . THR A 1 31 ? 1.030   0.161   10.591  1.00 22.56 ? 31   THR A N   1 
ATOM   233  C  CA  . THR A 1 31 ? 1.934   -0.985  10.528  1.00 20.07 ? 31   THR A CA  1 
ATOM   234  C  C   . THR A 1 31 ? 1.224   -2.232  11.059  1.00 16.36 ? 31   THR A C   1 
ATOM   235  O  O   . THR A 1 31 ? 0.570   -2.191  12.103  1.00 15.80 ? 31   THR A O   1 
ATOM   236  C  CB  . THR A 1 31 ? 3.220   -0.672  11.314  1.00 27.10 ? 31   THR A CB  1 
ATOM   237  O  OG1 . THR A 1 31 ? 3.881   0.476   10.731  1.00 21.60 ? 31   THR A OG1 1 
ATOM   238  C  CG2 . THR A 1 31 ? 4.192   -1.839  11.260  1.00 17.22 ? 31   THR A CG2 1 
ATOM   239  N  N   . VAL A 1 32 ? 1.349   -3.331  10.328  1.00 15.98 ? 32   VAL A N   1 
ATOM   240  C  CA  . VAL A 1 32 ? 0.820   -4.627  10.759  1.00 15.15 ? 32   VAL A CA  1 
ATOM   241  C  C   . VAL A 1 32 ? 1.842   -5.713  10.432  1.00 18.78 ? 32   VAL A C   1 
ATOM   242  O  O   . VAL A 1 32 ? 2.352   -5.859  9.323   1.00 17.69 ? 32   VAL A O   1 
ATOM   243  C  CB  . VAL A 1 32 ? -0.585  -4.903  10.207  1.00 22.00 ? 32   VAL A CB  1 
ATOM   244  C  CG1 . VAL A 1 32 ? -0.669  -4.847  8.691   1.00 26.66 ? 32   VAL A CG1 1 
ATOM   245  C  CG2 . VAL A 1 32 ? -1.105  -6.264  10.687  1.00 18.44 ? 32   VAL A CG2 1 
ATOM   246  N  N   . LEU A 1 33 ? 2.179   -6.487  11.468  1.00 17.06 ? 33   LEU A N   1 
ATOM   247  C  CA  . LEU A 1 33 ? 3.141   -7.566  11.404  1.00 16.66 ? 33   LEU A CA  1 
ATOM   248  C  C   . LEU A 1 33 ? 2.469   -8.896  11.746  1.00 21.17 ? 33   LEU A C   1 
ATOM   249  O  O   . LEU A 1 33 ? 1.507   -8.915  12.527  1.00 18.34 ? 33   LEU A O   1 
ATOM   250  C  CB  . LEU A 1 33 ? 4.295   -7.318  12.378  1.00 19.30 ? 33   LEU A CB  1 
ATOM   251  C  CG  . LEU A 1 33 ? 5.064   -6.005  12.205  1.00 24.28 ? 33   LEU A CG  1 
ATOM   252  C  CD1 . LEU A 1 33 ? 6.162   -5.862  13.251  1.00 19.88 ? 33   LEU A CD1 1 
ATOM   253  C  CD2 . LEU A 1 33 ? 5.603   -5.941  10.779  1.00 19.58 ? 33   LEU A CD2 1 
ATOM   254  N  N   . GLU A 1 34 ? 2.972   -9.990  11.184  1.00 15.84 ? 34   GLU A N   1 
ATOM   255  C  CA  . GLU A 1 34 ? 2.538   -11.324 11.549  1.00 15.69 ? 34   GLU A CA  1 
ATOM   256  C  C   . GLU A 1 34 ? 2.683   -11.574 13.049  1.00 16.51 ? 34   GLU A C   1 
ATOM   257  O  O   . GLU A 1 34 ? 3.373   -10.818 13.740  1.00 17.49 ? 34   GLU A O   1 
ATOM   258  C  CB  . GLU A 1 34 ? 3.357   -12.369 10.775  1.00 24.01 ? 34   GLU A CB  1 
ATOM   259  C  CG  . GLU A 1 34 ? 4.794   -12.421 11.242  1.00 27.83 ? 34   GLU A CG  1 
ATOM   260  C  CD  . GLU A 1 34 ? 5.785   -12.849 10.178  1.00 38.21 ? 34   GLU A CD  1 
ATOM   261  O  OE1 . GLU A 1 34 ? 6.959   -12.418 10.292  1.00 31.21 ? 34   GLU A OE1 1 
ATOM   262  O  OE2 . GLU A 1 34 ? 5.375   -13.598 9.266   1.00 36.15 ? 34   GLU A OE2 1 
ATOM   263  N  N   . GLU A 1 35 ? 2.053   -12.630 13.546  1.00 15.44 ? 35   GLU A N   1 
ATOM   264  C  CA  . GLU A 1 35 ? 1.986   -12.933 14.963  1.00 17.18 ? 35   GLU A CA  1 
ATOM   265  C  C   . GLU A 1 35 ? 3.372   -12.912 15.594  1.00 17.06 ? 35   GLU A C   1 
ATOM   266  O  O   . GLU A 1 35 ? 4.268   -13.551 15.060  1.00 17.30 ? 35   GLU A O   1 
ATOM   267  C  CB  . GLU A 1 35 ? 1.378   -14.317 15.215  1.00 25.35 ? 35   GLU A CB  1 
ATOM   268  C  CG  . GLU A 1 35 ? -0.118  -14.376 15.334  1.00 25.63 ? 35   GLU A CG  1 
ATOM   269  C  CD  . GLU A 1 35 ? -0.731  -13.445 16.356  1.00 31.40 ? 35   GLU A CD  1 
ATOM   270  O  OE1 . GLU A 1 35 ? -0.044  -13.054 17.320  1.00 27.21 ? 35   GLU A OE1 1 
ATOM   271  O  OE2 . GLU A 1 35 ? -1.919  -13.099 16.174  1.00 29.21 ? 35   GLU A OE2 1 
ATOM   272  N  N   . MET A 1 36 ? 3.472   -12.183 16.692  1.00 20.27 ? 36   MET A N   1 
ATOM   273  C  CA  . MET A 1 36 ? 4.643   -12.013 17.507  1.00 19.10 ? 36   MET A CA  1 
ATOM   274  C  C   . MET A 1 36 ? 4.244   -11.461 18.876  1.00 22.98 ? 36   MET A C   1 
ATOM   275  O  O   . MET A 1 36 ? 3.150   -10.913 19.020  1.00 22.24 ? 36   MET A O   1 
ATOM   276  C  CB  . MET A 1 36 ? 5.667   -11.078 16.840  1.00 19.73 ? 36   MET A CB  1 
ATOM   277  C  CG  . MET A 1 36 ? 5.220   -9.621  16.805  1.00 21.78 ? 36   MET A CG  1 
ATOM   278  S  SD  . MET A 1 36 ? 6.440   -8.521  16.065  1.00 23.86 ? 36   MET A SD  1 
ATOM   279  C  CE  . MET A 1 36 ? 7.752   -8.568  17.265  1.00 30.25 ? 36   MET A CE  1 
ATOM   280  N  N   . SER A 1 37 ? 5.143   -11.618 19.834  1.00 20.81 ? 37   SER A N   1 
ATOM   281  C  CA  . SER A 1 37 ? 5.028   -10.993 21.142  1.00 25.45 ? 37   SER A CA  1 
ATOM   282  C  C   . SER A 1 37 ? 5.507   -9.543  21.122  1.00 20.82 ? 37   SER A C   1 
ATOM   283  O  O   . SER A 1 37 ? 6.536   -9.193  20.546  1.00 23.09 ? 37   SER A O   1 
ATOM   284  C  CB  . SER A 1 37 ? 5.858   -11.734 22.198  1.00 29.64 ? 37   SER A CB  1 
ATOM   285  O  OG  . SER A 1 37 ? 5.243   -12.920 22.647  1.00 36.22 ? 37   SER A OG  1 
ATOM   286  N  N   . LEU A 1 38 ? 4.741   -8.687  21.779  1.00 15.27 ? 38   LEU A N   1 
ATOM   287  C  CA  . LEU A 1 38 ? 5.132   -7.328  22.065  1.00 16.77 ? 38   LEU A CA  1 
ATOM   288  C  C   . LEU A 1 38 ? 4.763   -6.986  23.508  1.00 26.45 ? 38   LEU A C   1 
ATOM   289  O  O   . LEU A 1 38 ? 3.786   -7.460  24.069  1.00 20.84 ? 38   LEU A O   1 
ATOM   290  C  CB  . LEU A 1 38 ? 4.466   -6.309  21.146  1.00 20.00 ? 38   LEU A CB  1 
ATOM   291  C  CG  . LEU A 1 38 ? 4.912   -6.363  19.683  1.00 18.75 ? 38   LEU A CG  1 
ATOM   292  C  CD1 . LEU A 1 38 ? 4.131   -5.333  18.873  1.00 19.74 ? 38   LEU A CD1 1 
ATOM   293  C  CD2 . LEU A 1 38 ? 6.414   -6.139  19.554  1.00 27.21 ? 38   LEU A CD2 1 
ATOM   294  N  N   . PRO A 1 39 ? 5.591   -6.111  24.056  1.00 31.63 ? 39   PRO A N   1 
ATOM   295  C  CA  . PRO A 1 39 ? 5.409   -5.712  25.447  1.00 32.89 ? 39   PRO A CA  1 
ATOM   296  C  C   . PRO A 1 39 ? 4.263   -4.727  25.605  1.00 26.25 ? 39   PRO A C   1 
ATOM   297  O  O   . PRO A 1 39 ? 4.020   -3.896  24.735  1.00 24.04 ? 39   PRO A O   1 
ATOM   298  C  CB  . PRO A 1 39 ? 6.744   -5.019  25.744  1.00 42.11 ? 39   PRO A CB  1 
ATOM   299  C  CG  . PRO A 1 39 ? 7.193   -4.468  24.427  1.00 36.99 ? 39   PRO A CG  1 
ATOM   300  C  CD  . PRO A 1 39 ? 6.721   -5.442  23.393  1.00 31.51 ? 39   PRO A CD  1 
ATOM   301  N  N   . GLY A 1 40 ? 3.565   -4.823  26.730  1.00 27.19 ? 40   GLY A N   1 
ATOM   302  C  CA  . GLY A 1 40 ? 2.656   -3.787  27.157  1.00 28.82 ? 40   GLY A CA  1 
ATOM   303  C  C   . GLY A 1 40 ? 1.212   -4.116  26.867  1.00 23.53 ? 40   GLY A C   1 
ATOM   304  O  O   . GLY A 1 40 ? 0.884   -5.251  26.554  1.00 28.64 ? 40   GLY A O   1 
ATOM   305  N  N   . ARG A 1 41 ? 0.384   -3.095  26.987  1.00 23.86 ? 41   ARG A N   1 
ATOM   306  C  CA  . ARG A 1 41 ? -1.045  -3.234  26.785  1.00 26.62 ? 41   ARG A CA  1 
ATOM   307  C  C   . ARG A 1 41 ? -1.411  -3.205  25.301  1.00 19.53 ? 41   ARG A C   1 
ATOM   308  O  O   . ARG A 1 41 ? -0.688  -2.646  24.482  1.00 21.89 ? 41   ARG A O   1 
ATOM   309  C  CB  . ARG A 1 41 ? -1.781  -2.125  27.523  1.00 25.74 ? 41   ARG A CB  1 
ATOM   310  N  N   . TRP A 1 42 ? -2.555  -3.803  25.002  1.00 19.62 ? 42   TRP A N   1 
ATOM   311  C  CA  . TRP A 1 42 ? -3.091  -3.795  23.654  1.00 24.33 ? 42   TRP A CA  1 
ATOM   312  C  C   . TRP A 1 42 ? -4.612  -3.814  23.631  1.00 25.07 ? 42   TRP A C   1 
ATOM   313  O  O   . TRP A 1 42 ? -5.267  -4.179  24.611  1.00 24.11 ? 42   TRP A O   1 
ATOM   314  C  CB  . TRP A 1 42 ? -2.580  -5.019  22.882  1.00 21.84 ? 42   TRP A CB  1 
ATOM   315  C  CG  . TRP A 1 42 ? -2.959  -6.309  23.530  1.00 21.48 ? 42   TRP A CG  1 
ATOM   316  C  CD1 . TRP A 1 42 ? -2.251  -7.009  24.468  1.00 25.78 ? 42   TRP A CD1 1 
ATOM   317  C  CD2 . TRP A 1 42 ? -4.151  -7.056  23.287  1.00 22.21 ? 42   TRP A CD2 1 
ATOM   318  N  NE1 . TRP A 1 42 ? -2.935  -8.145  24.813  1.00 27.86 ? 42   TRP A NE1 1 
ATOM   319  C  CE2 . TRP A 1 42 ? -4.103  -8.199  24.105  1.00 23.02 ? 42   TRP A CE2 1 
ATOM   320  C  CE3 . TRP A 1 42 ? -5.248  -6.846  22.441  1.00 22.18 ? 42   TRP A CE3 1 
ATOM   321  C  CZ2 . TRP A 1 42 ? -5.125  -9.139  24.100  1.00 25.82 ? 42   TRP A CZ2 1 
ATOM   322  C  CZ3 . TRP A 1 42 ? -6.252  -7.785  22.446  1.00 26.42 ? 42   TRP A CZ3 1 
ATOM   323  C  CH2 . TRP A 1 42 ? -6.184  -8.914  23.268  1.00 27.91 ? 42   TRP A CH2 1 
ATOM   324  N  N   . LYS A 1 43 ? -5.172  -3.450  22.482  1.00 23.22 ? 43   LYS A N   1 
ATOM   325  C  CA  . LYS A 1 43 ? -6.620  -3.494  22.304  1.00 21.22 ? 43   LYS A CA  1 
ATOM   326  C  C   . LYS A 1 43 ? -6.964  -4.098  20.953  1.00 22.43 ? 43   LYS A C   1 
ATOM   327  O  O   . LYS A 1 43 ? -6.202  -3.922  20.000  1.00 20.84 ? 43   LYS A O   1 
ATOM   328  C  CB  . LYS A 1 43 ? -7.215  -2.099  22.415  1.00 22.96 ? 43   LYS A CB  1 
ATOM   329  C  CG  . LYS A 1 43 ? -6.767  -1.125  21.341  1.00 30.25 ? 43   LYS A CG  1 
ATOM   330  C  CD  . LYS A 1 43 ? -7.709  0.073   21.313  1.00 48.39 ? 43   LYS A CD  1 
ATOM   331  C  CE  . LYS A 1 43 ? -6.959  1.393   21.379  1.00 57.83 ? 43   LYS A CE  1 
ATOM   332  N  NZ  . LYS A 1 43 ? -7.897  2.545   21.548  1.00 86.65 ? 43   LYS A NZ  1 
ATOM   333  N  N   . PRO A 1 44 ? -8.086  -4.794  20.862  1.00 20.16 ? 44   PRO A N   1 
ATOM   334  C  CA  . PRO A 1 44 ? -8.436  -5.433  19.592  1.00 19.44 ? 44   PRO A CA  1 
ATOM   335  C  C   . PRO A 1 44 ? -8.924  -4.396  18.582  1.00 18.85 ? 44   PRO A C   1 
ATOM   336  O  O   . PRO A 1 44 ? -9.463  -3.362  18.944  1.00 20.17 ? 44   PRO A O   1 
ATOM   337  C  CB  . PRO A 1 44 ? -9.560  -6.388  19.975  1.00 24.55 ? 44   PRO A CB  1 
ATOM   338  C  CG  . PRO A 1 44 ? -10.166 -5.814  21.208  1.00 27.80 ? 44   PRO A CG  1 
ATOM   339  C  CD  . PRO A 1 44 ? -9.093  -5.034  21.908  1.00 29.11 ? 44   PRO A CD  1 
ATOM   340  N  N   . LYS A 1 45 ? -8.715  -4.719  17.319  1.00 19.92 ? 45   LYS A N   1 
ATOM   341  C  CA  . LYS A 1 45 ? -9.036  -3.922  16.155  1.00 17.23 ? 45   LYS A CA  1 
ATOM   342  C  C   . LYS A 1 45 ? -9.308  -4.835  14.971  1.00 16.99 ? 45   LYS A C   1 
ATOM   343  O  O   . LYS A 1 45 ? -8.732  -5.928  14.908  1.00 19.02 ? 45   LYS A O   1 
ATOM   344  C  CB  . LYS A 1 45 ? -7.855  -2.994  15.853  1.00 24.79 ? 45   LYS A CB  1 
ATOM   345  C  CG  . LYS A 1 45 ? -8.094  -1.887  14.847  1.00 27.34 ? 45   LYS A CG  1 
ATOM   346  C  CD  . LYS A 1 45 ? -6.790  -1.165  14.529  1.00 22.48 ? 45   LYS A CD  1 
ATOM   347  C  CE  . LYS A 1 45 ? -6.989  -0.053  13.527  1.00 35.70 ? 45   LYS A CE  1 
ATOM   348  N  NZ  . LYS A 1 45 ? -8.064  0.909   13.885  1.00 36.79 ? 45   LYS A NZ  1 
ATOM   349  N  N   . MET A 1 46 ? -10.166 -4.411  14.054  1.00 15.53 ? 46   MET A N   1 
ATOM   350  C  CA  . MET A 1 46 ? -10.370 -5.126  12.804  1.00 16.74 ? 46   MET A CA  1 
ATOM   351  C  C   . MET A 1 46 ? -9.831  -4.262  11.661  1.00 20.08 ? 46   MET A C   1 
ATOM   352  O  O   . MET A 1 46 ? -10.125 -3.067  11.610  1.00 22.36 ? 46   MET A O   1 
ATOM   353  C  CB  . MET A 1 46 ? -11.829 -5.454  12.516  1.00 18.93 ? 46   MET A CB  1 
ATOM   354  C  CG  . MET A 1 46 ? -12.505 -6.330  13.562  1.00 19.39 ? 46   MET A CG  1 
ATOM   355  S  SD  . MET A 1 46 ? -11.892 -8.019  13.488  1.00 29.20 ? 46   MET A SD  1 
ATOM   356  C  CE  . MET A 1 46 ? -12.514 -8.535  11.888  1.00 93.52 ? 46   MET A CE  1 
ATOM   357  N  N   . ILE A 1 47 ? -9.062  -4.901  10.791  1.00 21.96 ? 47   ILE A N   1 
ATOM   358  C  CA  . ILE A 1 47 ? -8.533  -4.194  9.633   1.00 22.40 ? 47   ILE A CA  1 
ATOM   359  C  C   . ILE A 1 47 ? -8.844  -5.025  8.392   1.00 18.47 ? 47   ILE A C   1 
ATOM   360  O  O   . ILE A 1 47 ? -8.877  -6.249  8.404   1.00 23.46 ? 47   ILE A O   1 
ATOM   361  C  CB  . ILE A 1 47 ? -7.030  -3.923  9.734   1.00 17.13 ? 47   ILE A CB  1 
ATOM   362  C  CG1 . ILE A 1 47 ? -6.171  -5.175  9.882   1.00 18.15 ? 47   ILE A CG1 1 
ATOM   363  C  CG2 . ILE A 1 47 ? -6.740  -2.970  10.889  1.00 19.48 ? 47   ILE A CG2 1 
ATOM   364  C  CD1 . ILE A 1 47 ? -4.680  -4.900  9.783   1.00 19.01 ? 47   ILE A CD1 1 
ATOM   365  N  N   . GLY A 1 48 ? -9.090  -4.285  7.311   1.00 23.85 ? 48   GLY A N   1 
ATOM   366  C  CA  . GLY A 1 48 ? -9.435  -5.012  6.105   1.00 30.95 ? 48   GLY A CA  1 
ATOM   367  C  C   . GLY A 1 48 ? -9.265  -4.183  4.847   1.00 25.99 ? 48   GLY A C   1 
ATOM   368  O  O   . GLY A 1 48 ? -8.751  -3.071  4.864   1.00 23.20 ? 48   GLY A O   1 
ATOM   369  N  N   . GLY A 1 49 ? -9.721  -4.776  3.756   1.00 30.92 ? 49   GLY A N   1 
ATOM   370  C  CA  . GLY A 1 49 ? -9.798  -4.115  2.477   1.00 38.22 ? 49   GLY A CA  1 
ATOM   371  C  C   . GLY A 1 49 ? -10.150 -5.095  1.378   1.00 33.83 ? 49   GLY A C   1 
ATOM   372  O  O   . GLY A 1 49 ? -11.299 -5.315  1.012   1.00 47.67 ? 49   GLY A O   1 
ATOM   373  N  N   . ILE A 1 50 ? -9.092  -5.685  0.817   1.00 31.35 ? 50   ILE A N   1 
ATOM   374  C  CA  . ILE A 1 50 ? -9.375  -6.629  -0.267  1.00 23.09 ? 50   ILE A CA  1 
ATOM   375  C  C   . ILE A 1 50 ? -9.432  -8.033  0.307   1.00 21.26 ? 50   ILE A C   1 
ATOM   376  O  O   . ILE A 1 50 ? -8.510  -8.509  0.977   1.00 24.35 ? 50   ILE A O   1 
ATOM   377  C  CB  . ILE A 1 50 ? -8.322  -6.488  -1.373  1.00 24.26 ? 50   ILE A CB  1 
ATOM   378  C  CG1 . ILE A 1 50 ? -8.534  -5.239  -2.246  1.00 25.89 ? 50   ILE A CG1 1 
ATOM   379  C  CG2 . ILE A 1 50 ? -8.259  -7.752  -2.206  1.00 28.98 ? 50   ILE A CG2 1 
ATOM   380  C  CD1 . ILE A 1 50 ? -7.479  -5.067  -3.314  1.00 34.39 ? 50   ILE A CD1 1 
ATOM   381  N  N   . GLY A 1 51 ? -10.553 -8.687  0.036   1.00 24.54 ? 51   GLY A N   1 
ATOM   382  C  CA  . GLY A 1 51 ? -10.723 -10.069 0.436   1.00 28.12 ? 51   GLY A CA  1 
ATOM   383  C  C   . GLY A 1 51 ? -11.150 -10.207 1.882   1.00 36.10 ? 51   GLY A C   1 
ATOM   384  O  O   . GLY A 1 51 ? -11.210 -11.321 2.407   1.00 40.42 ? 51   GLY A O   1 
ATOM   385  N  N   . GLY A 1 52 ? -11.444 -9.076  2.523   1.00 36.19 ? 52   GLY A N   1 
ATOM   386  C  CA  . GLY A 1 52 ? -11.933 -9.149  3.878   1.00 38.02 ? 52   GLY A CA  1 
ATOM   387  C  C   . GLY A 1 52 ? -11.211 -8.360  4.939   1.00 33.37 ? 52   GLY A C   1 
ATOM   388  O  O   . GLY A 1 52 ? -10.366 -7.502  4.698   1.00 29.38 ? 52   GLY A O   1 
ATOM   389  N  N   . PHE A 1 53 ? -11.591 -8.676  6.176   1.00 24.69 ? 53   PHE A N   1 
ATOM   390  C  CA  . PHE A 1 53 ? -11.039 -8.080  7.377   1.00 23.51 ? 53   PHE A CA  1 
ATOM   391  C  C   . PHE A 1 53 ? -10.343 -9.152  8.196   1.00 20.84 ? 53   PHE A C   1 
ATOM   392  O  O   . PHE A 1 53 ? -10.686 -10.338 8.145   1.00 27.03 ? 53   PHE A O   1 
ATOM   393  C  CB  . PHE A 1 53 ? -12.146 -7.429  8.213   1.00 22.14 ? 53   PHE A CB  1 
ATOM   394  C  CG  . PHE A 1 53 ? -12.537 -6.040  7.740   1.00 19.44 ? 53   PHE A CG  1 
ATOM   395  C  CD1 . PHE A 1 53 ? -13.299 -5.905  6.587   1.00 20.22 ? 53   PHE A CD1 1 
ATOM   396  C  CD2 . PHE A 1 53 ? -12.166 -4.908  8.431   1.00 19.66 ? 53   PHE A CD2 1 
ATOM   397  C  CE1 . PHE A 1 53 ? -13.668 -4.650  6.150   1.00 27.48 ? 53   PHE A CE1 1 
ATOM   398  C  CE2 . PHE A 1 53 ? -12.524 -3.644  7.998   1.00 24.15 ? 53   PHE A CE2 1 
ATOM   399  C  CZ  . PHE A 1 53 ? -13.291 -3.525  6.854   1.00 28.69 ? 53   PHE A CZ  1 
ATOM   400  N  N   . ILE A 1 54 ? -9.354  -8.744  8.974   1.00 17.84 ? 54   ILE A N   1 
ATOM   401  C  CA  . ILE A 1 54 ? -8.749  -9.640  9.945   1.00 19.39 ? 54   ILE A CA  1 
ATOM   402  C  C   . ILE A 1 54 ? -8.748  -8.957  11.317  1.00 17.93 ? 54   ILE A C   1 
ATOM   403  O  O   . ILE A 1 54 ? -8.734  -7.733  11.367  1.00 16.99 ? 54   ILE A O   1 
ATOM   404  C  CB  . ILE A 1 54 ? -7.300  -9.994  9.592   1.00 22.88 ? 54   ILE A CB  1 
ATOM   405  C  CG1 . ILE A 1 54 ? -6.398  -8.767  9.394   1.00 16.15 ? 54   ILE A CG1 1 
ATOM   406  C  CG2 . ILE A 1 54 ? -7.241  -10.912 8.381   1.00 27.04 ? 54   ILE A CG2 1 
ATOM   407  C  CD1 . ILE A 1 54 ? -4.931  -9.154  9.355   1.00 19.37 ? 54   ILE A CD1 1 
ATOM   408  N  N   . LYS A 1 55 ? -8.762  -9.734  12.382  1.00 20.91 ? 55   LYS A N   1 
ATOM   409  C  CA  . LYS A 1 55 ? -8.637  -9.180  13.728  1.00 16.90 ? 55   LYS A CA  1 
ATOM   410  C  C   . LYS A 1 55 ? -7.157  -9.055  14.092  1.00 19.44 ? 55   LYS A C   1 
ATOM   411  O  O   . LYS A 1 55 ? -6.376  -9.971  13.820  1.00 19.89 ? 55   LYS A O   1 
ATOM   412  C  CB  . LYS A 1 55 ? -9.333  -10.080 14.736  1.00 20.71 ? 55   LYS A CB  1 
ATOM   413  C  CG  . LYS A 1 55 ? -9.420  -9.527  16.149  1.00 24.34 ? 55   LYS A CG  1 
ATOM   414  C  CD  . LYS A 1 55 ? -10.431 -10.310 16.965  1.00 28.04 ? 55   LYS A CD  1 
ATOM   415  C  CE  . LYS A 1 55 ? -10.185 -10.169 18.453  1.00 35.33 ? 55   LYS A CE  1 
ATOM   416  N  NZ  . LYS A 1 55 ? -10.922 -11.208 19.231  1.00 47.49 ? 55   LYS A NZ  1 
ATOM   417  N  N   . VAL A 1 56 ? -6.798  -7.944  14.699  1.00 15.54 ? 56   VAL A N   1 
ATOM   418  C  CA  . VAL A 1 56 ? -5.433  -7.715  15.137  1.00 17.42 ? 56   VAL A CA  1 
ATOM   419  C  C   . VAL A 1 56 ? -5.426  -7.130  16.551  1.00 26.10 ? 56   VAL A C   1 
ATOM   420  O  O   . VAL A 1 56 ? -6.427  -6.631  17.082  1.00 18.97 ? 56   VAL A O   1 
ATOM   421  C  CB  . VAL A 1 56 ? -4.660  -6.777  14.193  1.00 17.55 ? 56   VAL A CB  1 
ATOM   422  C  CG1 . VAL A 1 56 ? -4.565  -7.386  12.802  1.00 21.80 ? 56   VAL A CG1 1 
ATOM   423  C  CG2 . VAL A 1 56 ? -5.308  -5.412  14.097  1.00 17.35 ? 56   VAL A CG2 1 
ATOM   424  N  N   . ARG A 1 57 ? -4.234  -7.213  17.134  1.00 16.31 ? 57   ARG A N   1 
ATOM   425  C  CA  . ARG A 1 57 ? -3.970  -6.603  18.429  1.00 15.74 ? 57   ARG A CA  1 
ATOM   426  C  C   . ARG A 1 57 ? -3.206  -5.309  18.211  1.00 13.59 ? 57   ARG A C   1 
ATOM   427  O  O   . ARG A 1 57 ? -2.176  -5.319  17.526  1.00 15.98 ? 57   ARG A O   1 
ATOM   428  C  CB  . ARG A 1 57 ? -3.149  -7.541  19.302  1.00 18.47 ? 57   ARG A CB  1 
ATOM   429  C  CG  . ARG A 1 57 ? -3.850  -8.845  19.624  1.00 18.17 ? 57   ARG A CG  1 
ATOM   430  C  CD  . ARG A 1 57 ? -3.223  -9.518  20.831  1.00 20.36 ? 57   ARG A CD  1 
ATOM   431  N  NE  . ARG A 1 57 ? -1.795  -9.710  20.736  1.00 25.17 ? 57   ARG A NE  1 
ATOM   432  C  CZ  . ARG A 1 57 ? -1.030  -10.499 20.015  1.00 29.26 ? 57   ARG A CZ  1 
ATOM   433  N  NH1 . ARG A 1 57 ? -1.557  -11.347 19.149  1.00 29.90 ? 57   ARG A NH1 1 
ATOM   434  N  NH2 . ARG A 1 57 ? 0.299   -10.471 20.135  1.00 29.76 ? 57   ARG A NH2 1 
ATOM   435  N  N   . GLN A 1 58 ? -3.698  -4.230  18.789  1.00 14.64 ? 58   GLN A N   1 
ATOM   436  C  CA  . GLN A 1 58 ? -3.077  -2.920  18.638  1.00 16.88 ? 58   GLN A CA  1 
ATOM   437  C  C   . GLN A 1 58 ? -2.204  -2.588  19.843  1.00 18.28 ? 58   GLN A C   1 
ATOM   438  O  O   . GLN A 1 58 ? -2.705  -2.457  20.959  1.00 16.00 ? 58   GLN A O   1 
ATOM   439  C  CB  . GLN A 1 58 ? -4.148  -1.844  18.423  1.00 19.27 ? 58   GLN A CB  1 
ATOM   440  C  CG  . GLN A 1 58 ? -3.571  -0.439  18.367  1.00 22.08 ? 58   GLN A CG  1 
ATOM   441  C  CD  . GLN A 1 58 ? -4.647  0.628   18.291  1.00 29.74 ? 58   GLN A CD  1 
ATOM   442  O  OE1 . GLN A 1 58 ? -5.773  0.373   17.872  1.00 24.89 ? 58   GLN A OE1 1 
ATOM   443  N  NE2 . GLN A 1 58 ? -4.284  1.830   18.709  1.00 24.55 ? 58   GLN A NE2 1 
ATOM   444  N  N   . TYR A 1 59 ? -0.909  -2.466  19.558  1.00 17.70 ? 59   TYR A N   1 
ATOM   445  C  CA  . TYR A 1 59 ? 0.067   -2.021  20.545  1.00 16.22 ? 59   TYR A CA  1 
ATOM   446  C  C   . TYR A 1 59 ? 0.544   -0.619  20.197  1.00 16.52 ? 59   TYR A C   1 
ATOM   447  O  O   . TYR A 1 59 ? 0.945   -0.366  19.062  1.00 20.65 ? 59   TYR A O   1 
ATOM   448  C  CB  . TYR A 1 59 ? 1.268   -2.945  20.595  1.00 17.47 ? 59   TYR A CB  1 
ATOM   449  C  CG  . TYR A 1 59 ? 0.963   -4.375  20.974  1.00 21.95 ? 59   TYR A CG  1 
ATOM   450  C  CD1 . TYR A 1 59 ? 0.526   -5.302  20.042  1.00 18.66 ? 59   TYR A CD1 1 
ATOM   451  C  CD2 . TYR A 1 59 ? 1.126   -4.794  22.293  1.00 24.48 ? 59   TYR A CD2 1 
ATOM   452  C  CE1 . TYR A 1 59 ? 0.254   -6.604  20.408  1.00 17.67 ? 59   TYR A CE1 1 
ATOM   453  C  CE2 . TYR A 1 59 ? 0.860   -6.099  22.668  1.00 26.92 ? 59   TYR A CE2 1 
ATOM   454  C  CZ  . TYR A 1 59 ? 0.422   -7.002  21.719  1.00 25.69 ? 59   TYR A CZ  1 
ATOM   455  O  OH  . TYR A 1 59 ? 0.154   -8.304  22.090  1.00 27.87 ? 59   TYR A OH  1 
ATOM   456  N  N   . ASP A 1 60 ? 0.497   0.273   21.172  1.00 22.57 ? 60   ASP A N   1 
ATOM   457  C  CA  . ASP A 1 60 ? 0.971   1.632   20.940  1.00 24.06 ? 60   ASP A CA  1 
ATOM   458  C  C   . ASP A 1 60 ? 2.338   1.864   21.582  1.00 24.94 ? 60   ASP A C   1 
ATOM   459  O  O   . ASP A 1 60 ? 2.740   1.151   22.500  1.00 19.10 ? 60   ASP A O   1 
ATOM   460  C  CB  . ASP A 1 60 ? -0.054  2.629   21.482  1.00 27.88 ? 60   ASP A CB  1 
ATOM   461  C  CG  . ASP A 1 60 ? -1.432  2.475   20.865  1.00 26.96 ? 60   ASP A CG  1 
ATOM   462  O  OD1 . ASP A 1 60 ? -1.516  2.396   19.623  1.00 31.07 ? 60   ASP A OD1 1 
ATOM   463  O  OD2 . ASP A 1 60 ? -2.424  2.447   21.625  1.00 30.38 ? 60   ASP A OD2 1 
ATOM   464  N  N   . GLN A 1 61 ? 3.014   2.886   21.083  1.00 23.60 ? 61   GLN A N   1 
ATOM   465  C  CA  . GLN A 1 61 ? 4.290   3.370   21.577  1.00 24.51 ? 61   GLN A CA  1 
ATOM   466  C  C   . GLN A 1 61 ? 5.316   2.245   21.553  1.00 26.79 ? 61   GLN A C   1 
ATOM   467  O  O   . GLN A 1 61 ? 6.016   1.946   22.515  1.00 30.46 ? 61   GLN A O   1 
ATOM   468  C  CB  . GLN A 1 61 ? 4.152   3.933   22.988  1.00 25.45 ? 61   GLN A CB  1 
ATOM   469  C  CG  . GLN A 1 61 ? 3.194   5.100   23.130  1.00 37.68 ? 61   GLN A CG  1 
ATOM   470  C  CD  . GLN A 1 61 ? 3.172   5.723   24.509  1.00 51.34 ? 61   GLN A CD  1 
ATOM   471  O  OE1 . GLN A 1 61 ? 2.693   6.852   24.669  1.00 68.49 ? 61   GLN A OE1 1 
ATOM   472  N  NE2 . GLN A 1 61 ? 3.677   5.032   25.528  1.00 70.99 ? 61   GLN A NE2 1 
ATOM   473  N  N   . ILE A 1 62 ? 5.401   1.604   20.399  1.00 20.70 ? 62   ILE A N   1 
ATOM   474  C  CA  . ILE A 1 62 ? 6.383   0.547   20.230  1.00 16.51 ? 62   ILE A CA  1 
ATOM   475  C  C   . ILE A 1 62 ? 7.591   1.090   19.484  1.00 24.59 ? 62   ILE A C   1 
ATOM   476  O  O   . ILE A 1 62 ? 7.440   1.805   18.494  1.00 25.51 ? 62   ILE A O   1 
ATOM   477  C  CB  . ILE A 1 62 ? 5.781   -0.644  19.466  1.00 18.96 ? 62   ILE A CB  1 
ATOM   478  C  CG1 . ILE A 1 62 ? 4.632   -1.320  20.229  1.00 22.24 ? 62   ILE A CG1 1 
ATOM   479  C  CG2 . ILE A 1 62 ? 6.853   -1.654  19.104  1.00 22.95 ? 62   ILE A CG2 1 
ATOM   480  C  CD1 . ILE A 1 62 ? 5.105   -1.980  21.516  1.00 22.62 ? 62   ILE A CD1 1 
ATOM   481  N  N   . LEU A 1 63 ? 8.768   0.744   19.986  1.00 24.23 ? 63   LEU A N   1 
ATOM   482  C  CA  . LEU A 1 63 ? 10.011  1.147   19.353  1.00 21.43 ? 63   LEU A CA  1 
ATOM   483  C  C   . LEU A 1 63 ? 10.314  0.209   18.195  1.00 25.91 ? 63   LEU A C   1 
ATOM   484  O  O   . LEU A 1 63 ? 10.262  -1.013  18.337  1.00 28.27 ? 63   LEU A O   1 
ATOM   485  C  CB  . LEU A 1 63 ? 11.157  1.129   20.371  1.00 25.30 ? 63   LEU A CB  1 
ATOM   486  C  CG  . LEU A 1 63 ? 10.798  1.759   21.729  1.00 42.49 ? 63   LEU A CG  1 
ATOM   487  C  CD1 . LEU A 1 63 ? 11.916  1.591   22.746  1.00 46.34 ? 63   LEU A CD1 1 
ATOM   488  C  CD2 . LEU A 1 63 ? 10.440  3.225   21.530  1.00 53.12 ? 63   LEU A CD2 1 
ATOM   489  N  N   . ILE A 1 64 ? 10.636  0.791   17.048  1.00 21.31 ? 64   ILE A N   1 
ATOM   490  C  CA  . ILE A 1 64 ? 11.046  0.005   15.895  1.00 21.97 ? 64   ILE A CA  1 
ATOM   491  C  C   . ILE A 1 64 ? 12.162  0.729   15.172  1.00 25.98 ? 64   ILE A C   1 
ATOM   492  O  O   . ILE A 1 64 ? 12.234  1.961   15.242  1.00 30.20 ? 64   ILE A O   1 
ATOM   493  C  CB  . ILE A 1 64 ? 9.844   -0.252  14.970  1.00 41.72 ? 64   ILE A CB  1 
ATOM   494  C  CG1 . ILE A 1 64 ? 10.188  -0.904  13.632  1.00 38.42 ? 64   ILE A CG1 1 
ATOM   495  C  CG2 . ILE A 1 64 ? 9.072   1.047   14.762  1.00 57.60 ? 64   ILE A CG2 1 
ATOM   496  C  CD1 . ILE A 1 64 ? 9.007   -1.564  12.941  1.00 41.00 ? 64   ILE A CD1 1 
ATOM   497  N  N   . GLU A 1 65 ? 13.035  -0.005  14.495  1.00 27.17 ? 65   GLU A N   1 
ATOM   498  C  CA  . GLU A 1 65 ? 14.029  0.663   13.649  1.00 26.18 ? 65   GLU A CA  1 
ATOM   499  C  C   . GLU A 1 65 ? 13.892  0.102   12.227  1.00 28.59 ? 65   GLU A C   1 
ATOM   500  O  O   . GLU A 1 65 ? 13.737  -1.109  12.081  1.00 27.91 ? 65   GLU A O   1 
ATOM   501  C  CB  . GLU A 1 65 ? 15.457  0.500   14.123  1.00 37.23 ? 65   GLU A CB  1 
ATOM   502  C  CG  . GLU A 1 65 ? 15.732  0.744   15.592  1.00 51.79 ? 65   GLU A CG  1 
ATOM   503  C  CD  . GLU A 1 65 ? 17.154  0.333   15.950  1.00 60.98 ? 65   GLU A CD  1 
ATOM   504  O  OE1 . GLU A 1 65 ? 17.426  0.126   17.151  1.00 70.54 ? 65   GLU A OE1 1 
ATOM   505  O  OE2 . GLU A 1 65 ? 17.969  0.227   15.005  1.00 44.74 ? 65   GLU A OE2 1 
ATOM   506  N  N   . ILE A 1 66 ? 13.928  1.005   11.269  1.00 25.38 ? 66   ILE A N   1 
ATOM   507  C  CA  . ILE A 1 66 ? 13.716  0.783   9.851   1.00 27.74 ? 66   ILE A CA  1 
ATOM   508  C  C   . ILE A 1 66 ? 14.882  1.404   9.085   1.00 33.94 ? 66   ILE A C   1 
ATOM   509  O  O   . ILE A 1 66 ? 15.024  2.624   9.048   1.00 29.07 ? 66   ILE A O   1 
ATOM   510  C  CB  . ILE A 1 66 ? 12.411  1.404   9.338   1.00 25.86 ? 66   ILE A CB  1 
ATOM   511  C  CG1 . ILE A 1 66 ? 11.160  1.034   10.138  1.00 33.40 ? 66   ILE A CG1 1 
ATOM   512  C  CG2 . ILE A 1 66 ? 12.184  1.085   7.866   1.00 30.48 ? 66   ILE A CG2 1 
ATOM   513  C  CD1 . ILE A 1 66 ? 9.909   1.743   9.658   1.00 37.20 ? 66   ILE A CD1 1 
ATOM   514  N  N   . CYS A 1 67 ? 15.710  0.544   8.505   1.00 45.16 ? 67   CYS A N   1 
ATOM   515  C  CA  . CYS A 1 67 ? 16.871  1.061   7.790   1.00 39.79 ? 67   CYS A CA  1 
ATOM   516  C  C   . CYS A 1 67 ? 17.710  1.963   8.668   1.00 36.59 ? 67   CYS A C   1 
ATOM   517  O  O   . CYS A 1 67 ? 18.073  3.075   8.287   1.00 54.27 ? 67   CYS A O   1 
ATOM   518  C  CB  . CYS A 1 67 ? 16.380  1.823   6.554   1.00 40.47 ? 67   CYS A CB  1 
ATOM   519  S  SG  . CYS A 1 67 ? 15.804  0.692   5.267   1.00 45.71 ? 67   CYS A SG  1 
ATOM   520  N  N   . GLY A 1 68 ? 18.005  1.507   9.882   1.00 35.85 ? 68   GLY A N   1 
ATOM   521  C  CA  . GLY A 1 68 ? 18.807  2.338   10.767  1.00 42.55 ? 68   GLY A CA  1 
ATOM   522  C  C   . GLY A 1 68 ? 18.050  3.494   11.369  1.00 40.21 ? 68   GLY A C   1 
ATOM   523  O  O   . GLY A 1 68 ? 18.517  4.178   12.286  1.00 51.99 ? 68   GLY A O   1 
ATOM   524  N  N   . HIS A 1 69 ? 16.837  3.781   10.883  1.00 29.60 ? 69   HIS A N   1 
ATOM   525  C  CA  . HIS A 1 69 ? 16.156  4.911   11.509  1.00 30.59 ? 69   HIS A CA  1 
ATOM   526  C  C   . HIS A 1 69 ? 15.299  4.394   12.664  1.00 33.22 ? 69   HIS A C   1 
ATOM   527  O  O   . HIS A 1 69 ? 14.529  3.441   12.506  1.00 33.05 ? 69   HIS A O   1 
ATOM   528  C  CB  . HIS A 1 69 ? 15.294  5.662   10.514  1.00 33.88 ? 69   HIS A CB  1 
ATOM   529  C  CG  . HIS A 1 69 ? 15.941  6.362   9.373   1.00 39.61 ? 69   HIS A CG  1 
ATOM   530  N  ND1 . HIS A 1 69 ? 16.672  5.721   8.396   1.00 46.40 ? 69   HIS A ND1 1 
ATOM   531  C  CD2 . HIS A 1 69 ? 15.952  7.676   9.037   1.00 41.47 ? 69   HIS A CD2 1 
ATOM   532  C  CE1 . HIS A 1 69 ? 17.115  6.601   7.515   1.00 45.43 ? 69   HIS A CE1 1 
ATOM   533  N  NE2 . HIS A 1 69 ? 16.689  7.797   7.882   1.00 48.00 ? 69   HIS A NE2 1 
ATOM   534  N  N   . LYS A 1 70 ? 15.442  5.043   13.813  1.00 29.96 ? 70   LYS A N   1 
ATOM   535  C  CA  . LYS A 1 70 ? 14.600  4.696   14.961  1.00 27.54 ? 70   LYS A CA  1 
ATOM   536  C  C   . LYS A 1 70 ? 13.301  5.483   14.937  1.00 29.39 ? 70   LYS A C   1 
ATOM   537  O  O   . LYS A 1 70 ? 13.231  6.686   14.675  1.00 36.65 ? 70   LYS A O   1 
ATOM   538  C  CB  . LYS A 1 70 ? 15.386  4.906   16.241  1.00 33.90 ? 70   LYS A CB  1 
ATOM   539  N  N   . ALA A 1 71 ? 12.192  4.796   15.212  1.00 28.39 ? 71   ALA A N   1 
ATOM   540  C  CA  . ALA A 1 71 ? 10.911  5.490   15.322  1.00 23.47 ? 71   ALA A CA  1 
ATOM   541  C  C   . ALA A 1 71 ? 10.060  4.858   16.407  1.00 25.18 ? 71   ALA A C   1 
ATOM   542  O  O   . ALA A 1 71 ? 10.341  3.753   16.871  1.00 31.53 ? 71   ALA A O   1 
ATOM   543  C  CB  . ALA A 1 71 ? 10.175  5.467   13.996  1.00 31.87 ? 71   ALA A CB  1 
ATOM   544  N  N   . ILE A 1 72 ? 9.006   5.557   16.806  1.00 21.73 ? 72   ILE A N   1 
ATOM   545  C  CA  . ILE A 1 72 ? 8.091   4.985   17.778  1.00 20.93 ? 72   ILE A CA  1 
ATOM   546  C  C   . ILE A 1 72 ? 6.681   5.094   17.209  1.00 22.46 ? 72   ILE A C   1 
ATOM   547  O  O   . ILE A 1 72 ? 6.321   6.084   16.576  1.00 19.40 ? 72   ILE A O   1 
ATOM   548  C  CB  . ILE A 1 72 ? 8.173   5.665   19.155  1.00 34.13 ? 72   ILE A CB  1 
ATOM   549  C  CG1 . ILE A 1 72 ? 6.803   5.915   19.781  1.00 42.53 ? 72   ILE A CG1 1 
ATOM   550  C  CG2 . ILE A 1 72 ? 8.988   6.942   19.065  1.00 48.63 ? 72   ILE A CG2 1 
ATOM   551  C  CD1 . ILE A 1 72 ? 6.811   6.716   21.068  1.00 74.68 ? 72   ILE A CD1 1 
ATOM   552  N  N   . GLY A 1 73 ? 5.875   4.057   17.407  1.00 20.12 ? 73   GLY A N   1 
ATOM   553  C  CA  . GLY A 1 73 ? 4.502   4.178   16.955  1.00 25.86 ? 73   GLY A CA  1 
ATOM   554  C  C   . GLY A 1 73 ? 3.696   2.927   17.253  1.00 25.49 ? 73   GLY A C   1 
ATOM   555  O  O   . GLY A 1 73 ? 4.152   2.017   17.934  1.00 20.68 ? 73   GLY A O   1 
ATOM   556  N  N   . THR A 1 74 ? 2.489   2.946   16.706  1.00 25.77 ? 74   THR A N   1 
ATOM   557  C  CA  . THR A 1 74 ? 1.532   1.866   16.875  1.00 26.43 ? 74   THR A CA  1 
ATOM   558  C  C   . THR A 1 74 ? 1.910   0.703   15.970  1.00 23.52 ? 74   THR A C   1 
ATOM   559  O  O   . THR A 1 74 ? 2.242   0.933   14.810  1.00 19.14 ? 74   THR A O   1 
ATOM   560  C  CB  . THR A 1 74 ? 0.104   2.348   16.555  1.00 25.91 ? 74   THR A CB  1 
ATOM   561  O  OG1 . THR A 1 74 ? -0.347  3.182   17.624  1.00 21.63 ? 74   THR A OG1 1 
ATOM   562  C  CG2 . THR A 1 74 ? -0.864  1.176   16.485  1.00 21.44 ? 74   THR A CG2 1 
ATOM   563  N  N   . VAL A 1 75 ? 1.845   -0.513  16.499  1.00 17.68 ? 75   VAL A N   1 
ATOM   564  C  CA  . VAL A 1 75 ? 2.069   -1.716  15.722  1.00 13.79 ? 75   VAL A CA  1 
ATOM   565  C  C   . VAL A 1 75 ? 0.889   -2.656  15.938  1.00 16.90 ? 75   VAL A C   1 
ATOM   566  O  O   . VAL A 1 75 ? 0.599   -2.992  17.083  1.00 18.48 ? 75   VAL A O   1 
ATOM   567  C  CB  . VAL A 1 75 ? 3.385   -2.417  16.093  1.00 16.08 ? 75   VAL A CB  1 
ATOM   568  C  CG1 . VAL A 1 75 ? 3.581   -3.757  15.403  1.00 14.84 ? 75   VAL A CG1 1 
ATOM   569  C  CG2 . VAL A 1 75 ? 4.552   -1.499  15.729  1.00 16.89 ? 75   VAL A CG2 1 
ATOM   570  N  N   . LEU A 1 76 ? 0.266   -3.021  14.839  1.00 12.93 ? 76   LEU A N   1 
ATOM   571  C  CA  . LEU A 1 76 ? -0.804  -4.011  14.812  1.00 12.79 ? 76   LEU A CA  1 
ATOM   572  C  C   . LEU A 1 76 ? -0.231  -5.402  14.587  1.00 14.26 ? 76   LEU A C   1 
ATOM   573  O  O   . LEU A 1 76 ? 0.629   -5.533  13.719  1.00 18.43 ? 76   LEU A O   1 
ATOM   574  C  CB  . LEU A 1 76 ? -1.793  -3.663  13.717  1.00 14.89 ? 76   LEU A CB  1 
ATOM   575  C  CG  . LEU A 1 76 ? -2.340  -2.233  13.737  1.00 19.41 ? 76   LEU A CG  1 
ATOM   576  C  CD1 . LEU A 1 76 ? -3.370  -2.046  12.623  1.00 25.45 ? 76   LEU A CD1 1 
ATOM   577  C  CD2 . LEU A 1 76 ? -2.942  -1.889  15.089  1.00 19.58 ? 76   LEU A CD2 1 
ATOM   578  N  N   . VAL A 1 77 ? -0.707  -6.380  15.353  1.00 14.77 ? 77   VAL A N   1 
ATOM   579  C  CA  . VAL A 1 77 ? -0.206  -7.754  15.285  1.00 12.49 ? 77   VAL A CA  1 
ATOM   580  C  C   . VAL A 1 77 ? -1.328  -8.737  15.003  1.00 16.89 ? 77   VAL A C   1 
ATOM   581  O  O   . VAL A 1 77 ? -2.312  -8.782  15.747  1.00 16.99 ? 77   VAL A O   1 
ATOM   582  C  CB  . VAL A 1 77 ? 0.510   -8.116  16.599  1.00 20.66 ? 77   VAL A CB  1 
ATOM   583  C  CG1 . VAL A 1 77 ? 1.060   -9.530  16.565  1.00 23.04 ? 77   VAL A CG1 1 
ATOM   584  C  CG2 . VAL A 1 77 ? 1.634   -7.110  16.841  1.00 18.18 ? 77   VAL A CG2 1 
ATOM   585  N  N   . GLY A 1 78 ? -1.173  -9.498  13.920  1.00 17.06 ? 78   GLY A N   1 
ATOM   586  C  CA  . GLY A 1 78 ? -2.204  -10.431 13.512  1.00 17.24 ? 78   GLY A CA  1 
ATOM   587  C  C   . GLY A 1 78 ? -1.870  -11.189 12.239  1.00 17.09 ? 78   GLY A C   1 
ATOM   588  O  O   . GLY A 1 78 ? -0.765  -11.122 11.701  1.00 18.39 ? 78   GLY A O   1 
ATOM   589  N  N   . PRO A 1 79 ? -2.858  -11.954 11.785  1.00 16.54 ? 79   PRO A N   1 
ATOM   590  C  CA  . PRO A 1 79 ? -2.644  -12.853 10.649  1.00 20.62 ? 79   PRO A CA  1 
ATOM   591  C  C   . PRO A 1 79 ? -2.543  -12.162 9.297   1.00 24.61 ? 79   PRO A C   1 
ATOM   592  O  O   . PRO A 1 79 ? -3.211  -12.540 8.328   1.00 25.89 ? 79   PRO A O   1 
ATOM   593  C  CB  . PRO A 1 79 ? -3.895  -13.740 10.684  1.00 21.50 ? 79   PRO A CB  1 
ATOM   594  C  CG  . PRO A 1 79 ? -4.934  -12.849 11.286  1.00 25.18 ? 79   PRO A CG  1 
ATOM   595  C  CD  . PRO A 1 79 ? -4.216  -12.057 12.346  1.00 18.01 ? 79   PRO A CD  1 
ATOM   596  N  N   . THR A 1 80 ? -1.693  -11.155 9.170   1.00 18.41 ? 80   THR A N   1 
ATOM   597  C  CA  . THR A 1 80 ? -1.451  -10.547 7.871   1.00 18.46 ? 80   THR A CA  1 
ATOM   598  C  C   . THR A 1 80 ? -0.558  -11.438 7.016   1.00 22.41 ? 80   THR A C   1 
ATOM   599  O  O   . THR A 1 80 ? 0.433   -12.030 7.455   1.00 20.05 ? 80   THR A O   1 
ATOM   600  C  CB  . THR A 1 80 ? -0.795  -9.163  8.002   1.00 17.82 ? 80   THR A CB  1 
ATOM   601  O  OG1 . THR A 1 80 ? -0.488  -8.669  6.689   1.00 24.01 ? 80   THR A OG1 1 
ATOM   602  C  CG2 . THR A 1 80 ? 0.524   -9.249  8.752   1.00 18.31 ? 80   THR A CG2 1 
ATOM   603  N  N   . PRO A 1 81 ? -0.899  -11.547 5.739   1.00 22.70 ? 81   PRO A N   1 
ATOM   604  C  CA  . PRO A 1 81 ? -0.089  -12.386 4.855   1.00 22.52 ? 81   PRO A CA  1 
ATOM   605  C  C   . PRO A 1 81 ? 1.303   -11.829 4.654   1.00 23.19 ? 81   PRO A C   1 
ATOM   606  O  O   . PRO A 1 81 ? 2.239   -12.581 4.385   1.00 23.80 ? 81   PRO A O   1 
ATOM   607  C  CB  . PRO A 1 81 ? -0.862  -12.366 3.543   1.00 28.25 ? 81   PRO A CB  1 
ATOM   608  C  CG  . PRO A 1 81 ? -1.833  -11.245 3.627   1.00 34.47 ? 81   PRO A CG  1 
ATOM   609  C  CD  . PRO A 1 81 ? -2.040  -10.914 5.070   1.00 27.80 ? 81   PRO A CD  1 
ATOM   610  N  N   . VAL A 1 82 ? 1.496   -10.510 4.768   1.00 24.33 ? 82   VAL A N   1 
ATOM   611  C  CA  . VAL A 1 82 ? 2.863   -9.983  4.672   1.00 19.65 ? 82   VAL A CA  1 
ATOM   612  C  C   . VAL A 1 82 ? 3.029   -8.816  5.649   1.00 16.79 ? 82   VAL A C   1 
ATOM   613  O  O   . VAL A 1 82 ? 2.091   -8.073  5.914   1.00 20.97 ? 82   VAL A O   1 
ATOM   614  C  CB  . VAL A 1 82 ? 3.305   -9.558  3.262   1.00 38.65 ? 82   VAL A CB  1 
ATOM   615  C  CG1 . VAL A 1 82 ? 2.289   -9.907  2.178   1.00 58.64 ? 82   VAL A CG1 1 
ATOM   616  C  CG2 . VAL A 1 82 ? 3.595   -8.069  3.179   1.00 35.41 ? 82   VAL A CG2 1 
ATOM   617  N  N   . ASN A 1 83 ? 4.222   -8.695  6.206   1.00 18.04 ? 83   ASN A N   1 
ATOM   618  C  CA  . ASN A 1 83 ? 4.571   -7.648  7.142   1.00 15.32 ? 83   ASN A CA  1 
ATOM   619  C  C   . ASN A 1 83 ? 4.554   -6.319  6.383   1.00 20.39 ? 83   ASN A C   1 
ATOM   620  O  O   . ASN A 1 83 ? 5.154   -6.198  5.311   1.00 18.43 ? 83   ASN A O   1 
ATOM   621  C  CB  . ASN A 1 83 ? 5.943   -7.884  7.743   1.00 23.62 ? 83   ASN A CB  1 
ATOM   622  C  CG  . ASN A 1 83 ? 6.007   -9.049  8.708   1.00 34.63 ? 83   ASN A CG  1 
ATOM   623  O  OD1 . ASN A 1 83 ? 4.998   -9.460  9.277   1.00 22.23 ? 83   ASN A OD1 1 
ATOM   624  N  ND2 . ASN A 1 83 ? 7.223   -9.565  8.867   1.00 27.37 ? 83   ASN A ND2 1 
ATOM   625  N  N   . ILE A 1 84 ? 3.856   -5.356  6.960   1.00 15.98 ? 84   ILE A N   1 
ATOM   626  C  CA  . ILE A 1 84 ? 3.640   -4.085  6.302   1.00 16.03 ? 84   ILE A CA  1 
ATOM   627  C  C   . ILE A 1 84 ? 4.044   -2.946  7.216   1.00 16.52 ? 84   ILE A C   1 
ATOM   628  O  O   . ILE A 1 84 ? 3.586   -2.883  8.354   1.00 17.06 ? 84   ILE A O   1 
ATOM   629  C  CB  . ILE A 1 84 ? 2.150   -3.905  5.956   1.00 22.00 ? 84   ILE A CB  1 
ATOM   630  C  CG1 . ILE A 1 84 ? 1.692   -4.647  4.698   1.00 36.75 ? 84   ILE A CG1 1 
ATOM   631  C  CG2 . ILE A 1 84 ? 1.800   -2.434  5.852   1.00 25.75 ? 84   ILE A CG2 1 
ATOM   632  C  CD1 . ILE A 1 84 ? 0.344   -4.163  4.199   1.00 60.91 ? 84   ILE A CD1 1 
ATOM   633  N  N   . ILE A 1 85 ? 4.868   -2.044  6.706   1.00 15.97 ? 85   ILE A N   1 
ATOM   634  C  CA  . ILE A 1 85 ? 5.065   -0.766  7.363   1.00 14.95 ? 85   ILE A CA  1 
ATOM   635  C  C   . ILE A 1 85 ? 4.116   0.287   6.767   1.00 16.97 ? 85   ILE A C   1 
ATOM   636  O  O   . ILE A 1 85 ? 4.189   0.564   5.571   1.00 14.84 ? 85   ILE A O   1 
ATOM   637  C  CB  . ILE A 1 85 ? 6.513   -0.269  7.271   1.00 14.72 ? 85   ILE A CB  1 
ATOM   638  C  CG1 . ILE A 1 85 ? 7.569   -1.277  7.764   1.00 19.76 ? 85   ILE A CG1 1 
ATOM   639  C  CG2 . ILE A 1 85 ? 6.656   1.033   8.026   1.00 13.57 ? 85   ILE A CG2 1 
ATOM   640  C  CD1 . ILE A 1 85 ? 7.316   -1.755  9.182   1.00 19.65 ? 85   ILE A CD1 1 
ATOM   641  N  N   . GLY A 1 86 ? 3.255   0.826   7.616   1.00 17.58 ? 86   GLY A N   1 
ATOM   642  C  CA  . GLY A 1 86 ? 2.241   1.816   7.345   1.00 19.69 ? 86   GLY A CA  1 
ATOM   643  C  C   . GLY A 1 86 ? 2.693   3.252   7.522   1.00 17.57 ? 86   GLY A C   1 
ATOM   644  O  O   . GLY A 1 86 ? 3.788   3.520   8.017   1.00 15.20 ? 86   GLY A O   1 
ATOM   645  N  N   . ARG A 1 87 ? 1.834   4.170   7.098   1.00 16.42 ? 87   ARG A N   1 
ATOM   646  C  CA  . ARG A 1 87 ? 2.137   5.586   7.065   1.00 15.23 ? 87   ARG A CA  1 
ATOM   647  C  C   . ARG A 1 87 ? 2.506   6.061   8.468   1.00 16.89 ? 87   ARG A C   1 
ATOM   648  O  O   . ARG A 1 87 ? 3.326   6.953   8.640   1.00 18.90 ? 87   ARG A O   1 
ATOM   649  C  CB  . ARG A 1 87 ? 0.958   6.425   6.531   1.00 18.70 ? 87   ARG A CB  1 
ATOM   650  C  CG  . ARG A 1 87 ? 0.633   6.203   5.056   1.00 14.70 ? 87   ARG A CG  1 
ATOM   651  C  CD  . ARG A 1 87 ? -0.417  7.186   4.555   1.00 16.31 ? 87   ARG A CD  1 
ATOM   652  N  NE  . ARG A 1 87 ? -1.681  7.057   5.261   1.00 15.83 ? 87   ARG A NE  1 
ATOM   653  C  CZ  . ARG A 1 87 ? -2.200  7.776   6.240   1.00 20.75 ? 87   ARG A CZ  1 
ATOM   654  N  NH1 . ARG A 1 87 ? -1.595  8.825   6.788   1.00 20.34 ? 87   ARG A NH1 1 
ATOM   655  N  NH2 . ARG A 1 87 ? -3.402  7.430   6.707   1.00 22.72 ? 87   ARG A NH2 1 
ATOM   656  N  N   . ASN A 1 88 ? 1.903   5.468   9.491   1.00 13.99 ? 88   ASN A N   1 
ATOM   657  C  CA  . ASN A 1 88 ? 2.110   5.966   10.852  1.00 18.14 ? 88   ASN A CA  1 
ATOM   658  C  C   . ASN A 1 88 ? 3.568   5.903   11.260  1.00 14.16 ? 88   ASN A C   1 
ATOM   659  O  O   . ASN A 1 88 ? 4.001   6.714   12.082  1.00 16.47 ? 88   ASN A O   1 
ATOM   660  C  CB  . ASN A 1 88 ? 1.210   5.199   11.825  1.00 20.98 ? 88   ASN A CB  1 
ATOM   661  C  CG  . ASN A 1 88 ? 1.829   3.876   12.228  1.00 33.15 ? 88   ASN A CG  1 
ATOM   662  O  OD1 . ASN A 1 88 ? 2.004   2.989   11.391  1.00 28.90 ? 88   ASN A OD1 1 
ATOM   663  N  ND2 . ASN A 1 88 ? 2.165   3.803   13.508  1.00 25.99 ? 88   ASN A ND2 1 
ATOM   664  N  N   . LEU A 1 89 ? 4.325   4.973   10.677  1.00 15.33 ? 89   LEU A N   1 
ATOM   665  C  CA  . LEU A 1 89 ? 5.765   4.902   10.894  1.00 15.93 ? 89   LEU A CA  1 
ATOM   666  C  C   . LEU A 1 89 ? 6.576   5.459   9.731   1.00 17.64 ? 89   LEU A C   1 
ATOM   667  O  O   . LEU A 1 89 ? 7.658   6.000   9.970   1.00 18.50 ? 89   LEU A O   1 
ATOM   668  C  CB  . LEU A 1 89 ? 6.207   3.454   11.153  1.00 17.46 ? 89   LEU A CB  1 
ATOM   669  C  CG  . LEU A 1 89 ? 5.696   2.798   12.433  1.00 23.11 ? 89   LEU A CG  1 
ATOM   670  C  CD1 . LEU A 1 89 ? 6.245   1.381   12.538  1.00 35.83 ? 89   LEU A CD1 1 
ATOM   671  C  CD2 . LEU A 1 89 ? 6.070   3.592   13.673  1.00 27.38 ? 89   LEU A CD2 1 
ATOM   672  N  N   . LEU A 1 90 ? 6.099   5.325   8.493   1.00 16.61 ? 90   LEU A N   1 
ATOM   673  C  CA  . LEU A 1 90 ? 6.765   5.959   7.355   1.00 14.23 ? 90   LEU A CA  1 
ATOM   674  C  C   . LEU A 1 90 ? 6.996   7.448   7.575   1.00 13.38 ? 90   LEU A C   1 
ATOM   675  O  O   . LEU A 1 90 ? 8.034   8.014   7.184   1.00 22.00 ? 90   LEU A O   1 
ATOM   676  C  CB  . LEU A 1 90 ? 5.965   5.745   6.066   1.00 16.43 ? 90   LEU A CB  1 
ATOM   677  C  CG  . LEU A 1 90 ? 5.795   4.315   5.575   1.00 19.71 ? 90   LEU A CG  1 
ATOM   678  C  CD1 . LEU A 1 90 ? 4.872   4.257   4.361   1.00 22.28 ? 90   LEU A CD1 1 
ATOM   679  C  CD2 . LEU A 1 90 ? 7.159   3.715   5.242   1.00 23.14 ? 90   LEU A CD2 1 
ATOM   680  N  N   . THR A 1 91 ? 6.031   8.126   8.208   1.00 13.84 ? 91   THR A N   1 
ATOM   681  C  CA  . THR A 1 91 ? 6.261   9.562   8.385   1.00 15.95 ? 91   THR A CA  1 
ATOM   682  C  C   . THR A 1 91 ? 7.458   9.862   9.285   1.00 12.03 ? 91   THR A C   1 
ATOM   683  O  O   . THR A 1 91 ? 8.187   10.830  9.122   1.00 15.72 ? 91   THR A O   1 
ATOM   684  C  CB  . THR A 1 91 ? 5.044   10.246  9.031   1.00 16.58 ? 91   THR A CB  1 
ATOM   685  O  OG1 . THR A 1 91 ? 4.800   9.569   10.270  1.00 16.55 ? 91   THR A OG1 1 
ATOM   686  C  CG2 . THR A 1 91 ? 3.828   10.139  8.138   1.00 14.67 ? 91   THR A CG2 1 
ATOM   687  N  N   . GLN A 1 92 ? 7.638   9.001   10.281  1.00 14.07 ? 92   GLN A N   1 
ATOM   688  C  CA  . GLN A 1 92 ? 8.621   9.246   11.315  1.00 18.24 ? 92   GLN A CA  1 
ATOM   689  C  C   . GLN A 1 92 ? 10.024  9.094   10.754  1.00 17.02 ? 92   GLN A C   1 
ATOM   690  O  O   . GLN A 1 92 ? 10.939  9.685   11.310  1.00 18.36 ? 92   GLN A O   1 
ATOM   691  C  CB  . GLN A 1 92 ? 8.439   8.310   12.521  1.00 16.45 ? 92   GLN A CB  1 
ATOM   692  C  CG  . GLN A 1 92 ? 7.030   8.403   13.111  1.00 17.19 ? 92   GLN A CG  1 
ATOM   693  C  CD  . GLN A 1 92 ? 6.774   9.773   13.697  1.00 20.73 ? 92   GLN A CD  1 
ATOM   694  O  OE1 . GLN A 1 92 ? 7.273   10.061  14.781  1.00 17.69 ? 92   GLN A OE1 1 
ATOM   695  N  NE2 . GLN A 1 92 ? 6.034   10.604  12.979  1.00 20.98 ? 92   GLN A NE2 1 
ATOM   696  N  N   . ILE A 1 93 ? 10.196  8.325   9.692   1.00 17.64 ? 93   ILE A N   1 
ATOM   697  C  CA  . ILE A 1 93 ? 11.529  8.159   9.116   1.00 18.43 ? 93   ILE A CA  1 
ATOM   698  C  C   . ILE A 1 93 ? 11.717  9.163   7.982   1.00 18.52 ? 93   ILE A C   1 
ATOM   699  O  O   . ILE A 1 93 ? 12.728  9.160   7.300   1.00 19.28 ? 93   ILE A O   1 
ATOM   700  C  CB  . ILE A 1 93 ? 11.794  6.737   8.598   1.00 22.04 ? 93   ILE A CB  1 
ATOM   701  C  CG1 . ILE A 1 93 ? 10.896  6.341   7.425   1.00 21.89 ? 93   ILE A CG1 1 
ATOM   702  C  CG2 . ILE A 1 93 ? 11.721  5.745   9.752   1.00 22.74 ? 93   ILE A CG2 1 
ATOM   703  C  CD1 . ILE A 1 93 ? 11.059  4.892   7.001   1.00 22.67 ? 93   ILE A CD1 1 
ATOM   704  N  N   . GLY A 1 94 ? 10.709  10.017  7.818   1.00 17.49 ? 94   GLY A N   1 
ATOM   705  C  CA  . GLY A 1 94 ? 10.763  11.045  6.802   1.00 20.87 ? 94   GLY A CA  1 
ATOM   706  C  C   . GLY A 1 94 ? 10.589  10.498  5.401   1.00 22.03 ? 94   GLY A C   1 
ATOM   707  O  O   . GLY A 1 94 ? 11.173  11.008  4.447   1.00 22.83 ? 94   GLY A O   1 
ATOM   708  N  N   . CYS A 1 95 ? 9.784   9.450   5.259   1.00 16.45 ? 95   CYS A N   1 
ATOM   709  C  CA  . CYS A 1 95 ? 9.622   8.834   3.940   1.00 18.96 ? 95   CYS A CA  1 
ATOM   710  C  C   . CYS A 1 95 ? 8.585   9.555   3.098   1.00 22.96 ? 95   CYS A C   1 
ATOM   711  O  O   . CYS A 1 95 ? 7.466   9.796   3.549   1.00 18.94 ? 95   CYS A O   1 
ATOM   712  C  CB  . CYS A 1 95 ? 9.248   7.359   4.128   1.00 20.33 ? 95   CYS A CB  1 
ATOM   713  S  SG  . CYS A 1 95 ? 8.967   6.441   2.603   1.00 21.26 ? 95   CYS A SG  1 
ATOM   714  N  N   . THR A 1 96 ? 8.948   9.881   1.855   1.00 22.58 ? 96   THR A N   1 
ATOM   715  C  CA  . THR A 1 96 ? 8.016   10.486  0.914   1.00 13.39 ? 96   THR A CA  1 
ATOM   716  C  C   . THR A 1 96 ? 7.955   9.744   -0.415  1.00 14.18 ? 96   THR A C   1 
ATOM   717  O  O   . THR A 1 96 ? 8.897   9.033   -0.762  1.00 16.78 ? 96   THR A O   1 
ATOM   718  C  CB  . THR A 1 96 ? 8.398   11.958  0.606   1.00 18.48 ? 96   THR A CB  1 
ATOM   719  O  OG1 . THR A 1 96 ? 9.714   12.018  0.045   1.00 20.18 ? 96   THR A OG1 1 
ATOM   720  C  CG2 . THR A 1 96 ? 8.430   12.783  1.879   1.00 20.37 ? 96   THR A CG2 1 
ATOM   721  N  N   . LEU A 1 97 ? 6.856   9.960   -1.118  1.00 19.31 ? 97   LEU A N   1 
ATOM   722  C  CA  . LEU A 1 97 ? 6.665   9.548   -2.500  1.00 20.40 ? 97   LEU A CA  1 
ATOM   723  C  C   . LEU A 1 97 ? 7.141   10.628  -3.451  1.00 22.95 ? 97   LEU A C   1 
ATOM   724  O  O   . LEU A 1 97 ? 6.817   11.803  -3.242  1.00 22.14 ? 97   LEU A O   1 
ATOM   725  C  CB  . LEU A 1 97 ? 5.179   9.282   -2.776  1.00 22.72 ? 97   LEU A CB  1 
ATOM   726  C  CG  . LEU A 1 97 ? 4.653   7.942   -2.268  1.00 21.38 ? 97   LEU A CG  1 
ATOM   727  C  CD1 . LEU A 1 97 ? 3.140   7.989   -2.147  1.00 34.30 ? 97   LEU A CD1 1 
ATOM   728  C  CD2 . LEU A 1 97 ? 5.133   6.831   -3.188  1.00 18.64 ? 97   LEU A CD2 1 
ATOM   729  N  N   . ASN A 1 98 ? 7.926   10.284  -4.469  1.00 20.63 ? 98   ASN A N   1 
ATOM   730  C  CA  . ASN A 1 98 ? 8.460   11.305  -5.363  1.00 19.21 ? 98   ASN A CA  1 
ATOM   731  C  C   . ASN A 1 98 ? 8.370   10.900  -6.832  1.00 20.15 ? 98   ASN A C   1 
ATOM   732  O  O   . ASN A 1 98 ? 8.723   9.781   -7.199  1.00 18.69 ? 98   ASN A O   1 
ATOM   733  C  CB  . ASN A 1 98 ? 9.924   11.566  -4.988  1.00 21.11 ? 98   ASN A CB  1 
ATOM   734  C  CG  . ASN A 1 98 ? 10.038  12.164  -3.588  1.00 23.10 ? 98   ASN A CG  1 
ATOM   735  O  OD1 . ASN A 1 98 ? 10.103  11.426  -2.607  1.00 22.58 ? 98   ASN A OD1 1 
ATOM   736  N  ND2 . ASN A 1 98 ? 10.006  13.479  -3.573  1.00 21.21 ? 98   ASN A ND2 1 
ATOM   737  N  N   . PHE A 1 99 ? 7.915   11.834  -7.659  1.00 21.73 ? 99   PHE A N   1 
ATOM   738  C  CA  . PHE A 1 99 ? 7.924   11.648  -9.101  1.00 25.17 ? 99   PHE A CA  1 
ATOM   739  C  C   . PHE A 1 99 ? 7.798   12.989  -9.822  1.00 30.38 ? 99   PHE A C   1 
ATOM   740  O  O   . PHE A 1 99 ? 7.705   12.965  -11.067 1.00 38.65 ? 99   PHE A O   1 
ATOM   741  C  CB  . PHE A 1 99 ? 6.813   10.736  -9.589  1.00 20.09 ? 99   PHE A CB  1 
ATOM   742  C  CG  . PHE A 1 99 ? 5.398   11.200  -9.335  1.00 20.66 ? 99   PHE A CG  1 
ATOM   743  C  CD1 . PHE A 1 99 ? 4.828   11.054  -8.083  1.00 25.17 ? 99   PHE A CD1 1 
ATOM   744  C  CD2 . PHE A 1 99 ? 4.657   11.781  -10.351 1.00 28.37 ? 99   PHE A CD2 1 
ATOM   745  C  CE1 . PHE A 1 99 ? 3.531   11.472  -7.835  1.00 27.86 ? 99   PHE A CE1 1 
ATOM   746  C  CE2 . PHE A 1 99 ? 3.365   12.199  -10.113 1.00 31.88 ? 99   PHE A CE2 1 
ATOM   747  C  CZ  . PHE A 1 99 ? 2.802   12.049  -8.857  1.00 35.21 ? 99   PHE A CZ  1 
ATOM   748  O  OXT . PHE A 1 99 ? 7.790   13.999  -9.109  1.00 21.31 ? 99   PHE A OXT 1 
ATOM   749  N  N   . PRO B 1 1  ? 6.314   15.784  -8.183  1.00 37.18 ? 1    PRO B N   1 
ATOM   750  C  CA  . PRO B 1 1  ? 5.896   16.249  -6.860  1.00 32.05 ? 1    PRO B CA  1 
ATOM   751  C  C   . PRO B 1 1  ? 6.537   15.418  -5.756  1.00 25.41 ? 1    PRO B C   1 
ATOM   752  O  O   . PRO B 1 1  ? 7.023   14.325  -6.032  1.00 21.48 ? 1    PRO B O   1 
ATOM   753  C  CB  . PRO B 1 1  ? 4.384   16.034  -6.865  1.00 33.77 ? 1    PRO B CB  1 
ATOM   754  C  CG  . PRO B 1 1  ? 4.155   14.953  -7.861  1.00 35.35 ? 1    PRO B CG  1 
ATOM   755  C  CD  . PRO B 1 1  ? 5.205   15.159  -8.920  1.00 38.03 ? 1    PRO B CD  1 
ATOM   756  N  N   . GLN B 1 2  ? 6.516   15.965  -4.549  1.00 28.86 ? 2    GLN B N   1 
ATOM   757  C  CA  . GLN B 1 2  ? 6.915   15.245  -3.347  1.00 30.34 ? 2    GLN B CA  1 
ATOM   758  C  C   . GLN B 1 2  ? 5.693   15.126  -2.436  1.00 26.44 ? 2    GLN B C   1 
ATOM   759  O  O   . GLN B 1 2  ? 5.073   16.123  -2.084  1.00 25.45 ? 2    GLN B O   1 
ATOM   760  C  CB  . GLN B 1 2  ? 8.064   15.924  -2.614  1.00 33.51 ? 2    GLN B CB  1 
ATOM   761  C  CG  . GLN B 1 2  ? 8.340   15.295  -1.252  1.00 41.10 ? 2    GLN B CG  1 
ATOM   762  C  CD  . GLN B 1 2  ? 9.467   15.971  -0.501  1.00 46.14 ? 2    GLN B CD  1 
ATOM   763  O  OE1 . GLN B 1 2  ? 9.240   16.965  0.197   1.00 51.24 ? 2    GLN B OE1 1 
ATOM   764  N  NE2 . GLN B 1 2  ? 10.685  15.454  -0.616  1.00 37.55 ? 2    GLN B NE2 1 
ATOM   765  N  N   . ILE B 1 3  ? 5.330   13.906  -2.069  1.00 19.84 ? 3    ILE B N   1 
ATOM   766  C  CA  . ILE B 1 3  ? 4.125   13.674  -1.288  1.00 21.04 ? 3    ILE B CA  1 
ATOM   767  C  C   . ILE B 1 3  ? 4.518   13.022  0.023   1.00 22.41 ? 3    ILE B C   1 
ATOM   768  O  O   . ILE B 1 3  ? 5.148   11.969  0.060   1.00 20.43 ? 3    ILE B O   1 
ATOM   769  C  CB  . ILE B 1 3  ? 3.112   12.805  -2.060  1.00 21.84 ? 3    ILE B CB  1 
ATOM   770  C  CG1 . ILE B 1 3  ? 2.665   13.439  -3.383  1.00 18.78 ? 3    ILE B CG1 1 
ATOM   771  C  CG2 . ILE B 1 3  ? 1.901   12.447  -1.212  1.00 24.32 ? 3    ILE B CG2 1 
ATOM   772  C  CD1 . ILE B 1 3  ? 1.891   12.481  -4.261  1.00 24.04 ? 3    ILE B CD1 1 
ATOM   773  N  N   . THR B 1 4  ? 4.166   13.702  1.104   1.00 18.76 ? 4    THR B N   1 
ATOM   774  C  CA  . THR B 1 4  ? 4.448   13.165  2.430   1.00 16.42 ? 4    THR B CA  1 
ATOM   775  C  C   . THR B 1 4  ? 3.291   12.261  2.821   1.00 19.06 ? 4    THR B C   1 
ATOM   776  O  O   . THR B 1 4  ? 2.317   12.161  2.067   1.00 18.08 ? 4    THR B O   1 
ATOM   777  C  CB  . THR B 1 4  ? 4.628   14.306  3.441   1.00 26.15 ? 4    THR B CB  1 
ATOM   778  O  OG1 . THR B 1 4  ? 3.426   15.085  3.423   1.00 23.27 ? 4    THR B OG1 1 
ATOM   779  C  CG2 . THR B 1 4  ? 5.769   15.217  3.022   1.00 23.82 ? 4    THR B CG2 1 
ATOM   780  N  N   . LEU B 1 5  ? 3.373   11.598  3.963   1.00 17.19 ? 5    LEU B N   1 
ATOM   781  C  CA  . LEU B 1 5  ? 2.408   10.556  4.283   1.00 15.16 ? 5    LEU B CA  1 
ATOM   782  C  C   . LEU B 1 5  ? 1.643   10.791  5.573   1.00 20.75 ? 5    LEU B C   1 
ATOM   783  O  O   . LEU B 1 5  ? 1.084   9.866   6.184   1.00 15.91 ? 5    LEU B O   1 
ATOM   784  C  CB  . LEU B 1 5  ? 3.170   9.211   4.306   1.00 15.22 ? 5    LEU B CB  1 
ATOM   785  C  CG  . LEU B 1 5  ? 3.887   8.854   2.996   1.00 19.23 ? 5    LEU B CG  1 
ATOM   786  C  CD1 . LEU B 1 5  ? 4.748   7.616   3.174   1.00 16.26 ? 5    LEU B CD1 1 
ATOM   787  C  CD2 . LEU B 1 5  ? 2.864   8.656   1.891   1.00 22.10 ? 5    LEU B CD2 1 
ATOM   788  N  N   . TRP B 1 6  ? 1.578   12.040  6.026   1.00 19.14 ? 6    TRP B N   1 
ATOM   789  C  CA  . TRP B 1 6  ? 0.820   12.380  7.221   1.00 17.51 ? 6    TRP B CA  1 
ATOM   790  C  C   . TRP B 1 6  ? -0.672  12.171  6.990   1.00 20.77 ? 6    TRP B C   1 
ATOM   791  O  O   . TRP B 1 6  ? -1.449  11.958  7.911   1.00 17.65 ? 6    TRP B O   1 
ATOM   792  C  CB  . TRP B 1 6  ? 1.099   13.832  7.645   1.00 16.94 ? 6    TRP B CB  1 
ATOM   793  C  CG  . TRP B 1 6  ? 2.573   14.025  7.846   1.00 16.20 ? 6    TRP B CG  1 
ATOM   794  C  CD1 . TRP B 1 6  ? 3.441   14.582  6.951   1.00 18.19 ? 6    TRP B CD1 1 
ATOM   795  C  CD2 . TRP B 1 6  ? 3.342   13.667  8.996   1.00 16.86 ? 6    TRP B CD2 1 
ATOM   796  N  NE1 . TRP B 1 6  ? 4.701   14.584  7.481   1.00 18.17 ? 6    TRP B NE1 1 
ATOM   797  C  CE2 . TRP B 1 6  ? 4.673   14.036  8.728   1.00 15.73 ? 6    TRP B CE2 1 
ATOM   798  C  CE3 . TRP B 1 6  ? 3.040   13.073  10.223  1.00 13.54 ? 6    TRP B CE3 1 
ATOM   799  C  CZ2 . TRP B 1 6  ? 5.726   13.844  9.620   1.00 17.40 ? 6    TRP B CZ2 1 
ATOM   800  C  CZ3 . TRP B 1 6  ? 4.084   12.881  11.109  1.00 15.00 ? 6    TRP B CZ3 1 
ATOM   801  C  CH2 . TRP B 1 6  ? 5.396   13.257  10.816  1.00 14.84 ? 6    TRP B CH2 1 
ATOM   802  N  N   . GLN B 1 7  ? -1.076  12.248  5.728   1.00 17.36 ? 7    GLN B N   1 
ATOM   803  C  CA  . GLN B 1 7  ? -2.446  11.922  5.375   1.00 18.41 ? 7    GLN B CA  1 
ATOM   804  C  C   . GLN B 1 7  ? -2.372  10.894  4.251   1.00 17.85 ? 7    GLN B C   1 
ATOM   805  O  O   . GLN B 1 7  ? -1.310  10.701  3.668   1.00 17.95 ? 7    GLN B O   1 
ATOM   806  C  CB  . GLN B 1 7  ? -3.254  13.134  4.958   1.00 25.43 ? 7    GLN B CB  1 
ATOM   807  C  CG  . GLN B 1 7  ? -2.665  13.927  3.806   1.00 37.25 ? 7    GLN B CG  1 
ATOM   808  C  CD  . GLN B 1 7  ? -3.385  15.256  3.624   1.00 46.80 ? 7    GLN B CD  1 
ATOM   809  O  OE1 . GLN B 1 7  ? -4.279  15.385  2.790   1.00 53.35 ? 7    GLN B OE1 1 
ATOM   810  N  NE2 . GLN B 1 7  ? -3.001  16.255  4.409   1.00 51.45 ? 7    GLN B NE2 1 
ATOM   811  N  N   . ARG B 1 8  ? -3.488  10.248  3.982   1.00 15.05 ? 8    ARG B N   1 
ATOM   812  C  CA  . ARG B 1 8  ? -3.488  9.306   2.862   1.00 16.33 ? 8    ARG B CA  1 
ATOM   813  C  C   . ARG B 1 8  ? -3.069  9.996   1.574   1.00 17.57 ? 8    ARG B C   1 
ATOM   814  O  O   . ARG B 1 8  ? -3.531  11.113  1.294   1.00 16.47 ? 8    ARG B O   1 
ATOM   815  C  CB  . ARG B 1 8  ? -4.881  8.701   2.737   1.00 15.97 ? 8    ARG B CB  1 
ATOM   816  C  CG  . ARG B 1 8  ? -5.293  7.811   3.900   1.00 24.39 ? 8    ARG B CG  1 
ATOM   817  C  CD  . ARG B 1 8  ? -6.530  7.036   3.461   1.00 29.47 ? 8    ARG B CD  1 
ATOM   818  N  NE  . ARG B 1 8  ? -7.412  6.656   4.542   1.00 43.69 ? 8    ARG B NE  1 
ATOM   819  C  CZ  . ARG B 1 8  ? -7.528  5.496   5.163   1.00 51.98 ? 8    ARG B CZ  1 
ATOM   820  N  NH1 . ARG B 1 8  ? -6.769  4.457   4.838   1.00 59.80 ? 8    ARG B NH1 1 
ATOM   821  N  NH2 . ARG B 1 8  ? -8.426  5.370   6.139   1.00 40.33 ? 8    ARG B NH2 1 
ATOM   822  N  N   . PRO B 1 9  ? -2.187  9.361   0.799   1.00 17.49 ? 9    PRO B N   1 
ATOM   823  C  CA  . PRO B 1 9  ? -1.773  9.924   -0.491  1.00 13.06 ? 9    PRO B CA  1 
ATOM   824  C  C   . PRO B 1 9  ? -2.811  9.747   -1.597  1.00 18.91 ? 9    PRO B C   1 
ATOM   825  O  O   . PRO B 1 9  ? -2.629  9.049   -2.611  1.00 18.52 ? 9    PRO B O   1 
ATOM   826  C  CB  . PRO B 1 9  ? -0.480  9.158   -0.798  1.00 16.59 ? 9    PRO B CB  1 
ATOM   827  C  CG  . PRO B 1 9  ? -0.725  7.824   -0.169  1.00 15.01 ? 9    PRO B CG  1 
ATOM   828  C  CD  . PRO B 1 9  ? -1.477  8.104   1.100   1.00 14.99 ? 9    PRO B CD  1 
ATOM   829  N  N   . LEU B 1 10 ? -3.935  10.433  -1.395  1.00 20.61 ? 10   LEU B N   1 
ATOM   830  C  CA  . LEU B 1 10 ? -5.038  10.449  -2.363  1.00 20.01 ? 10   LEU B CA  1 
ATOM   831  C  C   . LEU B 1 10 ? -4.774  11.498  -3.430  1.00 24.70 ? 10   LEU B C   1 
ATOM   832  O  O   . LEU B 1 10 ? -4.420  12.641  -3.136  1.00 20.45 ? 10   LEU B O   1 
ATOM   833  C  CB  . LEU B 1 10 ? -6.377  10.706  -1.670  1.00 15.90 ? 10   LEU B CB  1 
ATOM   834  C  CG  . LEU B 1 10 ? -6.876  9.595   -0.749  1.00 22.57 ? 10   LEU B CG  1 
ATOM   835  C  CD1 . LEU B 1 10 ? -7.983  10.103  0.165   1.00 41.45 ? 10   LEU B CD1 1 
ATOM   836  C  CD2 . LEU B 1 10 ? -7.357  8.413   -1.579  1.00 28.79 ? 10   LEU B CD2 1 
ATOM   837  N  N   . VAL B 1 11 ? -4.924  11.121  -4.690  1.00 18.72 ? 11   VAL B N   1 
ATOM   838  C  CA  . VAL B 1 11 ? -4.693  12.026  -5.809  1.00 17.97 ? 11   VAL B CA  1 
ATOM   839  C  C   . VAL B 1 11 ? -5.789  11.907  -6.859  1.00 18.57 ? 11   VAL B C   1 
ATOM   840  O  O   . VAL B 1 11 ? -6.596  10.982  -6.871  1.00 23.95 ? 11   VAL B O   1 
ATOM   841  C  CB  . VAL B 1 11 ? -3.355  11.767  -6.526  1.00 19.84 ? 11   VAL B CB  1 
ATOM   842  C  CG1 . VAL B 1 11 ? -2.184  11.909  -5.564  1.00 24.05 ? 11   VAL B CG1 1 
ATOM   843  C  CG2 . VAL B 1 11 ? -3.394  10.389  -7.168  1.00 27.84 ? 11   VAL B CG2 1 
ATOM   844  N  N   . THR B 1 12 ? -5.801  12.880  -7.767  1.00 15.63 ? 12   THR B N   1 
ATOM   845  C  CA  . THR B 1 12 ? -6.801  12.810  -8.830  1.00 14.12 ? 12   THR B CA  1 
ATOM   846  C  C   . THR B 1 12 ? -6.208  12.094  -10.040 1.00 15.36 ? 12   THR B C   1 
ATOM   847  O  O   . THR B 1 12 ? -5.099  12.419  -10.473 1.00 19.81 ? 12   THR B O   1 
ATOM   848  C  CB  . THR B 1 12 ? -7.288  14.208  -9.259  1.00 16.96 ? 12   THR B CB  1 
ATOM   849  O  OG1 . THR B 1 12 ? -7.770  14.890  -8.106  1.00 20.78 ? 12   THR B OG1 1 
ATOM   850  C  CG2 . THR B 1 12 ? -8.457  14.124  -10.230 1.00 20.97 ? 12   THR B CG2 1 
ATOM   851  N  N   . ILE B 1 13 ? -6.974  11.133  -10.525 1.00 11.71 ? 13   ILE B N   1 
ATOM   852  C  CA  . ILE B 1 13 ? -6.618  10.405  -11.732 1.00 15.47 ? 13   ILE B CA  1 
ATOM   853  C  C   . ILE B 1 13 ? -7.644  10.750  -12.808 1.00 16.26 ? 13   ILE B C   1 
ATOM   854  O  O   . ILE B 1 13 ? -8.733  11.199  -12.448 1.00 16.69 ? 13   ILE B O   1 
ATOM   855  C  CB  . ILE B 1 13 ? -6.594  8.888   -11.500 1.00 18.22 ? 13   ILE B CB  1 
ATOM   856  C  CG1 . ILE B 1 13 ? -7.926  8.254   -11.086 1.00 19.45 ? 13   ILE B CG1 1 
ATOM   857  C  CG2 . ILE B 1 13 ? -5.537  8.532   -10.469 1.00 18.32 ? 13   ILE B CG2 1 
ATOM   858  C  CD1 . ILE B 1 13 ? -7.889  6.739   -11.188 1.00 19.62 ? 13   ILE B CD1 1 
ATOM   859  N  N   . LYS B 1 14 ? -7.339  10.534  -14.082 1.00 18.29 ? 14   LYS B N   1 
ATOM   860  C  CA  . LYS B 1 14 ? -8.376  10.619  -15.105 1.00 14.57 ? 14   LYS B CA  1 
ATOM   861  C  C   . LYS B 1 14 ? -8.410  9.335   -15.927 1.00 15.78 ? 14   LYS B C   1 
ATOM   862  O  O   . LYS B 1 14 ? -7.388  8.875   -16.426 1.00 17.01 ? 14   LYS B O   1 
ATOM   863  C  CB  . LYS B 1 14 ? -8.163  11.800  -16.049 1.00 14.11 ? 14   LYS B CB  1 
ATOM   864  C  CG  . LYS B 1 14 ? -9.323  11.989  -17.019 1.00 22.34 ? 14   LYS B CG  1 
ATOM   865  C  CD  . LYS B 1 14 ? -9.323  13.386  -17.635 1.00 24.47 ? 14   LYS B CD  1 
ATOM   866  C  CE  . LYS B 1 14 ? -8.259  13.521  -18.704 1.00 23.76 ? 14   LYS B CE  1 
ATOM   867  N  NZ  . LYS B 1 14 ? -8.437  14.731  -19.566 1.00 26.54 ? 14   LYS B NZ  1 
ATOM   868  N  N   . ILE B 1 15 ? -9.576  8.746   -16.067 1.00 15.50 ? 15   ILE B N   1 
ATOM   869  C  CA  . ILE B 1 15 ? -9.679  7.522   -16.870 1.00 20.89 ? 15   ILE B CA  1 
ATOM   870  C  C   . ILE B 1 15 ? -11.059 7.541   -17.510 1.00 20.42 ? 15   ILE B C   1 
ATOM   871  O  O   . ILE B 1 15 ? -12.005 7.905   -16.808 1.00 17.27 ? 15   ILE B O   1 
ATOM   872  C  CB  . ILE B 1 15 ? -9.417  6.267   -16.025 1.00 22.30 ? 15   ILE B CB  1 
ATOM   873  C  CG1 . ILE B 1 15 ? -9.541  4.952   -16.798 1.00 22.15 ? 15   ILE B CG1 1 
ATOM   874  C  CG2 . ILE B 1 15 ? -10.308 6.220   -14.792 1.00 17.03 ? 15   ILE B CG2 1 
ATOM   875  C  CD1 . ILE B 1 15 ? -8.994  3.768   -16.025 1.00 20.89 ? 15   ILE B CD1 1 
ATOM   876  N  N   . GLY B 1 16 ? -11.156 7.204   -18.791 1.00 20.47 ? 16   GLY B N   1 
ATOM   877  C  CA  . GLY B 1 16 ? -12.423 7.252   -19.498 1.00 22.02 ? 16   GLY B CA  1 
ATOM   878  C  C   . GLY B 1 16 ? -13.020 8.644   -19.534 1.00 23.61 ? 16   GLY B C   1 
ATOM   879  O  O   . GLY B 1 16 ? -14.244 8.822   -19.559 1.00 21.15 ? 16   GLY B O   1 
ATOM   880  N  N   . GLY B 1 17 ? -12.185 9.672   -19.530 1.00 19.74 ? 17   GLY B N   1 
ATOM   881  C  CA  . GLY B 1 17 ? -12.651 11.045  -19.513 1.00 25.97 ? 17   GLY B CA  1 
ATOM   882  C  C   . GLY B 1 17 ? -13.186 11.523  -18.175 1.00 23.32 ? 17   GLY B C   1 
ATOM   883  O  O   . GLY B 1 17 ? -13.716 12.634  -18.048 1.00 20.10 ? 17   GLY B O   1 
ATOM   884  N  N   . GLN B 1 18 ? -13.073 10.706  -17.142 1.00 20.41 ? 18   GLN B N   1 
ATOM   885  C  CA  . GLN B 1 18 ? -13.624 11.003  -15.827 1.00 16.39 ? 18   GLN B CA  1 
ATOM   886  C  C   . GLN B 1 18 ? -12.538 11.221  -14.790 1.00 19.24 ? 18   GLN B C   1 
ATOM   887  O  O   . GLN B 1 18 ? -11.553 10.491  -14.742 1.00 17.21 ? 18   GLN B O   1 
ATOM   888  C  CB  . GLN B 1 18 ? -14.521 9.841   -15.368 1.00 23.31 ? 18   GLN B CB  1 
ATOM   889  C  CG  . GLN B 1 18 ? -15.897 9.868   -16.014 1.00 37.56 ? 18   GLN B CG  1 
ATOM   890  C  CD  . GLN B 1 18 ? -16.664 11.134  -15.665 1.00 53.77 ? 18   GLN B CD  1 
ATOM   891  O  OE1 . GLN B 1 18 ? -17.333 11.204  -14.630 1.00 71.18 ? 18   GLN B OE1 1 
ATOM   892  N  NE2 . GLN B 1 18 ? -16.570 12.148  -16.520 1.00 57.25 ? 18   GLN B NE2 1 
ATOM   893  N  N   . LEU B 1 19 ? -12.708 12.226  -13.938 1.00 18.25 ? 19   LEU B N   1 
ATOM   894  C  CA  . LEU B 1 19 ? -11.778 12.407  -12.841 1.00 17.15 ? 19   LEU B CA  1 
ATOM   895  C  C   . LEU B 1 19 ? -12.244 11.537  -11.666 1.00 19.18 ? 19   LEU B C   1 
ATOM   896  O  O   . LEU B 1 19 ? -13.451 11.462  -11.441 1.00 18.56 ? 19   LEU B O   1 
ATOM   897  C  CB  . LEU B 1 19 ? -11.688 13.846  -12.337 1.00 21.25 ? 19   LEU B CB  1 
ATOM   898  C  CG  . LEU B 1 19 ? -11.424 14.959  -13.344 1.00 21.80 ? 19   LEU B CG  1 
ATOM   899  C  CD1 . LEU B 1 19 ? -11.403 16.312  -12.636 1.00 27.52 ? 19   LEU B CD1 1 
ATOM   900  C  CD2 . LEU B 1 19 ? -10.121 14.724  -14.080 1.00 22.20 ? 19   LEU B CD2 1 
ATOM   901  N  N   . LYS B 1 20 ? -11.294 10.936  -10.976 1.00 20.52 ? 20   LYS B N   1 
ATOM   902  C  CA  . LYS B 1 20 ? -11.557 10.097  -9.813  1.00 20.42 ? 20   LYS B CA  1 
ATOM   903  C  C   . LYS B 1 20 ? -10.444 10.271  -8.773  1.00 21.14 ? 20   LYS B C   1 
ATOM   904  O  O   . LYS B 1 20 ? -9.311  10.614  -9.101  1.00 17.23 ? 20   LYS B O   1 
ATOM   905  C  CB  . LYS B 1 20 ? -11.668 8.625   -10.182 1.00 14.56 ? 20   LYS B CB  1 
ATOM   906  C  CG  . LYS B 1 20 ? -12.719 8.174   -11.174 1.00 17.69 ? 20   LYS B CG  1 
ATOM   907  C  CD  . LYS B 1 20 ? -12.392 6.784   -11.694 1.00 16.14 ? 20   LYS B CD  1 
ATOM   908  C  CE  . LYS B 1 20 ? -13.436 6.254   -12.661 1.00 27.38 ? 20   LYS B CE  1 
ATOM   909  N  NZ  . LYS B 1 20 ? -14.530 5.548   -11.939 1.00 30.89 ? 20   LYS B NZ  1 
ATOM   910  N  N   . GLU B 1 21 ? -10.770 10.008  -7.511  1.00 18.82 ? 21   GLU B N   1 
ATOM   911  C  CA  . GLU B 1 21 ? -9.753  10.014  -6.458  1.00 21.08 ? 21   GLU B CA  1 
ATOM   912  C  C   . GLU B 1 21 ? -9.174  8.608   -6.310  1.00 16.25 ? 21   GLU B C   1 
ATOM   913  O  O   . GLU B 1 21 ? -9.919  7.622   -6.311  1.00 18.24 ? 21   GLU B O   1 
ATOM   914  C  CB  . GLU B 1 21 ? -10.330 10.500  -5.125  1.00 22.32 ? 21   GLU B CB  1 
ATOM   915  C  CG  . GLU B 1 21 ? -9.324  11.132  -4.187  1.00 48.30 ? 21   GLU B CG  1 
ATOM   916  C  CD  . GLU B 1 21 ? -9.801  11.288  -2.756  1.00 54.41 ? 21   GLU B CD  1 
ATOM   917  O  OE1 . GLU B 1 21 ? -9.171  12.082  -2.017  1.00 73.50 ? 21   GLU B OE1 1 
ATOM   918  O  OE2 . GLU B 1 21 ? -10.784 10.632  -2.351  1.00 35.36 ? 21   GLU B OE2 1 
ATOM   919  N  N   . ALA B 1 22 ? -7.867  8.506   -6.165  1.00 14.61 ? 22   ALA B N   1 
ATOM   920  C  CA  . ALA B 1 22 ? -7.212  7.206   -6.029  1.00 12.44 ? 22   ALA B CA  1 
ATOM   921  C  C   . ALA B 1 22 ? -6.041  7.333   -5.052  1.00 17.58 ? 22   ALA B C   1 
ATOM   922  O  O   . ALA B 1 22 ? -5.455  8.403   -4.936  1.00 20.38 ? 22   ALA B O   1 
ATOM   923  C  CB  . ALA B 1 22 ? -6.717  6.695   -7.358  1.00 20.23 ? 22   ALA B CB  1 
ATOM   924  N  N   . LEU B 1 23 ? -5.734  6.248   -4.390  1.00 15.53 ? 23   LEU B N   1 
ATOM   925  C  CA  . LEU B 1 23 ? -4.681  6.116   -3.404  1.00 14.82 ? 23   LEU B CA  1 
ATOM   926  C  C   . LEU B 1 23 ? -3.393  5.586   -4.018  1.00 18.62 ? 23   LEU B C   1 
ATOM   927  O  O   . LEU B 1 23 ? -3.447  4.508   -4.621  1.00 16.64 ? 23   LEU B O   1 
ATOM   928  C  CB  . LEU B 1 23 ? -5.176  5.132   -2.350  1.00 20.59 ? 23   LEU B CB  1 
ATOM   929  C  CG  . LEU B 1 23 ? -4.332  4.921   -1.099  1.00 20.26 ? 23   LEU B CG  1 
ATOM   930  C  CD1 . LEU B 1 23 ? -4.326  6.177   -0.238  1.00 25.07 ? 23   LEU B CD1 1 
ATOM   931  C  CD2 . LEU B 1 23 ? -4.868  3.715   -0.339  1.00 20.55 ? 23   LEU B CD2 1 
ATOM   932  N  N   . LEU B 1 24 ? -2.297  6.304   -3.874  1.00 16.12 ? 24   LEU B N   1 
ATOM   933  C  CA  . LEU B 1 24 ? -1.004  5.815   -4.345  1.00 15.11 ? 24   LEU B CA  1 
ATOM   934  C  C   . LEU B 1 24 ? -0.501  4.774   -3.356  1.00 18.85 ? 24   LEU B C   1 
ATOM   935  O  O   . LEU B 1 24 ? -0.221  5.124   -2.213  1.00 20.06 ? 24   LEU B O   1 
ATOM   936  C  CB  . LEU B 1 24 ? -0.014  6.958   -4.489  1.00 17.65 ? 24   LEU B CB  1 
ATOM   937  C  CG  . LEU B 1 24 ? -0.468  8.170   -5.309  1.00 18.48 ? 24   LEU B CG  1 
ATOM   938  C  CD1 . LEU B 1 24 ? 0.656   9.185   -5.417  1.00 23.66 ? 24   LEU B CD1 1 
ATOM   939  C  CD2 . LEU B 1 24 ? -0.942  7.731   -6.685  1.00 19.98 ? 24   LEU B CD2 1 
ATOM   940  N  N   . ASP B 1 25 ? -0.429  3.525   -3.802  1.00 15.29 ? 25   ASP B N   1 
ATOM   941  C  CA  . ASP B 1 25 ? -0.204  2.413   -2.893  1.00 18.42 ? 25   ASP B CA  1 
ATOM   942  C  C   . ASP B 1 25 ? 1.032   1.613   -3.281  1.00 19.43 ? 25   ASP B C   1 
ATOM   943  O  O   . ASP B 1 25 ? 0.991   0.767   -4.170  1.00 16.78 ? 25   ASP B O   1 
ATOM   944  C  CB  . ASP B 1 25 ? -1.452  1.522   -2.870  1.00 22.17 ? 25   ASP B CB  1 
ATOM   945  C  CG  . ASP B 1 25 ? -1.460  0.579   -1.686  1.00 28.48 ? 25   ASP B CG  1 
ATOM   946  O  OD1 . ASP B 1 25 ? -0.379  0.356   -1.102  1.00 24.99 ? 25   ASP B OD1 1 
ATOM   947  O  OD2 . ASP B 1 25 ? -2.535  0.052   -1.338  1.00 31.40 ? 25   ASP B OD2 1 
ATOM   948  N  N   . THR B 1 26 ? 2.157   1.870   -2.623  1.00 17.83 ? 26   THR B N   1 
ATOM   949  C  CA  . THR B 1 26 ? 3.375   1.124   -2.922  1.00 15.30 ? 26   THR B CA  1 
ATOM   950  C  C   . THR B 1 26 ? 3.308   -0.329  -2.475  1.00 14.85 ? 26   THR B C   1 
ATOM   951  O  O   . THR B 1 26 ? 4.138   -1.149  -2.883  1.00 17.56 ? 26   THR B O   1 
ATOM   952  C  CB  . THR B 1 26 ? 4.589   1.782   -2.244  1.00 18.23 ? 26   THR B CB  1 
ATOM   953  O  OG1 . THR B 1 26 ? 4.361   1.878   -0.837  1.00 15.88 ? 26   THR B OG1 1 
ATOM   954  C  CG2 . THR B 1 26 ? 4.756   3.200   -2.775  1.00 17.72 ? 26   THR B CG2 1 
ATOM   955  N  N   . GLY B 1 27 ? 2.326   -0.637  -1.650  1.00 17.51 ? 27   GLY B N   1 
ATOM   956  C  CA  . GLY B 1 27 ? 2.046   -1.986  -1.201  1.00 14.02 ? 27   GLY B CA  1 
ATOM   957  C  C   . GLY B 1 27 ? 1.349   -2.836  -2.257  1.00 15.84 ? 27   GLY B C   1 
ATOM   958  O  O   . GLY B 1 27 ? 1.314   -4.060  -2.135  1.00 21.07 ? 27   GLY B O   1 
ATOM   959  N  N   . ALA B 1 28 ? 0.789   -2.210  -3.276  1.00 17.37 ? 28   ALA B N   1 
ATOM   960  C  CA  . ALA B 1 28 ? 0.026   -2.845  -4.330  1.00 22.88 ? 28   ALA B CA  1 
ATOM   961  C  C   . ALA B 1 28 ? 0.860   -3.096  -5.583  1.00 14.54 ? 28   ALA B C   1 
ATOM   962  O  O   . ALA B 1 28 ? 1.462   -2.195  -6.161  1.00 17.53 ? 28   ALA B O   1 
ATOM   963  C  CB  . ALA B 1 28 ? -1.191  -2.009  -4.707  1.00 22.70 ? 28   ALA B CB  1 
ATOM   964  N  N   . ASP B 1 29 ? 0.882   -4.360  -5.993  1.00 12.71 ? 29   ASP B N   1 
ATOM   965  C  CA  . ASP B 1 29 ? 1.627   -4.721  -7.198  1.00 13.95 ? 29   ASP B CA  1 
ATOM   966  C  C   . ASP B 1 29 ? 0.965   -4.122  -8.435  1.00 15.74 ? 29   ASP B C   1 
ATOM   967  O  O   . ASP B 1 29 ? 1.605   -3.714  -9.390  1.00 17.23 ? 29   ASP B O   1 
ATOM   968  C  CB  . ASP B 1 29 ? 1.700   -6.224  -7.427  1.00 19.66 ? 29   ASP B CB  1 
ATOM   969  C  CG  . ASP B 1 29 ? 2.555   -7.004  -6.456  1.00 24.56 ? 29   ASP B CG  1 
ATOM   970  O  OD1 . ASP B 1 29 ? 3.302   -6.436  -5.634  1.00 20.00 ? 29   ASP B OD1 1 
ATOM   971  O  OD2 . ASP B 1 29 ? 2.461   -8.251  -6.522  1.00 24.35 ? 29   ASP B OD2 1 
ATOM   972  N  N   . ASP B 1 30 ? -0.363  -4.123  -8.382  1.00 16.09 ? 30   ASP B N   1 
ATOM   973  C  CA  . ASP B 1 30 ? -1.170  -3.744  -9.523  1.00 15.98 ? 30   ASP B CA  1 
ATOM   974  C  C   . ASP B 1 30 ? -2.207  -2.690  -9.144  1.00 17.43 ? 30   ASP B C   1 
ATOM   975  O  O   . ASP B 1 30 ? -2.546  -2.521  -7.981  1.00 21.98 ? 30   ASP B O   1 
ATOM   976  C  CB  . ASP B 1 30 ? -1.919  -4.959  -10.080 1.00 16.23 ? 30   ASP B CB  1 
ATOM   977  C  CG  . ASP B 1 30 ? -1.018  -6.151  -10.323 1.00 21.83 ? 30   ASP B CG  1 
ATOM   978  O  OD1 . ASP B 1 30 ? -1.193  -7.186  -9.649  1.00 31.70 ? 30   ASP B OD1 1 
ATOM   979  O  OD2 . ASP B 1 30 ? -0.141  -6.036  -11.191 1.00 20.58 ? 30   ASP B OD2 1 
ATOM   980  N  N   . THR B 1 31 ? -2.694  -2.023  -10.174 1.00 15.03 ? 31   THR B N   1 
ATOM   981  C  CA  . THR B 1 31 ? -3.719  -1.004  -10.020 1.00 13.45 ? 31   THR B CA  1 
ATOM   982  C  C   . THR B 1 31 ? -5.100  -1.646  -10.019 1.00 19.48 ? 31   THR B C   1 
ATOM   983  O  O   . THR B 1 31 ? -5.423  -2.430  -10.911 1.00 18.49 ? 31   THR B O   1 
ATOM   984  C  CB  . THR B 1 31 ? -3.569  0.008   -11.159 1.00 16.68 ? 31   THR B CB  1 
ATOM   985  O  OG1 . THR B 1 31 ? -2.323  0.700   -10.966 1.00 19.46 ? 31   THR B OG1 1 
ATOM   986  C  CG2 . THR B 1 31 ? -4.666  1.051   -11.150 1.00 14.54 ? 31   THR B CG2 1 
ATOM   987  N  N   . VAL B 1 32 ? -5.897  -1.307  -9.012  1.00 12.47 ? 32   VAL B N   1 
ATOM   988  C  CA  . VAL B 1 32 ? -7.242  -1.812  -8.833  1.00 14.92 ? 32   VAL B CA  1 
ATOM   989  C  C   . VAL B 1 32 ? -8.253  -0.674  -8.661  1.00 16.09 ? 32   VAL B C   1 
ATOM   990  O  O   . VAL B 1 32 ? -8.141  0.128   -7.732  1.00 15.74 ? 32   VAL B O   1 
ATOM   991  C  CB  . VAL B 1 32 ? -7.370  -2.722  -7.593  1.00 21.66 ? 32   VAL B CB  1 
ATOM   992  C  CG1 . VAL B 1 32 ? -8.708  -3.453  -7.671  1.00 19.26 ? 32   VAL B CG1 1 
ATOM   993  C  CG2 . VAL B 1 32 ? -6.241  -3.721  -7.458  1.00 19.96 ? 32   VAL B CG2 1 
ATOM   994  N  N   . LEU B 1 33 ? -9.221  -0.588  -9.556  1.00 16.94 ? 33   LEU B N   1 
ATOM   995  C  CA  . LEU B 1 33 ? -10.205 0.474   -9.554  1.00 14.90 ? 33   LEU B CA  1 
ATOM   996  C  C   . LEU B 1 33 ? -11.611 -0.045  -9.258  1.00 17.19 ? 33   LEU B C   1 
ATOM   997  O  O   . LEU B 1 33 ? -11.938 -1.180  -9.609  1.00 14.43 ? 33   LEU B O   1 
ATOM   998  C  CB  . LEU B 1 33 ? -10.275 1.180   -10.911 1.00 21.49 ? 33   LEU B CB  1 
ATOM   999  C  CG  . LEU B 1 33 ? -8.986  1.807   -11.445 1.00 19.07 ? 33   LEU B CG  1 
ATOM   1000 C  CD1 . LEU B 1 33 ? -9.298  2.673   -12.661 1.00 26.17 ? 33   LEU B CD1 1 
ATOM   1001 C  CD2 . LEU B 1 33 ? -8.277  2.618   -10.382 1.00 19.58 ? 33   LEU B CD2 1 
ATOM   1002 N  N   . GLU B 1 34 ? -12.400 0.825   -8.649  1.00 14.56 ? 34   GLU B N   1 
ATOM   1003 C  CA  . GLU B 1 34 ? -13.808 0.579   -8.373  1.00 14.89 ? 34   GLU B CA  1 
ATOM   1004 C  C   . GLU B 1 34 ? -14.528 0.285   -9.690  1.00 19.29 ? 34   GLU B C   1 
ATOM   1005 O  O   . GLU B 1 34 ? -14.110 0.830   -10.712 1.00 19.31 ? 34   GLU B O   1 
ATOM   1006 C  CB  . GLU B 1 34 ? -14.433 1.782   -7.653  1.00 17.41 ? 34   GLU B CB  1 
ATOM   1007 C  CG  . GLU B 1 34 ? -13.785 2.140   -6.323  1.00 23.13 ? 34   GLU B CG  1 
ATOM   1008 C  CD  . GLU B 1 34 ? -13.890 3.596   -5.916  1.00 32.05 ? 34   GLU B CD  1 
ATOM   1009 O  OE1 . GLU B 1 34 ? -14.893 4.226   -6.323  1.00 21.81 ? 34   GLU B OE1 1 
ATOM   1010 O  OE2 . GLU B 1 34 ? -13.017 4.164   -5.199  1.00 22.00 ? 34   GLU B OE2 1 
ATOM   1011 N  N   . GLU B 1 35 ? -15.561 -0.533  -9.648  1.00 17.65 ? 35   GLU B N   1 
ATOM   1012 C  CA  . GLU B 1 35 ? -16.378 -0.886  -10.796 1.00 14.70 ? 35   GLU B CA  1 
ATOM   1013 C  C   . GLU B 1 35 ? -16.666 0.313   -11.687 1.00 18.13 ? 35   GLU B C   1 
ATOM   1014 O  O   . GLU B 1 35 ? -17.094 1.356   -11.203 1.00 18.97 ? 35   GLU B O   1 
ATOM   1015 C  CB  . GLU B 1 35 ? -17.705 -1.496  -10.340 1.00 15.97 ? 35   GLU B CB  1 
ATOM   1016 C  CG  . GLU B 1 35 ? -18.553 -1.960  -11.509 1.00 19.67 ? 35   GLU B CG  1 
ATOM   1017 C  CD  . GLU B 1 35 ? -17.881 -3.046  -12.331 1.00 20.45 ? 35   GLU B CD  1 
ATOM   1018 O  OE1 . GLU B 1 35 ? -17.839 -2.887  -13.562 1.00 25.85 ? 35   GLU B OE1 1 
ATOM   1019 O  OE2 . GLU B 1 35 ? -17.410 -4.039  -11.744 1.00 24.37 ? 35   GLU B OE2 1 
ATOM   1020 N  N   . MET B 1 36 ? -16.391 0.142   -12.964 1.00 20.82 ? 36   MET B N   1 
ATOM   1021 C  CA  . MET B 1 36 ? -16.510 1.181   -13.975 1.00 16.43 ? 36   MET B CA  1 
ATOM   1022 C  C   . MET B 1 36 ? -16.526 0.498   -15.336 1.00 17.40 ? 36   MET B C   1 
ATOM   1023 O  O   . MET B 1 36 ? -16.147 -0.668  -15.471 1.00 17.85 ? 36   MET B O   1 
ATOM   1024 C  CB  . MET B 1 36 ? -15.377 2.206   -13.879 1.00 19.65 ? 36   MET B CB  1 
ATOM   1025 C  CG  . MET B 1 36 ? -14.018 1.716   -14.345 1.00 22.68 ? 36   MET B CG  1 
ATOM   1026 S  SD  . MET B 1 36 ? -12.733 2.982   -14.402 1.00 23.40 ? 36   MET B SD  1 
ATOM   1027 C  CE  . MET B 1 36 ? -13.312 3.939   -15.812 1.00 26.29 ? 36   MET B CE  1 
ATOM   1028 N  N   . SER B 1 37 ? -16.972 1.234   -16.339 1.00 20.34 ? 37   SER B N   1 
ATOM   1029 C  CA  . SER B 1 37 ? -16.956 0.695   -17.699 1.00 21.53 ? 37   SER B CA  1 
ATOM   1030 C  C   . SER B 1 37 ? -15.647 0.994   -18.412 1.00 16.55 ? 37   SER B C   1 
ATOM   1031 O  O   . SER B 1 37 ? -15.175 2.128   -18.450 1.00 22.29 ? 37   SER B O   1 
ATOM   1032 C  CB  . SER B 1 37 ? -18.171 1.276   -18.430 1.00 27.11 ? 37   SER B CB  1 
ATOM   1033 O  OG  . SER B 1 37 ? -17.974 1.237   -19.829 1.00 41.85 ? 37   SER B OG  1 
ATOM   1034 N  N   . LEU B 1 38 ? -15.000 -0.010  -18.993 1.00 16.72 ? 38   LEU B N   1 
ATOM   1035 C  CA  . LEU B 1 38 ? -13.791 0.176   -19.788 1.00 17.97 ? 38   LEU B CA  1 
ATOM   1036 C  C   . LEU B 1 38 ? -13.913 -0.543  -21.135 1.00 12.82 ? 38   LEU B C   1 
ATOM   1037 O  O   . LEU B 1 38 ? -14.662 -1.523  -21.240 1.00 19.10 ? 38   LEU B O   1 
ATOM   1038 C  CB  . LEU B 1 38 ? -12.539 -0.338  -19.077 1.00 21.10 ? 38   LEU B CB  1 
ATOM   1039 C  CG  . LEU B 1 38 ? -12.058 0.430   -17.848 1.00 26.35 ? 38   LEU B CG  1 
ATOM   1040 C  CD1 . LEU B 1 38 ? -10.837 -0.237  -17.224 1.00 21.42 ? 38   LEU B CD1 1 
ATOM   1041 C  CD2 . LEU B 1 38 ? -11.754 1.874   -18.217 1.00 21.23 ? 38   LEU B CD2 1 
ATOM   1042 N  N   . PRO B 1 39 ? -13.210 -0.076  -22.153 1.00 18.10 ? 39   PRO B N   1 
ATOM   1043 C  CA  . PRO B 1 39 ? -13.342 -0.693  -23.479 1.00 19.44 ? 39   PRO B CA  1 
ATOM   1044 C  C   . PRO B 1 39 ? -12.502 -1.944  -23.635 1.00 17.07 ? 39   PRO B C   1 
ATOM   1045 O  O   . PRO B 1 39 ? -11.566 -2.230  -22.898 1.00 18.63 ? 39   PRO B O   1 
ATOM   1046 C  CB  . PRO B 1 39 ? -12.790 0.401   -24.403 1.00 22.82 ? 39   PRO B CB  1 
ATOM   1047 C  CG  . PRO B 1 39 ? -11.683 0.972   -23.575 1.00 21.42 ? 39   PRO B CG  1 
ATOM   1048 C  CD  . PRO B 1 39 ? -12.254 1.039   -22.181 1.00 20.37 ? 39   PRO B CD  1 
ATOM   1049 N  N   . GLY B 1 40 ? -12.849 -2.724  -24.663 1.00 19.20 ? 40   GLY B N   1 
ATOM   1050 C  CA  . GLY B 1 40 ? -12.029 -3.873  -25.004 1.00 20.63 ? 40   GLY B CA  1 
ATOM   1051 C  C   . GLY B 1 40 ? -12.411 -5.124  -24.241 1.00 20.47 ? 40   GLY B C   1 
ATOM   1052 O  O   . GLY B 1 40 ? -13.454 -5.195  -23.595 1.00 24.26 ? 40   GLY B O   1 
ATOM   1053 N  N   . ARG B 1 41 ? -11.536 -6.116  -24.347 1.00 17.50 ? 41   ARG B N   1 
ATOM   1054 C  CA  . ARG B 1 41 ? -11.718 -7.389  -23.673 1.00 21.09 ? 41   ARG B CA  1 
ATOM   1055 C  C   . ARG B 1 41 ? -10.987 -7.399  -22.341 1.00 25.68 ? 41   ARG B C   1 
ATOM   1056 O  O   . ARG B 1 41 ? -10.012 -6.690  -22.114 1.00 21.52 ? 41   ARG B O   1 
ATOM   1057 C  CB  . ARG B 1 41 ? -11.205 -8.538  -24.551 1.00 20.27 ? 41   ARG B CB  1 
ATOM   1058 C  CG  . ARG B 1 41 ? -12.217 -8.773  -25.680 1.00 26.33 ? 41   ARG B CG  1 
ATOM   1059 C  CD  . ARG B 1 41 ? -11.858 -9.978  -26.503 1.00 27.39 ? 41   ARG B CD  1 
ATOM   1060 N  NE  . ARG B 1 41 ? -11.832 -11.220 -25.749 1.00 20.69 ? 41   ARG B NE  1 
ATOM   1061 C  CZ  . ARG B 1 41 ? -12.846 -12.044 -25.566 1.00 16.02 ? 41   ARG B CZ  1 
ATOM   1062 N  NH1 . ARG B 1 41 ? -14.046 -11.797 -26.061 1.00 16.83 ? 41   ARG B NH1 1 
ATOM   1063 N  NH2 . ARG B 1 41 ? -12.670 -13.149 -24.857 1.00 19.83 ? 41   ARG B NH2 1 
ATOM   1064 N  N   . TRP B 1 42 ? -11.513 -8.237  -21.457 1.00 17.94 ? 42   TRP B N   1 
ATOM   1065 C  CA  . TRP B 1 42 ? -10.856 -8.370  -20.161 1.00 18.43 ? 42   TRP B CA  1 
ATOM   1066 C  C   . TRP B 1 42 ? -10.573 -9.848  -19.897 1.00 18.39 ? 42   TRP B C   1 
ATOM   1067 O  O   . TRP B 1 42 ? -11.195 -10.718 -20.506 1.00 18.15 ? 42   TRP B O   1 
ATOM   1068 C  CB  . TRP B 1 42 ? -11.693 -7.747  -19.059 1.00 15.81 ? 42   TRP B CB  1 
ATOM   1069 C  CG  . TRP B 1 42 ? -13.062 -8.321  -18.887 1.00 17.04 ? 42   TRP B CG  1 
ATOM   1070 C  CD1 . TRP B 1 42 ? -14.218 -7.996  -19.532 1.00 17.76 ? 42   TRP B CD1 1 
ATOM   1071 C  CD2 . TRP B 1 42 ? -13.405 -9.361  -17.963 1.00 14.96 ? 42   TRP B CD2 1 
ATOM   1072 N  NE1 . TRP B 1 42 ? -15.268 -8.769  -19.073 1.00 17.02 ? 42   TRP B NE1 1 
ATOM   1073 C  CE2 . TRP B 1 42 ? -14.780 -9.612  -18.111 1.00 17.41 ? 42   TRP B CE2 1 
ATOM   1074 C  CE3 . TRP B 1 42 ? -12.648 -10.086 -17.040 1.00 19.97 ? 42   TRP B CE3 1 
ATOM   1075 C  CZ2 . TRP B 1 42 ? -15.426 -10.578 -17.349 1.00 20.12 ? 42   TRP B CZ2 1 
ATOM   1076 C  CZ3 . TRP B 1 42 ? -13.298 -11.044 -16.286 1.00 26.79 ? 42   TRP B CZ3 1 
ATOM   1077 C  CH2 . TRP B 1 42 ? -14.668 -11.277 -16.447 1.00 25.33 ? 42   TRP B CH2 1 
ATOM   1078 N  N   . LYS B 1 43 ? -9.630  -10.080 -19.000 1.00 15.41 ? 43   LYS B N   1 
ATOM   1079 C  CA  . LYS B 1 43 ? -9.187  -11.403 -18.597 1.00 21.17 ? 43   LYS B CA  1 
ATOM   1080 C  C   . LYS B 1 43 ? -9.291  -11.528 -17.083 1.00 20.55 ? 43   LYS B C   1 
ATOM   1081 O  O   . LYS B 1 43 ? -9.286  -10.511 -16.386 1.00 18.51 ? 43   LYS B O   1 
ATOM   1082 C  CB  . LYS B 1 43 ? -7.752  -11.656 -19.044 1.00 26.53 ? 43   LYS B CB  1 
ATOM   1083 N  N   . PRO B 1 44 ? -9.356  -12.752 -16.589 1.00 19.50 ? 44   PRO B N   1 
ATOM   1084 C  CA  . PRO B 1 44 ? -9.534  -12.953 -15.147 1.00 21.47 ? 44   PRO B CA  1 
ATOM   1085 C  C   . PRO B 1 44 ? -8.188  -12.878 -14.440 1.00 18.52 ? 44   PRO B C   1 
ATOM   1086 O  O   . PRO B 1 44 ? -7.134  -13.230 -14.968 1.00 19.52 ? 44   PRO B O   1 
ATOM   1087 C  CB  . PRO B 1 44 ? -10.140 -14.357 -15.082 1.00 20.27 ? 44   PRO B CB  1 
ATOM   1088 C  CG  . PRO B 1 44 ? -9.471  -15.056 -16.225 1.00 21.65 ? 44   PRO B CG  1 
ATOM   1089 C  CD  . PRO B 1 44 ? -9.258  -14.032 -17.305 1.00 21.22 ? 44   PRO B CD  1 
ATOM   1090 N  N   . LYS B 1 45 ? -8.271  -12.397 -13.216 1.00 16.41 ? 45   LYS B N   1 
ATOM   1091 C  CA  . LYS B 1 45 ? -7.132  -12.125 -12.356 1.00 18.40 ? 45   LYS B CA  1 
ATOM   1092 C  C   . LYS B 1 45 ? -7.542  -12.392 -10.912 1.00 19.60 ? 45   LYS B C   1 
ATOM   1093 O  O   . LYS B 1 45 ? -8.619  -11.975 -10.494 1.00 20.57 ? 45   LYS B O   1 
ATOM   1094 C  CB  . LYS B 1 45 ? -6.676  -10.697 -12.622 1.00 15.57 ? 45   LYS B CB  1 
ATOM   1095 C  CG  . LYS B 1 45 ? -5.675  -10.119 -11.653 1.00 31.02 ? 45   LYS B CG  1 
ATOM   1096 C  CD  . LYS B 1 45 ? -4.348  -10.838 -11.796 1.00 26.31 ? 45   LYS B CD  1 
ATOM   1097 C  CE  . LYS B 1 45 ? -3.219  -10.045 -11.145 1.00 25.74 ? 45   LYS B CE  1 
ATOM   1098 N  NZ  . LYS B 1 45 ? -1.925  -10.703 -11.448 1.00 25.87 ? 45   LYS B NZ  1 
ATOM   1099 N  N   . MET B 1 46 ? -6.697  -13.111 -10.193 1.00 21.22 ? 46   MET B N   1 
ATOM   1100 C  CA  . MET B 1 46 ? -6.841  -13.398 -8.790  1.00 23.81 ? 46   MET B CA  1 
ATOM   1101 C  C   . MET B 1 46 ? -5.912  -12.480 -7.997  1.00 22.58 ? 46   MET B C   1 
ATOM   1102 O  O   . MET B 1 46 ? -4.714  -12.549 -8.268  1.00 21.75 ? 46   MET B O   1 
ATOM   1103 C  CB  . MET B 1 46 ? -6.403  -14.809 -8.399  1.00 30.98 ? 46   MET B CB  1 
ATOM   1104 C  CG  . MET B 1 46 ? -7.302  -15.950 -8.768  1.00 28.93 ? 46   MET B CG  1 
ATOM   1105 S  SD  . MET B 1 46 ? -9.033  -15.663 -8.413  1.00 42.30 ? 46   MET B SD  1 
ATOM   1106 C  CE  . MET B 1 46 ? -9.001  -15.551 -6.623  1.00 45.87 ? 46   MET B CE  1 
ATOM   1107 N  N   . ILE B 1 47 ? -6.407  -11.684 -7.058  1.00 25.19 ? 47   ILE B N   1 
ATOM   1108 C  CA  . ILE B 1 47 ? -5.449  -10.900 -6.291  1.00 21.99 ? 47   ILE B CA  1 
ATOM   1109 C  C   . ILE B 1 47 ? -5.579  -11.215 -4.797  1.00 21.94 ? 47   ILE B C   1 
ATOM   1110 O  O   . ILE B 1 47 ? -6.659  -11.524 -4.313  1.00 21.57 ? 47   ILE B O   1 
ATOM   1111 C  CB  . ILE B 1 47 ? -5.623  -9.391  -6.490  1.00 25.65 ? 47   ILE B CB  1 
ATOM   1112 C  CG1 . ILE B 1 47 ? -7.034  -8.895  -6.178  1.00 28.21 ? 47   ILE B CG1 1 
ATOM   1113 C  CG2 . ILE B 1 47 ? -5.190  -8.983  -7.888  1.00 29.55 ? 47   ILE B CG2 1 
ATOM   1114 C  CD1 . ILE B 1 47 ? -7.146  -7.379  -6.287  1.00 31.40 ? 47   ILE B CD1 1 
ATOM   1115 N  N   . GLY B 1 48 ? -4.446  -11.130 -4.118  1.00 22.40 ? 48   GLY B N   1 
ATOM   1116 C  CA  . GLY B 1 48 ? -4.318  -11.435 -2.709  1.00 21.66 ? 48   GLY B CA  1 
ATOM   1117 C  C   . GLY B 1 48 ? -4.355  -10.209 -1.831  1.00 21.53 ? 48   GLY B C   1 
ATOM   1118 O  O   . GLY B 1 48 ? -3.461  -9.363  -1.903  1.00 23.78 ? 48   GLY B O   1 
ATOM   1119 N  N   . GLY B 1 49 ? -5.383  -10.089 -0.994  1.00 21.18 ? 49   GLY B N   1 
ATOM   1120 C  CA  . GLY B 1 49 ? -5.467  -8.987  -0.050  1.00 19.82 ? 49   GLY B CA  1 
ATOM   1121 C  C   . GLY B 1 49 ? -5.238  -9.468  1.366   1.00 21.92 ? 49   GLY B C   1 
ATOM   1122 O  O   . GLY B 1 49 ? -4.892  -10.620 1.622   1.00 23.54 ? 49   GLY B O   1 
ATOM   1123 N  N   . ILE B 1 50 ? -5.439  -8.565  2.327   1.00 21.25 ? 50   ILE B N   1 
ATOM   1124 C  CA  . ILE B 1 50 ? -5.179  -8.982  3.701   1.00 21.15 ? 50   ILE B CA  1 
ATOM   1125 C  C   . ILE B 1 50 ? -6.182  -10.038 4.162   1.00 29.04 ? 50   ILE B C   1 
ATOM   1126 O  O   . ILE B 1 50 ? -5.815  -10.861 5.001   1.00 40.99 ? 50   ILE B O   1 
ATOM   1127 C  CB  . ILE B 1 50 ? -5.205  -7.825  4.711   1.00 19.24 ? 50   ILE B CB  1 
ATOM   1128 C  CG1 . ILE B 1 50 ? -4.403  -8.121  5.982   1.00 25.79 ? 50   ILE B CG1 1 
ATOM   1129 C  CG2 . ILE B 1 50 ? -6.627  -7.434  5.082   1.00 26.57 ? 50   ILE B CG2 1 
ATOM   1130 C  CD1 . ILE B 1 50 ? -4.139  -6.864  6.789   1.00 26.59 ? 50   ILE B CD1 1 
ATOM   1131 N  N   . GLY B 1 51 ? -7.390  -9.999  3.628   1.00 27.14 ? 51   GLY B N   1 
ATOM   1132 C  CA  . GLY B 1 51 ? -8.447  -10.907 4.026   1.00 37.06 ? 51   GLY B CA  1 
ATOM   1133 C  C   . GLY B 1 51 ? -8.602  -12.079 3.076   1.00 45.97 ? 51   GLY B C   1 
ATOM   1134 O  O   . GLY B 1 51 ? -9.606  -12.795 3.143   1.00 57.51 ? 51   GLY B O   1 
ATOM   1135 N  N   . GLY B 1 52 ? -7.622  -12.263 2.195   1.00 43.62 ? 52   GLY B N   1 
ATOM   1136 C  CA  . GLY B 1 52 ? -7.663  -13.372 1.258   1.00 38.06 ? 52   GLY B CA  1 
ATOM   1137 C  C   . GLY B 1 52 ? -7.669  -12.939 -0.196  1.00 32.39 ? 52   GLY B C   1 
ATOM   1138 O  O   . GLY B 1 52 ? -7.616  -11.750 -0.487  1.00 25.73 ? 52   GLY B O   1 
ATOM   1139 N  N   . PHE B 1 53 ? -7.731  -13.907 -1.099  1.00 35.01 ? 53   PHE B N   1 
ATOM   1140 C  CA  . PHE B 1 53 ? -7.722  -13.708 -2.536  1.00 31.29 ? 53   PHE B CA  1 
ATOM   1141 C  C   . PHE B 1 53 ? -9.097  -13.422 -3.113  1.00 31.58 ? 53   PHE B C   1 
ATOM   1142 O  O   . PHE B 1 53 ? -10.109 -13.986 -2.694  1.00 37.73 ? 53   PHE B O   1 
ATOM   1143 C  CB  . PHE B 1 53 ? -7.115  -14.974 -3.171  1.00 35.64 ? 53   PHE B CB  1 
ATOM   1144 C  CG  . PHE B 1 53 ? -5.596  -14.958 -3.197  1.00 37.39 ? 53   PHE B CG  1 
ATOM   1145 C  CD1 . PHE B 1 53 ? -4.861  -15.497 -2.158  1.00 39.86 ? 53   PHE B CD1 1 
ATOM   1146 C  CD2 . PHE B 1 53 ? -4.915  -14.401 -4.267  1.00 47.49 ? 53   PHE B CD2 1 
ATOM   1147 C  CE1 . PHE B 1 53 ? -3.478  -15.469 -2.189  1.00 45.96 ? 53   PHE B CE1 1 
ATOM   1148 C  CE2 . PHE B 1 53 ? -3.531  -14.363 -4.301  1.00 48.11 ? 53   PHE B CE2 1 
ATOM   1149 C  CZ  . PHE B 1 53 ? -2.803  -14.898 -3.253  1.00 46.20 ? 53   PHE B CZ  1 
ATOM   1150 N  N   . ILE B 1 54 ? -9.186  -12.528 -4.104  1.00 24.49 ? 54   ILE B N   1 
ATOM   1151 C  CA  . ILE B 1 54 ? -10.439 -12.289 -4.796  1.00 18.98 ? 54   ILE B CA  1 
ATOM   1152 C  C   . ILE B 1 54 ? -10.200 -12.145 -6.311  1.00 19.85 ? 54   ILE B C   1 
ATOM   1153 O  O   . ILE B 1 54 ? -9.071  -11.929 -6.730  1.00 22.41 ? 54   ILE B O   1 
ATOM   1154 C  CB  . ILE B 1 54 ? -11.219 -11.042 -4.359  1.00 20.61 ? 54   ILE B CB  1 
ATOM   1155 C  CG1 . ILE B 1 54 ? -10.506 -9.731  -4.697  1.00 23.39 ? 54   ILE B CG1 1 
ATOM   1156 C  CG2 . ILE B 1 54 ? -11.578 -11.128 -2.882  1.00 30.59 ? 54   ILE B CG2 1 
ATOM   1157 C  CD1 . ILE B 1 54 ? -11.263 -8.486  -4.301  1.00 34.59 ? 54   ILE B CD1 1 
ATOM   1158 N  N   . LYS B 1 55 ? -11.295 -12.271 -7.040  1.00 25.30 ? 55   LYS B N   1 
ATOM   1159 C  CA  . LYS B 1 55 ? -11.344 -12.238 -8.489  1.00 24.02 ? 55   LYS B CA  1 
ATOM   1160 C  C   . LYS B 1 55 ? -11.638 -10.822 -8.963  1.00 22.00 ? 55   LYS B C   1 
ATOM   1161 O  O   . LYS B 1 55 ? -12.535 -10.183 -8.429  1.00 27.63 ? 55   LYS B O   1 
ATOM   1162 C  CB  . LYS B 1 55 ? -12.410 -13.182 -9.027  1.00 37.68 ? 55   LYS B CB  1 
ATOM   1163 N  N   . VAL B 1 56 ? -10.887 -10.349 -9.946  1.00 19.00 ? 56   VAL B N   1 
ATOM   1164 C  CA  . VAL B 1 56 ? -11.102 -9.026  -10.519 1.00 16.44 ? 56   VAL B CA  1 
ATOM   1165 C  C   . VAL B 1 56 ? -10.990 -9.106  -12.040 1.00 23.19 ? 56   VAL B C   1 
ATOM   1166 O  O   . VAL B 1 56 ? -10.561 -10.135 -12.568 1.00 19.97 ? 56   VAL B O   1 
ATOM   1167 C  CB  . VAL B 1 56 ? -10.083 -8.000  -10.002 1.00 19.98 ? 56   VAL B CB  1 
ATOM   1168 C  CG1 . VAL B 1 56 ? -10.229 -7.831  -8.506  1.00 20.84 ? 56   VAL B CG1 1 
ATOM   1169 C  CG2 . VAL B 1 56 ? -8.668  -8.438  -10.343 1.00 18.17 ? 56   VAL B CG2 1 
ATOM   1170 N  N   . ARG B 1 57 ? -11.367 -8.055  -12.749 1.00 19.30 ? 57   ARG B N   1 
ATOM   1171 C  CA  . ARG B 1 57 ? -11.255 -8.049  -14.200 1.00 19.38 ? 57   ARG B CA  1 
ATOM   1172 C  C   . ARG B 1 57 ? -10.020 -7.259  -14.636 1.00 17.44 ? 57   ARG B C   1 
ATOM   1173 O  O   . ARG B 1 57 ? -9.819  -6.137  -14.186 1.00 20.14 ? 57   ARG B O   1 
ATOM   1174 C  CB  . ARG B 1 57 ? -12.498 -7.457  -14.863 1.00 19.17 ? 57   ARG B CB  1 
ATOM   1175 C  CG  . ARG B 1 57 ? -13.806 -7.926  -14.236 1.00 24.61 ? 57   ARG B CG  1 
ATOM   1176 C  CD  . ARG B 1 57 ? -14.969 -7.668  -15.169 1.00 20.76 ? 57   ARG B CD  1 
ATOM   1177 N  NE  . ARG B 1 57 ? -15.097 -6.243  -15.483 1.00 25.08 ? 57   ARG B NE  1 
ATOM   1178 C  CZ  . ARG B 1 57 ? -15.710 -5.355  -14.706 1.00 25.53 ? 57   ARG B CZ  1 
ATOM   1179 N  NH1 . ARG B 1 57 ? -16.259 -5.715  -13.554 1.00 18.31 ? 57   ARG B NH1 1 
ATOM   1180 N  NH2 . ARG B 1 57 ? -15.777 -4.082  -15.074 1.00 24.65 ? 57   ARG B NH2 1 
ATOM   1181 N  N   . GLN B 1 58 ? -9.237  -7.877  -15.512 1.00 16.50 ? 58   GLN B N   1 
ATOM   1182 C  CA  . GLN B 1 58 ? -8.051  -7.225  -16.035 1.00 15.07 ? 58   GLN B CA  1 
ATOM   1183 C  C   . GLN B 1 58 ? -8.230  -6.652  -17.434 1.00 16.03 ? 58   GLN B C   1 
ATOM   1184 O  O   . GLN B 1 58 ? -8.461  -7.403  -18.373 1.00 17.17 ? 58   GLN B O   1 
ATOM   1185 C  CB  . GLN B 1 58 ? -6.885  -8.226  -16.091 1.00 17.63 ? 58   GLN B CB  1 
ATOM   1186 C  CG  . GLN B 1 58 ? -5.624  -7.624  -16.689 1.00 16.20 ? 58   GLN B CG  1 
ATOM   1187 C  CD  . GLN B 1 58 ? -4.404  -8.508  -16.548 1.00 24.06 ? 58   GLN B CD  1 
ATOM   1188 O  OE1 . GLN B 1 58 ? -4.319  -9.325  -15.635 1.00 22.38 ? 58   GLN B OE1 1 
ATOM   1189 N  NE2 . GLN B 1 58 ? -3.448  -8.325  -17.446 1.00 17.34 ? 58   GLN B NE2 1 
ATOM   1190 N  N   . TYR B 1 59 ? -8.088  -5.347  -17.562 1.00 13.89 ? 59   TYR B N   1 
ATOM   1191 C  CA  . TYR B 1 59 ? -8.036  -4.636  -18.821 1.00 13.93 ? 59   TYR B CA  1 
ATOM   1192 C  C   . TYR B 1 59 ? -6.597  -4.178  -19.092 1.00 15.82 ? 59   TYR B C   1 
ATOM   1193 O  O   . TYR B 1 59 ? -5.955  -3.559  -18.239 1.00 18.11 ? 59   TYR B O   1 
ATOM   1194 C  CB  . TYR B 1 59 ? -8.985  -3.437  -18.823 1.00 15.78 ? 59   TYR B CB  1 
ATOM   1195 C  CG  . TYR B 1 59 ? -10.430 -3.827  -18.592 1.00 16.71 ? 59   TYR B CG  1 
ATOM   1196 C  CD1 . TYR B 1 59 ? -10.896 -4.147  -17.322 1.00 22.44 ? 59   TYR B CD1 1 
ATOM   1197 C  CD2 . TYR B 1 59 ? -11.327 -3.877  -19.649 1.00 16.24 ? 59   TYR B CD2 1 
ATOM   1198 C  CE1 . TYR B 1 59 ? -12.225 -4.505  -17.131 1.00 19.54 ? 59   TYR B CE1 1 
ATOM   1199 C  CE2 . TYR B 1 59 ? -12.651 -4.230  -19.456 1.00 13.94 ? 59   TYR B CE2 1 
ATOM   1200 C  CZ  . TYR B 1 59 ? -13.094 -4.544  -18.193 1.00 18.09 ? 59   TYR B CZ  1 
ATOM   1201 O  OH  . TYR B 1 59 ? -14.410 -4.900  -17.972 1.00 19.16 ? 59   TYR B OH  1 
ATOM   1202 N  N   . ASP B 1 60 ? -6.111  -4.466  -20.292 1.00 12.17 ? 60   ASP B N   1 
ATOM   1203 C  CA  . ASP B 1 60 ? -4.758  -4.091  -20.669 1.00 17.01 ? 60   ASP B CA  1 
ATOM   1204 C  C   . ASP B 1 60 ? -4.758  -2.876  -21.591 1.00 19.29 ? 60   ASP B C   1 
ATOM   1205 O  O   . ASP B 1 60 ? -5.728  -2.607  -22.289 1.00 21.26 ? 60   ASP B O   1 
ATOM   1206 C  CB  . ASP B 1 60 ? -4.059  -5.275  -21.330 1.00 27.51 ? 60   ASP B CB  1 
ATOM   1207 C  CG  . ASP B 1 60 ? -3.805  -6.407  -20.354 1.00 31.24 ? 60   ASP B CG  1 
ATOM   1208 O  OD1 . ASP B 1 60 ? -3.321  -6.157  -19.231 1.00 25.44 ? 60   ASP B OD1 1 
ATOM   1209 O  OD2 . ASP B 1 60 ? -4.082  -7.573  -20.688 1.00 32.11 ? 60   ASP B OD2 1 
ATOM   1210 N  N   . GLN B 1 61 ? -3.646  -2.168  -21.527 1.00 19.00 ? 61   GLN B N   1 
ATOM   1211 C  CA  . GLN B 1 61 ? -3.294  -1.052  -22.388 1.00 22.18 ? 61   GLN B CA  1 
ATOM   1212 C  C   . GLN B 1 61 ? -4.333  0.054   -22.349 1.00 23.77 ? 61   GLN B C   1 
ATOM   1213 O  O   . GLN B 1 61 ? -4.814  0.561   -23.363 1.00 18.51 ? 61   GLN B O   1 
ATOM   1214 C  CB  . GLN B 1 61 ? -3.085  -1.548  -23.828 1.00 25.70 ? 61   GLN B CB  1 
ATOM   1215 C  CG  . GLN B 1 61 ? -1.957  -0.800  -24.539 1.00 31.97 ? 61   GLN B CG  1 
ATOM   1216 C  CD  . GLN B 1 61 ? -1.536  -1.560  -25.788 1.00 39.00 ? 61   GLN B CD  1 
ATOM   1217 O  OE1 . GLN B 1 61 ? -1.418  -2.783  -25.755 1.00 38.82 ? 61   GLN B OE1 1 
ATOM   1218 N  NE2 . GLN B 1 61 ? -1.320  -0.845  -26.882 1.00 30.24 ? 61   GLN B NE2 1 
ATOM   1219 N  N   . ILE B 1 62 ? -4.678  0.441   -21.124 1.00 18.74 ? 62   ILE B N   1 
ATOM   1220 C  CA  . ILE B 1 62 ? -5.706  1.442   -20.907 1.00 15.43 ? 62   ILE B CA  1 
ATOM   1221 C  C   . ILE B 1 62 ? -5.063  2.785   -20.600 1.00 17.65 ? 62   ILE B C   1 
ATOM   1222 O  O   . ILE B 1 62 ? -4.090  2.825   -19.837 1.00 16.44 ? 62   ILE B O   1 
ATOM   1223 C  CB  . ILE B 1 62 ? -6.622  1.005   -19.742 1.00 16.21 ? 62   ILE B CB  1 
ATOM   1224 C  CG1 . ILE B 1 62 ? -7.472  -0.223  -20.060 1.00 19.63 ? 62   ILE B CG1 1 
ATOM   1225 C  CG2 . ILE B 1 62 ? -7.509  2.141   -19.260 1.00 16.56 ? 62   ILE B CG2 1 
ATOM   1226 C  CD1 . ILE B 1 62 ? -8.573  0.018   -21.063 1.00 18.66 ? 62   ILE B CD1 1 
ATOM   1227 N  N   . LEU B 1 63 ? -5.595  3.863   -21.174 1.00 17.51 ? 63   LEU B N   1 
ATOM   1228 C  CA  . LEU B 1 63 ? -5.085  5.188   -20.865 1.00 18.99 ? 63   LEU B CA  1 
ATOM   1229 C  C   . LEU B 1 63 ? -5.595  5.683   -19.507 1.00 18.42 ? 63   LEU B C   1 
ATOM   1230 O  O   . LEU B 1 63 ? -6.768  5.660   -19.149 1.00 16.88 ? 63   LEU B O   1 
ATOM   1231 C  CB  . LEU B 1 63 ? -5.478  6.224   -21.919 1.00 24.19 ? 63   LEU B CB  1 
ATOM   1232 C  CG  . LEU B 1 63 ? -4.748  6.162   -23.261 1.00 31.74 ? 63   LEU B CG  1 
ATOM   1233 C  CD1 . LEU B 1 63 ? -5.178  4.922   -24.027 1.00 31.33 ? 63   LEU B CD1 1 
ATOM   1234 C  CD2 . LEU B 1 63 ? -5.012  7.446   -24.037 1.00 26.51 ? 63   LEU B CD2 1 
ATOM   1235 N  N   . ILE B 1 64 ? -4.649  6.176   -18.731 1.00 18.01 ? 64   ILE B N   1 
ATOM   1236 C  CA  . ILE B 1 64 ? -4.967  6.722   -17.426 1.00 15.70 ? 64   ILE B CA  1 
ATOM   1237 C  C   . ILE B 1 64 ? -3.938  7.793   -17.090 1.00 21.51 ? 64   ILE B C   1 
ATOM   1238 O  O   . ILE B 1 64 ? -2.758  7.637   -17.363 1.00 20.30 ? 64   ILE B O   1 
ATOM   1239 C  CB  . ILE B 1 64 ? -4.978  5.631   -16.347 1.00 16.72 ? 64   ILE B CB  1 
ATOM   1240 C  CG1 . ILE B 1 64 ? -5.140  6.138   -14.906 1.00 19.18 ? 64   ILE B CG1 1 
ATOM   1241 C  CG2 . ILE B 1 64 ? -3.739  4.756   -16.454 1.00 21.09 ? 64   ILE B CG2 1 
ATOM   1242 C  CD1 . ILE B 1 64 ? -5.461  5.000   -13.939 1.00 19.41 ? 64   ILE B CD1 1 
ATOM   1243 N  N   . GLU B 1 65 ? -4.428  8.880   -16.511 1.00 15.65 ? 65   GLU B N   1 
ATOM   1244 C  CA  . GLU B 1 65 ? -3.578  9.982   -16.093 1.00 16.00 ? 65   GLU B CA  1 
ATOM   1245 C  C   . GLU B 1 65 ? -3.536  10.037  -14.573 1.00 19.40 ? 65   GLU B C   1 
ATOM   1246 O  O   . GLU B 1 65 ? -4.591  9.896   -13.950 1.00 22.82 ? 65   GLU B O   1 
ATOM   1247 C  CB  . GLU B 1 65 ? -4.171  11.242  -16.701 1.00 30.75 ? 65   GLU B CB  1 
ATOM   1248 C  CG  . GLU B 1 65 ? -3.258  12.425  -16.944 1.00 29.10 ? 65   GLU B CG  1 
ATOM   1249 C  CD  . GLU B 1 65 ? -4.099  13.510  -17.621 1.00 21.79 ? 65   GLU B CD  1 
ATOM   1250 O  OE1 . GLU B 1 65 ? -4.581  14.366  -16.867 1.00 31.27 ? 65   GLU B OE1 1 
ATOM   1251 O  OE2 . GLU B 1 65 ? -4.268  13.430  -18.853 1.00 37.08 ? 65   GLU B OE2 1 
ATOM   1252 N  N   . ILE B 1 66 ? -2.345  10.223  -14.019 1.00 16.62 ? 66   ILE B N   1 
ATOM   1253 C  CA  . ILE B 1 66 ? -2.161  10.241  -12.581 1.00 18.91 ? 66   ILE B CA  1 
ATOM   1254 C  C   . ILE B 1 66 ? -1.490  11.547  -12.174 1.00 19.36 ? 66   ILE B C   1 
ATOM   1255 O  O   . ILE B 1 66 ? -0.340  11.771  -12.551 1.00 19.78 ? 66   ILE B O   1 
ATOM   1256 C  CB  . ILE B 1 66 ? -1.318  9.048   -12.099 1.00 22.49 ? 66   ILE B CB  1 
ATOM   1257 C  CG1 . ILE B 1 66 ? -1.859  7.688   -12.535 1.00 27.74 ? 66   ILE B CG1 1 
ATOM   1258 C  CG2 . ILE B 1 66 ? -1.161  9.092   -10.590 1.00 18.85 ? 66   ILE B CG2 1 
ATOM   1259 C  CD1 . ILE B 1 66 ? -0.826  6.588   -12.628 1.00 33.00 ? 66   ILE B CD1 1 
ATOM   1260 N  N   . CYS B 1 67 ? -2.217  12.373  -11.426 1.00 18.89 ? 67   CYS B N   1 
ATOM   1261 C  CA  . CYS B 1 67 ? -1.687  13.696  -11.114 1.00 29.93 ? 67   CYS B CA  1 
ATOM   1262 C  C   . CYS B 1 67 ? -1.229  14.414  -12.377 1.00 27.79 ? 67   CYS B C   1 
ATOM   1263 O  O   . CYS B 1 67 ? -0.213  15.113  -12.389 1.00 24.89 ? 67   CYS B O   1 
ATOM   1264 C  CB  . CYS B 1 67 ? -0.517  13.596  -10.130 1.00 37.54 ? 67   CYS B CB  1 
ATOM   1265 S  SG  . CYS B 1 67 ? -0.962  12.791  -8.572  1.00 35.19 ? 67   CYS B SG  1 
ATOM   1266 N  N   . GLY B 1 68 ? -1.988  14.225  -13.452 1.00 23.57 ? 68   GLY B N   1 
ATOM   1267 C  CA  . GLY B 1 68 ? -1.645  14.854  -14.715 1.00 26.74 ? 68   GLY B CA  1 
ATOM   1268 C  C   . GLY B 1 68 ? -0.560  14.149  -15.490 1.00 26.01 ? 68   GLY B C   1 
ATOM   1269 O  O   . GLY B 1 68 ? -0.218  14.582  -16.595 1.00 28.09 ? 68   GLY B O   1 
ATOM   1270 N  N   . HIS B 1 69 ? 0.013   13.072  -14.958 1.00 22.81 ? 69   HIS B N   1 
ATOM   1271 C  CA  . HIS B 1 69 ? 1.046   12.347  -15.706 1.00 13.73 ? 69   HIS B CA  1 
ATOM   1272 C  C   . HIS B 1 69 ? 0.365   11.275  -16.540 1.00 21.16 ? 69   HIS B C   1 
ATOM   1273 O  O   . HIS B 1 69 ? -0.377  10.485  -15.958 1.00 23.06 ? 69   HIS B O   1 
ATOM   1274 C  CB  . HIS B 1 69 ? 2.078   11.676  -14.813 1.00 19.37 ? 69   HIS B CB  1 
ATOM   1275 C  CG  . HIS B 1 69 ? 3.082   12.573  -14.181 1.00 33.25 ? 69   HIS B CG  1 
ATOM   1276 N  ND1 . HIS B 1 69 ? 2.741   13.585  -13.313 1.00 43.54 ? 69   HIS B ND1 1 
ATOM   1277 C  CD2 . HIS B 1 69 ? 4.432   12.610  -14.297 1.00 41.78 ? 69   HIS B CD2 1 
ATOM   1278 C  CE1 . HIS B 1 69 ? 3.842   14.211  -12.919 1.00 48.46 ? 69   HIS B CE1 1 
ATOM   1279 N  NE2 . HIS B 1 69 ? 4.882   13.639  -13.501 1.00 44.61 ? 69   HIS B NE2 1 
ATOM   1280 N  N   . LYS B 1 70 ? 0.606   11.260  -17.846 1.00 21.02 ? 70   LYS B N   1 
ATOM   1281 C  CA  . LYS B 1 70 ? -0.067  10.281  -18.684 1.00 21.27 ? 70   LYS B CA  1 
ATOM   1282 C  C   . LYS B 1 70 ? 0.605   8.914   -18.642 1.00 21.07 ? 70   LYS B C   1 
ATOM   1283 O  O   . LYS B 1 70 ? 1.820   8.766   -18.679 1.00 23.79 ? 70   LYS B O   1 
ATOM   1284 C  CB  . LYS B 1 70 ? -0.149  10.791  -20.128 1.00 32.43 ? 70   LYS B CB  1 
ATOM   1285 C  CG  . LYS B 1 70 ? -0.935  12.090  -20.263 1.00 32.84 ? 70   LYS B CG  1 
ATOM   1286 C  CD  . LYS B 1 70 ? -1.221  12.394  -21.727 1.00 35.72 ? 70   LYS B CD  1 
ATOM   1287 C  CE  . LYS B 1 70 ? -2.478  13.246  -21.850 1.00 37.19 ? 70   LYS B CE  1 
ATOM   1288 N  NZ  . LYS B 1 70 ? -2.190  14.662  -21.484 1.00 43.69 ? 70   LYS B NZ  1 
ATOM   1289 N  N   . ALA B 1 71 ? -0.236  7.897   -18.570 1.00 17.32 ? 71   ALA B N   1 
ATOM   1290 C  CA  . ALA B 1 71 ? 0.128   6.499   -18.570 1.00 16.79 ? 71   ALA B CA  1 
ATOM   1291 C  C   . ALA B 1 71 ? -0.860  5.722   -19.439 1.00 15.30 ? 71   ALA B C   1 
ATOM   1292 O  O   . ALA B 1 71 ? -1.969  6.169   -19.725 1.00 20.94 ? 71   ALA B O   1 
ATOM   1293 C  CB  . ALA B 1 71 ? 0.145   5.952   -17.149 1.00 20.31 ? 71   ALA B CB  1 
ATOM   1294 N  N   . ILE B 1 72 ? -0.475  4.568   -19.894 1.00 16.42 ? 72   ILE B N   1 
ATOM   1295 C  CA  . ILE B 1 72 ? -1.123  3.494   -20.583 1.00 16.04 ? 72   ILE B CA  1 
ATOM   1296 C  C   . ILE B 1 72 ? -0.679  2.139   -20.038 1.00 19.45 ? 72   ILE B C   1 
ATOM   1297 O  O   . ILE B 1 72 ? 0.456   1.703   -20.192 1.00 17.00 ? 72   ILE B O   1 
ATOM   1298 C  CB  . ILE B 1 72 ? -0.868  3.535   -22.104 1.00 17.26 ? 72   ILE B CB  1 
ATOM   1299 C  CG1 . ILE B 1 72 ? -0.964  4.933   -22.701 1.00 21.17 ? 72   ILE B CG1 1 
ATOM   1300 C  CG2 . ILE B 1 72 ? -1.830  2.562   -22.758 1.00 11.61 ? 72   ILE B CG2 1 
ATOM   1301 C  CD1 . ILE B 1 72 ? -0.685  5.019   -24.179 1.00 16.88 ? 72   ILE B CD1 1 
ATOM   1302 N  N   . GLY B 1 73 ? -1.619  1.454   -19.368 1.00 18.43 ? 73   GLY B N   1 
ATOM   1303 C  CA  . GLY B 1 73 ? -1.183  0.174   -18.811 1.00 17.78 ? 73   GLY B CA  1 
ATOM   1304 C  C   . GLY B 1 73 ? -2.354  -0.674  -18.374 1.00 18.17 ? 73   GLY B C   1 
ATOM   1305 O  O   . GLY B 1 73 ? -3.482  -0.404  -18.774 1.00 16.90 ? 73   GLY B O   1 
ATOM   1306 N  N   . THR B 1 74 ? -2.034  -1.673  -17.557 1.00 16.83 ? 74   THR B N   1 
ATOM   1307 C  CA  . THR B 1 74 ? -3.046  -2.604  -17.062 1.00 18.51 ? 74   THR B CA  1 
ATOM   1308 C  C   . THR B 1 74 ? -3.770  -2.011  -15.861 1.00 19.00 ? 74   THR B C   1 
ATOM   1309 O  O   . THR B 1 74 ? -3.151  -1.453  -14.957 1.00 16.27 ? 74   THR B O   1 
ATOM   1310 C  CB  . THR B 1 74 ? -2.399  -3.944  -16.686 1.00 16.52 ? 74   THR B CB  1 
ATOM   1311 O  OG1 . THR B 1 74 ? -1.922  -4.549  -17.905 1.00 21.93 ? 74   THR B OG1 1 
ATOM   1312 C  CG2 . THR B 1 74 ? -3.371  -4.925  -16.073 1.00 15.04 ? 74   THR B CG2 1 
ATOM   1313 N  N   . VAL B 1 75 ? -5.089  -2.161  -15.913 1.00 15.67 ? 75   VAL B N   1 
ATOM   1314 C  CA  . VAL B 1 75 ? -5.968  -1.738  -14.834 1.00 18.91 ? 75   VAL B CA  1 
ATOM   1315 C  C   . VAL B 1 75 ? -6.897  -2.901  -14.489 1.00 19.30 ? 75   VAL B C   1 
ATOM   1316 O  O   . VAL B 1 75 ? -7.485  -3.470  -15.401 1.00 16.04 ? 75   VAL B O   1 
ATOM   1317 C  CB  . VAL B 1 75 ? -6.761  -0.484  -15.228 1.00 19.15 ? 75   VAL B CB  1 
ATOM   1318 C  CG1 . VAL B 1 75 ? -7.820  -0.169  -14.189 1.00 30.97 ? 75   VAL B CG1 1 
ATOM   1319 C  CG2 . VAL B 1 75 ? -5.801  0.689   -15.386 1.00 17.05 ? 75   VAL B CG2 1 
ATOM   1320 N  N   . LEU B 1 76 ? -6.977  -3.211  -13.207 1.00 13.72 ? 76   LEU B N   1 
ATOM   1321 C  CA  . LEU B 1 76 ? -7.899  -4.199  -12.675 1.00 14.95 ? 76   LEU B CA  1 
ATOM   1322 C  C   . LEU B 1 76 ? -9.146  -3.503  -12.124 1.00 17.50 ? 76   LEU B C   1 
ATOM   1323 O  O   . LEU B 1 76 ? -9.060  -2.389  -11.599 1.00 18.63 ? 76   LEU B O   1 
ATOM   1324 C  CB  . LEU B 1 76 ? -7.256  -5.043  -11.579 1.00 17.41 ? 76   LEU B CB  1 
ATOM   1325 C  CG  . LEU B 1 76 ? -5.833  -5.548  -11.856 1.00 18.01 ? 76   LEU B CG  1 
ATOM   1326 C  CD1 . LEU B 1 76 ? -5.332  -6.364  -10.677 1.00 15.71 ? 76   LEU B CD1 1 
ATOM   1327 C  CD2 . LEU B 1 76 ? -5.786  -6.365  -13.138 1.00 17.15 ? 76   LEU B CD2 1 
ATOM   1328 N  N   . VAL B 1 77 ? -10.270 -4.182  -12.270 1.00 13.69 ? 77   VAL B N   1 
ATOM   1329 C  CA  . VAL B 1 77 ? -11.549 -3.649  -11.806 1.00 12.46 ? 77   VAL B CA  1 
ATOM   1330 C  C   . VAL B 1 77 ? -12.181 -4.651  -10.848 1.00 22.91 ? 77   VAL B C   1 
ATOM   1331 O  O   . VAL B 1 77 ? -12.285 -5.843  -11.146 1.00 16.64 ? 77   VAL B O   1 
ATOM   1332 C  CB  . VAL B 1 77 ? -12.488 -3.323  -12.972 1.00 12.73 ? 77   VAL B CB  1 
ATOM   1333 C  CG1 . VAL B 1 77 ? -13.846 -2.814  -12.501 1.00 18.12 ? 77   VAL B CG1 1 
ATOM   1334 C  CG2 . VAL B 1 77 ? -11.822 -2.281  -13.861 1.00 18.56 ? 77   VAL B CG2 1 
ATOM   1335 N  N   . GLY B 1 78 ? -12.583 -4.140  -9.683  1.00 19.22 ? 78   GLY B N   1 
ATOM   1336 C  CA  . GLY B 1 78 ? -13.248 -4.966  -8.692  1.00 19.59 ? 78   GLY B CA  1 
ATOM   1337 C  C   . GLY B 1 78 ? -13.513 -4.220  -7.396  1.00 13.65 ? 78   GLY B C   1 
ATOM   1338 O  O   . GLY B 1 78 ? -13.298 -3.022  -7.303  1.00 14.76 ? 78   GLY B O   1 
ATOM   1339 N  N   . PRO B 1 79 ? -13.987 -4.953  -6.397  1.00 17.79 ? 79   PRO B N   1 
ATOM   1340 C  CA  . PRO B 1 79 ? -14.462 -4.374  -5.146  1.00 17.48 ? 79   PRO B CA  1 
ATOM   1341 C  C   . PRO B 1 79 ? -13.306 -4.002  -4.231  1.00 24.54 ? 79   PRO B C   1 
ATOM   1342 O  O   . PRO B 1 79 ? -12.865 -4.774  -3.391  1.00 29.08 ? 79   PRO B O   1 
ATOM   1343 C  CB  . PRO B 1 79 ? -15.280 -5.517  -4.528  1.00 20.51 ? 79   PRO B CB  1 
ATOM   1344 C  CG  . PRO B 1 79 ? -14.542 -6.733  -4.994  1.00 23.25 ? 79   PRO B CG  1 
ATOM   1345 C  CD  . PRO B 1 79 ? -14.117 -6.427  -6.404  1.00 22.84 ? 79   PRO B CD  1 
ATOM   1346 N  N   . THR B 1 80 ? -12.824 -2.780  -4.431  1.00 28.78 ? 80   THR B N   1 
ATOM   1347 C  CA  . THR B 1 80 ? -11.756 -2.260  -3.573  1.00 29.72 ? 80   THR B CA  1 
ATOM   1348 C  C   . THR B 1 80 ? -12.313 -1.145  -2.705  1.00 27.04 ? 80   THR B C   1 
ATOM   1349 O  O   . THR B 1 80 ? -13.174 -0.377  -3.151  1.00 24.30 ? 80   THR B O   1 
ATOM   1350 C  CB  . THR B 1 80 ? -10.558 -1.789  -4.416  1.00 29.05 ? 80   THR B CB  1 
ATOM   1351 O  OG1 . THR B 1 80 ? -9.646  -1.085  -3.575  1.00 20.01 ? 80   THR B OG1 1 
ATOM   1352 C  CG2 . THR B 1 80 ? -10.996 -0.816  -5.508  1.00 25.94 ? 80   THR B CG2 1 
ATOM   1353 N  N   . PRO B 1 81 ? -11.886 -1.029  -1.447  1.00 23.41 ? 81   PRO B N   1 
ATOM   1354 C  CA  . PRO B 1 81 ? -12.391 0.060   -0.607  1.00 19.93 ? 81   PRO B CA  1 
ATOM   1355 C  C   . PRO B 1 81 ? -12.161 1.415   -1.249  1.00 20.82 ? 81   PRO B C   1 
ATOM   1356 O  O   . PRO B 1 81 ? -12.955 2.319   -1.034  1.00 22.45 ? 81   PRO B O   1 
ATOM   1357 C  CB  . PRO B 1 81 ? -11.564 -0.063  0.668   1.00 23.71 ? 81   PRO B CB  1 
ATOM   1358 C  CG  . PRO B 1 81 ? -11.183 -1.500  0.708   1.00 24.65 ? 81   PRO B CG  1 
ATOM   1359 C  CD  . PRO B 1 81 ? -10.946 -1.893  -0.729  1.00 28.94 ? 81   PRO B CD  1 
ATOM   1360 N  N   . VAL B 1 82 ? -11.089 1.540   -2.038  1.00 19.12 ? 82   VAL B N   1 
ATOM   1361 C  CA  . VAL B 1 82 ? -10.847 2.795   -2.741  1.00 16.80 ? 82   VAL B CA  1 
ATOM   1362 C  C   . VAL B 1 82 ? -9.987  2.493   -3.970  1.00 17.79 ? 82   VAL B C   1 
ATOM   1363 O  O   . VAL B 1 82 ? -9.222  1.529   -3.969  1.00 18.65 ? 82   VAL B O   1 
ATOM   1364 C  CB  . VAL B 1 82 ? -10.175 3.881   -1.887  1.00 24.69 ? 82   VAL B CB  1 
ATOM   1365 C  CG1 . VAL B 1 82 ? -8.721  3.555   -1.602  1.00 21.81 ? 82   VAL B CG1 1 
ATOM   1366 C  CG2 . VAL B 1 82 ? -10.240 5.250   -2.556  1.00 25.83 ? 82   VAL B CG2 1 
ATOM   1367 N  N   . ASN B 1 83 ? -10.123 3.316   -5.006  1.00 15.27 ? 83   ASN B N   1 
ATOM   1368 C  CA  . ASN B 1 83 ? -9.230  3.176   -6.147  1.00 16.64 ? 83   ASN B CA  1 
ATOM   1369 C  C   . ASN B 1 83 ? -7.775  3.186   -5.681  1.00 15.18 ? 83   ASN B C   1 
ATOM   1370 O  O   . ASN B 1 83 ? -7.386  4.090   -4.947  1.00 15.02 ? 83   ASN B O   1 
ATOM   1371 C  CB  . ASN B 1 83 ? -9.395  4.306   -7.155  1.00 15.93 ? 83   ASN B CB  1 
ATOM   1372 C  CG  . ASN B 1 83 ? -10.777 4.423   -7.755  1.00 18.40 ? 83   ASN B CG  1 
ATOM   1373 O  OD1 . ASN B 1 83 ? -11.369 3.442   -8.189  1.00 17.35 ? 83   ASN B OD1 1 
ATOM   1374 N  ND2 . ASN B 1 83 ? -11.280 5.649   -7.789  1.00 17.01 ? 83   ASN B ND2 1 
ATOM   1375 N  N   . ILE B 1 84 ? -7.014  2.187   -6.129  1.00 16.44 ? 84   ILE B N   1 
ATOM   1376 C  CA  . ILE B 1 84 ? -5.598  2.150   -5.781  1.00 17.09 ? 84   ILE B CA  1 
ATOM   1377 C  C   . ILE B 1 84 ? -4.719  2.078   -7.037  1.00 17.98 ? 84   ILE B C   1 
ATOM   1378 O  O   . ILE B 1 84 ? -4.944  1.262   -7.926  1.00 13.55 ? 84   ILE B O   1 
ATOM   1379 C  CB  . ILE B 1 84 ? -5.246  0.973   -4.855  1.00 29.69 ? 84   ILE B CB  1 
ATOM   1380 C  CG1 . ILE B 1 84 ? -5.382  -0.397  -5.508  1.00 45.36 ? 84   ILE B CG1 1 
ATOM   1381 C  CG2 . ILE B 1 84 ? -6.063  1.050   -3.571  1.00 27.37 ? 84   ILE B CG2 1 
ATOM   1382 C  CD1 . ILE B 1 84 ? -6.124  -1.406  -4.659  1.00 62.56 ? 84   ILE B CD1 1 
ATOM   1383 N  N   . ILE B 1 85 ? -3.727  2.964   -7.057  1.00 14.41 ? 85   ILE B N   1 
ATOM   1384 C  CA  . ILE B 1 85 ? -2.658  2.976   -8.036  1.00 15.08 ? 85   ILE B CA  1 
ATOM   1385 C  C   . ILE B 1 85 ? -1.491  2.170   -7.462  1.00 16.98 ? 85   ILE B C   1 
ATOM   1386 O  O   . ILE B 1 85 ? -0.908  2.534   -6.443  1.00 16.56 ? 85   ILE B O   1 
ATOM   1387 C  CB  . ILE B 1 85 ? -2.185  4.383   -8.420  1.00 16.21 ? 85   ILE B CB  1 
ATOM   1388 C  CG1 . ILE B 1 85 ? -3.313  5.375   -8.722  1.00 15.67 ? 85   ILE B CG1 1 
ATOM   1389 C  CG2 . ILE B 1 85 ? -1.208  4.315   -9.590  1.00 21.10 ? 85   ILE B CG2 1 
ATOM   1390 C  CD1 . ILE B 1 85 ? -4.273  4.829   -9.762  1.00 17.17 ? 85   ILE B CD1 1 
ATOM   1391 N  N   . GLY B 1 86 ? -1.181  1.061   -8.121  1.00 16.17 ? 86   GLY B N   1 
ATOM   1392 C  CA  . GLY B 1 86 ? -0.124  0.184   -7.653  1.00 16.30 ? 86   GLY B CA  1 
ATOM   1393 C  C   . GLY B 1 86 ? 1.152   0.343   -8.462  1.00 16.24 ? 86   GLY B C   1 
ATOM   1394 O  O   . GLY B 1 86 ? 1.261   1.218   -9.324  1.00 15.33 ? 86   GLY B O   1 
ATOM   1395 N  N   . ARG B 1 87 ? 2.125   -0.510  -8.165  1.00 12.83 ? 87   ARG B N   1 
ATOM   1396 C  CA  . ARG B 1 87 ? 3.470   -0.286  -8.690  1.00 18.85 ? 87   ARG B CA  1 
ATOM   1397 C  C   . ARG B 1 87 ? 3.504   -0.322  -10.204 1.00 17.35 ? 87   ARG B C   1 
ATOM   1398 O  O   . ARG B 1 87 ? 4.344   0.351   -10.786 1.00 18.38 ? 87   ARG B O   1 
ATOM   1399 C  CB  . ARG B 1 87 ? 4.461   -1.285  -8.093  1.00 16.99 ? 87   ARG B CB  1 
ATOM   1400 C  CG  . ARG B 1 87 ? 4.671   -1.141  -6.592  1.00 17.08 ? 87   ARG B CG  1 
ATOM   1401 C  CD  . ARG B 1 87 ? 5.785   -2.046  -6.083  1.00 18.92 ? 87   ARG B CD  1 
ATOM   1402 N  NE  . ARG B 1 87 ? 5.507   -3.464  -6.270  1.00 20.72 ? 87   ARG B NE  1 
ATOM   1403 C  CZ  . ARG B 1 87 ? 5.942   -4.273  -7.215  1.00 22.47 ? 87   ARG B CZ  1 
ATOM   1404 N  NH1 . ARG B 1 87 ? 6.750   -3.859  -8.181  1.00 17.22 ? 87   ARG B NH1 1 
ATOM   1405 N  NH2 . ARG B 1 87 ? 5.571   -5.554  -7.225  1.00 20.78 ? 87   ARG B NH2 1 
ATOM   1406 N  N   . ASN B 1 88 ? 2.627   -1.058  -10.870 1.00 19.97 ? 88   ASN B N   1 
ATOM   1407 C  CA  . ASN B 1 88 ? 2.692   -1.107  -12.328 1.00 16.28 ? 88   ASN B CA  1 
ATOM   1408 C  C   . ASN B 1 88 ? 2.609   0.273   -12.961 1.00 19.93 ? 88   ASN B C   1 
ATOM   1409 O  O   . ASN B 1 88 ? 3.347   0.510   -13.925 1.00 24.93 ? 88   ASN B O   1 
ATOM   1410 C  CB  . ASN B 1 88 ? 1.609   -2.033  -12.885 1.00 18.58 ? 88   ASN B CB  1 
ATOM   1411 C  CG  . ASN B 1 88 ? 0.212   -1.463  -12.838 1.00 16.65 ? 88   ASN B CG  1 
ATOM   1412 O  OD1 . ASN B 1 88 ? -0.301  -1.176  -11.751 1.00 18.66 ? 88   ASN B OD1 1 
ATOM   1413 N  ND2 . ASN B 1 88 ? -0.382  -1.318  -14.021 1.00 18.30 ? 88   ASN B ND2 1 
ATOM   1414 N  N   . LEU B 1 89 ? 1.773   1.169   -12.456 1.00 14.86 ? 89   LEU B N   1 
ATOM   1415 C  CA  . LEU B 1 89 ? 1.686   2.542   -12.951 1.00 14.52 ? 89   LEU B CA  1 
ATOM   1416 C  C   . LEU B 1 89 ? 2.581   3.472   -12.158 1.00 14.98 ? 89   LEU B C   1 
ATOM   1417 O  O   . LEU B 1 89 ? 3.033   4.504   -12.680 1.00 19.59 ? 89   LEU B O   1 
ATOM   1418 C  CB  . LEU B 1 89 ? 0.228   3.025   -12.932 1.00 18.96 ? 89   LEU B CB  1 
ATOM   1419 C  CG  . LEU B 1 89 ? -0.740  2.180   -13.781 1.00 20.47 ? 89   LEU B CG  1 
ATOM   1420 C  CD1 . LEU B 1 89 ? -2.138  2.790   -13.794 1.00 16.05 ? 89   LEU B CD1 1 
ATOM   1421 C  CD2 . LEU B 1 89 ? -0.248  2.001   -15.213 1.00 19.64 ? 89   LEU B CD2 1 
ATOM   1422 N  N   . LEU B 1 90 ? 2.867   3.165   -10.889 1.00 16.86 ? 90   LEU B N   1 
ATOM   1423 C  CA  . LEU B 1 90 ? 3.754   4.088   -10.164 1.00 18.06 ? 90   LEU B CA  1 
ATOM   1424 C  C   . LEU B 1 90 ? 5.130   4.138   -10.824 1.00 24.81 ? 90   LEU B C   1 
ATOM   1425 O  O   . LEU B 1 90 ? 5.722   5.215   -10.932 1.00 20.19 ? 90   LEU B O   1 
ATOM   1426 C  CB  . LEU B 1 90 ? 3.873   3.720   -8.683  1.00 17.29 ? 90   LEU B CB  1 
ATOM   1427 C  CG  . LEU B 1 90 ? 2.590   3.837   -7.860  1.00 17.41 ? 90   LEU B CG  1 
ATOM   1428 C  CD1 . LEU B 1 90 ? 2.759   3.373   -6.423  1.00 17.74 ? 90   LEU B CD1 1 
ATOM   1429 C  CD2 . LEU B 1 90 ? 2.090   5.275   -7.858  1.00 16.01 ? 90   LEU B CD2 1 
ATOM   1430 N  N   . THR B 1 91 ? 5.612   2.978   -11.261 1.00 25.95 ? 91   THR B N   1 
ATOM   1431 C  CA  . THR B 1 91 ? 6.890   2.896   -11.964 1.00 23.50 ? 91   THR B CA  1 
ATOM   1432 C  C   . THR B 1 91 ? 6.828   3.686   -13.266 1.00 23.74 ? 91   THR B C   1 
ATOM   1433 O  O   . THR B 1 91 ? 7.743   4.430   -13.626 1.00 27.05 ? 91   THR B O   1 
ATOM   1434 C  CB  . THR B 1 91 ? 7.341   1.464   -12.273 1.00 23.55 ? 91   THR B CB  1 
ATOM   1435 O  OG1 . THR B 1 91 ? 6.344   0.798   -13.069 1.00 32.13 ? 91   THR B OG1 1 
ATOM   1436 C  CG2 . THR B 1 91 ? 7.484   0.637   -11.012 1.00 20.19 ? 91   THR B CG2 1 
ATOM   1437 N  N   . GLN B 1 92 ? 5.742   3.556   -14.012 1.00 22.64 ? 92   GLN B N   1 
ATOM   1438 C  CA  . GLN B 1 92 ? 5.653   4.247   -15.290 1.00 22.57 ? 92   GLN B CA  1 
ATOM   1439 C  C   . GLN B 1 92 ? 5.818   5.746   -15.169 1.00 34.64 ? 92   GLN B C   1 
ATOM   1440 O  O   . GLN B 1 92 ? 6.441   6.354   -16.033 1.00 31.16 ? 92   GLN B O   1 
ATOM   1441 C  CB  . GLN B 1 92 ? 4.287   3.974   -15.925 1.00 29.64 ? 92   GLN B CB  1 
ATOM   1442 C  CG  . GLN B 1 92 ? 4.341   2.871   -16.956 1.00 32.52 ? 92   GLN B CG  1 
ATOM   1443 C  CD  . GLN B 1 92 ? 3.147   2.824   -17.898 1.00 16.64 ? 92   GLN B CD  1 
ATOM   1444 O  OE1 . GLN B 1 92 ? 2.543   1.777   -18.067 1.00 24.74 ? 92   GLN B OE1 1 
ATOM   1445 N  NE2 . GLN B 1 92 ? 2.879   3.966   -18.504 1.00 17.58 ? 92   GLN B NE2 1 
ATOM   1446 N  N   . ILE B 1 93 ? 5.240   6.308   -14.104 1.00 27.38 ? 93   ILE B N   1 
ATOM   1447 C  CA  . ILE B 1 93 ? 5.286   7.752   -13.925 1.00 21.67 ? 93   ILE B CA  1 
ATOM   1448 C  C   . ILE B 1 93 ? 6.551   8.213   -13.203 1.00 24.38 ? 93   ILE B C   1 
ATOM   1449 O  O   . ILE B 1 93 ? 6.689   9.414   -12.970 1.00 21.00 ? 93   ILE B O   1 
ATOM   1450 C  CB  . ILE B 1 93 ? 4.038   8.255   -13.168 1.00 25.83 ? 93   ILE B CB  1 
ATOM   1451 C  CG1 . ILE B 1 93 ? 3.936   7.702   -11.742 1.00 21.16 ? 93   ILE B CG1 1 
ATOM   1452 C  CG2 . ILE B 1 93 ? 2.784   7.967   -13.984 1.00 22.98 ? 93   ILE B CG2 1 
ATOM   1453 C  CD1 . ILE B 1 93 ? 2.854   8.361   -10.930 1.00 32.25 ? 93   ILE B CD1 1 
ATOM   1454 N  N   . GLY B 1 94 ? 7.406   7.252   -12.876 1.00 23.17 ? 94   GLY B N   1 
ATOM   1455 C  CA  . GLY B 1 94 ? 8.719   7.478   -12.313 1.00 23.40 ? 94   GLY B CA  1 
ATOM   1456 C  C   . GLY B 1 94 ? 8.720   7.665   -10.818 1.00 24.60 ? 94   GLY B C   1 
ATOM   1457 O  O   . GLY B 1 94 ? 9.564   8.408   -10.316 1.00 22.20 ? 94   GLY B O   1 
ATOM   1458 N  N   . CYS B 1 95 ? 7.786   7.004   -10.136 1.00 20.32 ? 95   CYS B N   1 
ATOM   1459 C  CA  . CYS B 1 95 ? 7.656   7.171   -8.688  1.00 18.69 ? 95   CYS B CA  1 
ATOM   1460 C  C   . CYS B 1 95 ? 8.664   6.328   -7.933  1.00 17.48 ? 95   CYS B C   1 
ATOM   1461 O  O   . CYS B 1 95 ? 8.964   5.178   -8.265  1.00 20.82 ? 95   CYS B O   1 
ATOM   1462 C  CB  . CYS B 1 95 ? 6.223   6.847   -8.250  1.00 22.88 ? 95   CYS B CB  1 
ATOM   1463 S  SG  . CYS B 1 95 ? 5.740   7.500   -6.638  1.00 26.44 ? 95   CYS B SG  1 
ATOM   1464 N  N   . THR B 1 96 ? 9.212   6.959   -6.885  1.00 16.32 ? 96   THR B N   1 
ATOM   1465 C  CA  . THR B 1 96 ? 10.088  6.254   -5.964  1.00 19.31 ? 96   THR B CA  1 
ATOM   1466 C  C   . THR B 1 96 ? 9.702   6.644   -4.531  1.00 18.56 ? 96   THR B C   1 
ATOM   1467 O  O   . THR B 1 96 ? 9.052   7.662   -4.350  1.00 19.84 ? 96   THR B O   1 
ATOM   1468 C  CB  . THR B 1 96 ? 11.580  6.549   -6.132  1.00 23.45 ? 96   THR B CB  1 
ATOM   1469 O  OG1 . THR B 1 96 ? 11.843  7.950   -5.962  1.00 20.27 ? 96   THR B OG1 1 
ATOM   1470 C  CG2 . THR B 1 96 ? 12.016  6.218   -7.548  1.00 22.05 ? 96   THR B CG2 1 
ATOM   1471 N  N   . LEU B 1 97 ? 10.129  5.810   -3.607  1.00 17.51 ? 97   LEU B N   1 
ATOM   1472 C  CA  . LEU B 1 97 ? 10.121  6.108   -2.186  1.00 17.04 ? 97   LEU B CA  1 
ATOM   1473 C  C   . LEU B 1 97 ? 11.484  6.667   -1.778  1.00 20.16 ? 97   LEU B C   1 
ATOM   1474 O  O   . LEU B 1 97 ? 12.504  6.158   -2.247  1.00 19.95 ? 97   LEU B O   1 
ATOM   1475 C  CB  . LEU B 1 97 ? 9.821   4.862   -1.367  1.00 21.31 ? 97   LEU B CB  1 
ATOM   1476 C  CG  . LEU B 1 97 ? 8.366   4.380   -1.390  1.00 14.04 ? 97   LEU B CG  1 
ATOM   1477 C  CD1 . LEU B 1 97 ? 8.303   3.015   -0.735  1.00 25.53 ? 97   LEU B CD1 1 
ATOM   1478 C  CD2 . LEU B 1 97 ? 7.467   5.401   -0.699  1.00 15.68 ? 97   LEU B CD2 1 
ATOM   1479 N  N   . ASN B 1 98 ? 11.496  7.707   -0.959  1.00 18.52 ? 98   ASN B N   1 
ATOM   1480 C  CA  . ASN B 1 98 ? 12.689  8.415   -0.520  1.00 18.27 ? 98   ASN B CA  1 
ATOM   1481 C  C   . ASN B 1 98 ? 12.721  8.791   0.960   1.00 17.76 ? 98   ASN B C   1 
ATOM   1482 O  O   . ASN B 1 98 ? 11.747  9.326   1.487   1.00 20.47 ? 98   ASN B O   1 
ATOM   1483 C  CB  . ASN B 1 98 ? 12.814  9.721   -1.315  1.00 20.68 ? 98   ASN B CB  1 
ATOM   1484 C  CG  . ASN B 1 98 ? 12.923  9.437   -2.804  1.00 20.89 ? 98   ASN B CG  1 
ATOM   1485 O  OD1 . ASN B 1 98 ? 11.923  9.237   -3.485  1.00 23.00 ? 98   ASN B OD1 1 
ATOM   1486 N  ND2 . ASN B 1 98 ? 14.150  9.409   -3.275  1.00 23.68 ? 98   ASN B ND2 1 
ATOM   1487 N  N   . PHE B 1 99 ? 13.843  8.547   1.628   1.00 19.82 ? 99   PHE B N   1 
ATOM   1488 C  CA  . PHE B 1 99 ? 14.068  9.014   2.983   1.00 24.53 ? 99   PHE B CA  1 
ATOM   1489 C  C   . PHE B 1 99 ? 15.557  9.111   3.327   1.00 31.28 ? 99   PHE B C   1 
ATOM   1490 O  O   . PHE B 1 99 ? 16.380  8.745   2.472   1.00 25.59 ? 99   PHE B O   1 
ATOM   1491 C  CB  . PHE B 1 99 ? 13.384  8.128   4.013   1.00 28.79 ? 99   PHE B CB  1 
ATOM   1492 C  CG  . PHE B 1 99 ? 13.687  6.649   4.008   1.00 31.92 ? 99   PHE B CG  1 
ATOM   1493 C  CD1 . PHE B 1 99 ? 12.992  5.784   3.180   1.00 28.94 ? 99   PHE B CD1 1 
ATOM   1494 C  CD2 . PHE B 1 99 ? 14.662  6.125   4.845   1.00 28.80 ? 99   PHE B CD2 1 
ATOM   1495 C  CE1 . PHE B 1 99 ? 13.248  4.429   3.194   1.00 26.70 ? 99   PHE B CE1 1 
ATOM   1496 C  CE2 . PHE B 1 99 ? 14.926  4.773   4.866   1.00 32.93 ? 99   PHE B CE2 1 
ATOM   1497 C  CZ  . PHE B 1 99 ? 14.219  3.922   4.034   1.00 33.79 ? 99   PHE B CZ  1 
ATOM   1498 O  OXT . PHE B 1 99 ? 15.874  9.556   4.451   1.00 26.73 ? 99   PHE B OXT 1 
HETATM 1499 N  N1  . LJH C 2 .  ? -2.265  -2.449  0.851   1.00 35.29 ? 2501 LJH A N1  1 
HETATM 1500 C  C5  . LJH C 2 .  ? -2.159  -2.976  -0.540  1.00 41.18 ? 2501 LJH A C5  1 
HETATM 1501 C  C6  . LJH C 2 .  ? -1.823  -4.471  -0.647  1.00 44.03 ? 2501 LJH A C6  1 
HETATM 1502 C  C8  . LJH C 2 .  ? -6.270  -1.598  3.036   1.00 25.64 ? 2501 LJH A C8  1 
HETATM 1503 C  C10 . LJH C 2 .  ? -7.038  0.328   1.563   1.00 26.80 ? 2501 LJH A C10 1 
HETATM 1504 C  C13 . LJH C 2 .  ? -7.119  -1.320  -0.685  1.00 34.86 ? 2501 LJH A C13 1 
HETATM 1505 C  C17 . LJH C 2 .  ? -5.204  -2.173  6.257   1.00 23.29 ? 2501 LJH A C17 1 
HETATM 1506 C  C28 . LJH C 2 .  ? 0.709   -7.025  1.971   1.00 54.61 ? 2501 LJH A C28 1 
HETATM 1507 C  C2  . LJH C 2 .  ? -3.434  -1.535  0.986   1.00 33.98 ? 2501 LJH A C2  1 
HETATM 1508 C  C3  . LJH C 2 .  ? -3.776  -1.249  2.476   1.00 31.02 ? 2501 LJH A C3  1 
HETATM 1509 N  N4  . LJH C 2 .  ? -4.873  -2.016  3.065   1.00 33.58 ? 2501 LJH A N4  1 
HETATM 1510 C  C27 . LJH C 2 .  ? -0.295  -6.865  1.017   1.00 56.79 ? 2501 LJH A C27 1 
HETATM 1511 C  C31 . LJH C 2 .  ? -1.953  -7.048  2.750   1.00 40.56 ? 2501 LJH A C31 1 
HETATM 1512 C  C30 . LJH C 2 .  ? -0.958  -7.274  3.700   1.00 42.58 ? 2501 LJH A C30 1 
HETATM 1513 C  C29 . LJH C 2 .  ? 0.381   -7.332  3.297   1.00 51.81 ? 2501 LJH A C29 1 
HETATM 1514 C  C25 . LJH C 2 .  ? -2.783  -6.640  0.406   1.00 49.43 ? 2501 LJH A C25 1 
HETATM 1515 N  N7  . LJH C 2 .  ? -2.892  -5.412  -0.372  1.00 48.20 ? 2501 LJH A N7  1 
HETATM 1516 C  C18 . LJH C 2 .  ? -4.872  -1.588  7.490   1.00 20.15 ? 2501 LJH A C18 1 
HETATM 1517 C  C16 . LJH C 2 .  ? -4.166  -2.676  5.468   1.00 21.46 ? 2501 LJH A C16 1 
HETATM 1518 C  C14 . LJH C 2 .  ? -6.771  -1.846  0.561   1.00 29.20 ? 2501 LJH A C14 1 
HETATM 1519 C  C9  . LJH C 2 .  ? -6.699  -1.021  1.685   1.00 28.06 ? 2501 LJH A C9  1 
HETATM 1520 C  C11 . LJH C 2 .  ? -7.421  0.849   0.331   1.00 25.55 ? 2501 LJH A C11 1 
HETATM 1521 S  S15 . LJH C 2 .  ? -4.542  -3.430  3.885   1.00 29.16 ? 2501 LJH A S15 1 
HETATM 1522 O  O24 . LJH C 2 .  ? -5.750  -4.198  4.024   1.00 28.85 ? 2501 LJH A O24 1 
HETATM 1523 O  O23 . LJH C 2 .  ? -3.324  -3.961  3.351   1.00 20.73 ? 2501 LJH A O23 1 
HETATM 1524 C  C21 . LJH C 2 .  ? -2.821  -2.630  5.844   1.00 21.45 ? 2501 LJH A C21 1 
HETATM 1525 C  C20 . LJH C 2 .  ? -2.507  -2.067  7.082   1.00 24.68 ? 2501 LJH A C20 1 
HETATM 1526 C  C19 . LJH C 2 .  ? -3.520  -1.513  7.864   1.00 22.38 ? 2501 LJH A C19 1 
HETATM 1527 N  N22 . LJH C 2 .  ? -3.146  -0.911  9.080   1.00 23.55 ? 2501 LJH A N22 1 
HETATM 1528 C  C12 . LJH C 2 .  ? -7.502  0.018   -0.788  1.00 36.05 ? 2501 LJH A C12 1 
HETATM 1529 S  S32 . LJH C 2 .  ? -4.390  -5.109  -1.014  1.00 43.98 ? 2501 LJH A S32 1 
HETATM 1530 O  O41 . LJH C 2 .  ? -4.831  -3.796  -0.598  1.00 52.01 ? 2501 LJH A O41 1 
HETATM 1531 O  O40 . LJH C 2 .  ? -5.179  -6.272  -0.661  1.00 51.42 ? 2501 LJH A O40 1 
HETATM 1532 C  C33 . LJH C 2 .  ? -4.102  -5.099  -2.766  1.00 31.94 ? 2501 LJH A C33 1 
HETATM 1533 C  C38 . LJH C 2 .  ? -3.771  -6.292  -3.421  1.00 29.48 ? 2501 LJH A C38 1 
HETATM 1534 C  C37 . LJH C 2 .  ? -3.542  -6.285  -4.797  1.00 36.82 ? 2501 LJH A C37 1 
HETATM 1535 C  C36 . LJH C 2 .  ? -3.643  -5.098  -5.525  1.00 32.14 ? 2501 LJH A C36 1 
HETATM 1536 N  N39 . LJH C 2 .  ? -3.371  -5.128  -6.911  1.00 38.72 ? 2501 LJH A N39 1 
HETATM 1537 C  C35 . LJH C 2 .  ? -3.989  -3.913  -4.876  1.00 33.61 ? 2501 LJH A C35 1 
HETATM 1538 C  C34 . LJH C 2 .  ? -4.222  -3.914  -3.493  1.00 35.21 ? 2501 LJH A C34 1 
HETATM 1539 C  C26 . LJH C 2 .  ? -1.647  -6.858  1.392   1.00 47.25 ? 2501 LJH A C26 1 
HETATM 1540 CL CL  . CL  D 3 .  ? -13.931 -14.707 -14.189 1.00 25.98 ? 2601 CL  B CL  1 
HETATM 1541 CL CL  . CL  E 3 .  ? 1.010   -2.101  -16.723 1.00 24.34 ? 2602 CL  B CL  1 
HETATM 1542 O  O   . HOH F 4 .  ? 6.018   11.520  5.101   1.00 19.24 ? 3001 HOH A O   1 
HETATM 1543 O  O   . HOH F 4 .  ? 8.999   -7.878  -6.303  1.00 21.15 ? 3003 HOH A O   1 
HETATM 1544 O  O   . HOH F 4 .  ? 1.308   5.736   15.693  1.00 16.43 ? 3004 HOH A O   1 
HETATM 1545 O  O   . HOH F 4 .  ? 7.747   12.579  6.884   1.00 18.76 ? 3005 HOH A O   1 
HETATM 1546 O  O   . HOH F 4 .  ? 0.658   -14.521 11.807  1.00 19.12 ? 3008 HOH A O   1 
HETATM 1547 O  O   . HOH F 4 .  ? 10.485  -11.797 8.156   1.00 22.87 ? 3010 HOH A O   1 
HETATM 1548 O  O   . HOH F 4 .  ? 2.046   9.590   11.127  1.00 16.25 ? 3013 HOH A O   1 
HETATM 1549 O  O   . HOH F 4 .  ? -14.020 -9.527  18.396  1.00 27.59 ? 3018 HOH A O   1 
HETATM 1550 O  O   . HOH F 4 .  ? 9.313   8.663   16.080  1.00 22.59 ? 3020 HOH A O   1 
HETATM 1551 O  O   . HOH F 4 .  ? 15.978  0.498   -4.544  1.00 25.19 ? 3024 HOH A O   1 
HETATM 1552 O  O   . HOH F 4 .  ? 8.908   -0.966  22.340  1.00 30.40 ? 3033 HOH A O   1 
HETATM 1553 O  O   . HOH F 4 .  ? 11.365  9.303   14.708  1.00 22.73 ? 3034 HOH A O   1 
HETATM 1554 O  O   . HOH F 4 .  ? -2.786  5.340   3.321   1.00 24.55 ? 3035 HOH A O   1 
HETATM 1555 O  O   . HOH F 4 .  ? 7.700   -13.370 18.958  1.00 33.17 ? 3036 HOH A O   1 
HETATM 1556 O  O   . HOH F 4 .  ? 13.078  3.145   -9.955  1.00 26.53 ? 3039 HOH A O   1 
HETATM 1557 O  O   . HOH F 4 .  ? -3.723  -5.343  27.300  1.00 31.30 ? 3040 HOH A O   1 
HETATM 1558 O  O   . HOH F 4 .  ? 1.884   -1.967  24.374  1.00 24.38 ? 3041 HOH A O   1 
HETATM 1559 O  O   . HOH F 4 .  ? -8.922  -12.795 11.773  1.00 18.61 ? 3044 HOH A O   1 
HETATM 1560 O  O   . HOH F 4 .  ? 0.483   -14.241 9.007   1.00 34.07 ? 3046 HOH A O   1 
HETATM 1561 O  O   . HOH F 4 .  ? 7.177   -8.818  24.541  1.00 36.21 ? 3047 HOH A O   1 
HETATM 1562 O  O   . HOH F 4 .  ? 17.676  6.632   14.137  1.00 39.09 ? 3053 HOH A O   1 
HETATM 1563 O  O   . HOH F 4 .  ? -11.273 -2.455  20.799  1.00 31.73 ? 3054 HOH A O   1 
HETATM 1564 O  O   . HOH F 4 .  ? -5.062  0.764   11.089  1.00 29.91 ? 3055 HOH A O   1 
HETATM 1565 O  O   . HOH F 4 .  ? 12.228  -7.825  -10.773 1.00 35.87 ? 3056 HOH A O   1 
HETATM 1566 O  O   . HOH F 4 .  ? 3.151   6.136   19.851  1.00 34.50 ? 3057 HOH A O   1 
HETATM 1567 O  O   . HOH F 4 .  ? -3.536  -0.250  22.481  1.00 36.65 ? 3059 HOH A O   1 
HETATM 1568 O  O   . HOH F 4 .  ? 2.111   0.306   24.627  1.00 21.52 ? 3060 HOH A O   1 
HETATM 1569 O  O   . HOH F 4 .  ? -5.222  1.544   5.622   1.00 25.86 ? 3063 HOH A O   1 
HETATM 1570 O  O   . HOH F 4 .  ? 10.803  -3.086  20.126  1.00 28.58 ? 3066 HOH A O   1 
HETATM 1571 O  O   . HOH F 4 .  ? 11.704  -1.959  -4.363  1.00 29.21 ? 3067 HOH A O   1 
HETATM 1572 O  O   . HOH F 4 .  ? 16.790  -2.602  4.626   1.00 30.62 ? 3075 HOH A O   1 
HETATM 1573 O  O   . HOH F 4 .  ? 14.017  -1.574  17.529  1.00 38.40 ? 3076 HOH A O   1 
HETATM 1574 O  O   . HOH F 4 .  ? 16.754  3.417   -6.981  1.00 32.05 ? 3077 HOH A O   1 
HETATM 1575 O  O   . HOH F 4 .  ? -3.852  9.806   8.808   1.00 34.48 ? 3079 HOH A O   1 
HETATM 1576 O  O   . HOH F 4 .  ? -1.320  6.722   9.759   1.00 32.34 ? 3082 HOH A O   1 
HETATM 1577 O  O   . HOH F 4 .  ? -0.121  -0.080  24.039  1.00 29.16 ? 3085 HOH A O   1 
HETATM 1578 O  O   . HOH F 4 .  ? 11.578  -6.768  -3.369  1.00 33.56 ? 3088 HOH A O   1 
HETATM 1579 O  O   . HOH F 4 .  ? 15.240  -3.609  -5.918  1.00 27.40 ? 3096 HOH A O   1 
HETATM 1580 O  O   . HOH F 4 .  ? 10.540  15.397  -5.432  1.00 30.79 ? 3098 HOH A O   1 
HETATM 1581 O  O   . HOH F 4 .  ? 1.534   -0.430  27.144  1.00 27.82 ? 3100 HOH A O   1 
HETATM 1582 O  O   . HOH F 4 .  ? 2.232   -7.219  25.924  1.00 33.67 ? 3101 HOH A O   1 
HETATM 1583 O  O   . HOH F 4 .  ? 4.443   0.777   24.928  1.00 39.97 ? 3102 HOH A O   1 
HETATM 1584 O  O   . HOH F 4 .  ? 2.683   -16.024 11.531  1.00 26.69 ? 3106 HOH A O   1 
HETATM 1585 O  O   . HOH F 4 .  ? -11.914 -3.148  23.214  1.00 31.39 ? 3107 HOH A O   1 
HETATM 1586 O  O   . HOH F 4 .  ? 11.641  5.214   -12.214 1.00 33.90 ? 3108 HOH A O   1 
HETATM 1587 O  O   . HOH F 4 .  ? 13.026  3.090   18.321  1.00 35.47 ? 3113 HOH A O   1 
HETATM 1588 O  O   . HOH F 4 .  ? -8.918  -1.411  7.657   1.00 27.63 ? 3114 HOH A O   1 
HETATM 1589 O  O   . HOH F 4 .  ? 8.907   -3.807  21.953  1.00 42.55 ? 3115 HOH A O   1 
HETATM 1590 O  O   . HOH F 4 .  ? -4.376  -0.131  24.856  1.00 34.92 ? 3117 HOH A O   1 
HETATM 1591 O  O   . HOH F 4 .  ? -3.353  -10.937 17.332  1.00 35.40 ? 3123 HOH A O   1 
HETATM 1592 O  O   . HOH F 4 .  ? 15.259  5.256   -9.527  1.00 39.65 ? 3124 HOH A O   1 
HETATM 1593 O  O   . HOH F 4 .  ? -6.792  1.980   16.113  1.00 37.99 ? 3125 HOH A O   1 
HETATM 1594 O  O   . HOH F 4 .  ? 16.563  -5.342  -4.289  1.00 30.90 ? 3126 HOH A O   1 
HETATM 1595 O  O   . HOH F 4 .  ? -6.268  -5.907  1.838   1.00 34.17 ? 3131 HOH A O   1 
HETATM 1596 O  O   . HOH F 4 .  ? 16.262  -11.768 14.658  1.00 42.04 ? 3133 HOH A O   1 
HETATM 1597 O  O   . HOH F 4 .  ? 14.737  -4.498  19.005  1.00 38.39 ? 3135 HOH A O   1 
HETATM 1598 O  O   . HOH F 4 .  ? 0.498   -9.156  24.530  1.00 36.28 ? 3140 HOH A O   1 
HETATM 1599 O  O   . HOH F 4 .  ? -12.215 -8.840  20.238  1.00 36.52 ? 3142 HOH A O   1 
HETATM 1600 O  O   . HOH F 4 .  ? 13.606  -4.801  -1.442  1.00 32.29 ? 3143 HOH A O   1 
HETATM 1601 O  O   . HOH F 4 .  ? 10.476  -5.904  23.350  1.00 39.67 ? 3144 HOH A O   1 
HETATM 1602 O  O   . HOH F 4 .  ? 6.017   -10.777 5.347   1.00 32.57 ? 3145 HOH A O   1 
HETATM 1603 O  O   . HOH F 4 .  ? -9.695  -9.930  21.828  1.00 37.78 ? 3148 HOH A O   1 
HETATM 1604 O  O   . HOH F 4 .  ? 5.976   -9.097  0.027   1.00 40.53 ? 3151 HOH A O   1 
HETATM 1605 O  O   . HOH F 4 .  ? -4.662  3.936   21.462  1.00 39.23 ? 3153 HOH A O   1 
HETATM 1606 O  O   . HOH F 4 .  ? -10.144 -0.293  4.658   1.00 40.37 ? 3154 HOH A O   1 
HETATM 1607 O  O   . HOH G 4 .  ? 0.596   14.400  4.124   1.00 15.96 ? 3002 HOH B O   1 
HETATM 1608 O  O   . HOH G 4 .  ? -9.082  6.044   -20.419 1.00 17.31 ? 3006 HOH B O   1 
HETATM 1609 O  O   . HOH G 4 .  ? -13.763 8.972   -7.151  1.00 22.82 ? 3007 HOH B O   1 
HETATM 1610 O  O   . HOH G 4 .  ? -10.018 -14.662 -23.444 1.00 20.75 ? 3009 HOH B O   1 
HETATM 1611 O  O   . HOH G 4 .  ? -1.174  -3.185  -20.336 1.00 21.96 ? 3011 HOH B O   1 
HETATM 1612 O  O   . HOH G 4 .  ? -15.227 -1.043  -4.881  1.00 23.89 ? 3012 HOH B O   1 
HETATM 1613 O  O   . HOH G 4 .  ? -5.982  10.835  5.638   1.00 24.77 ? 3014 HOH B O   1 
HETATM 1614 O  O   . HOH G 4 .  ? 3.392   -0.397  -16.687 1.00 28.93 ? 3015 HOH B O   1 
HETATM 1615 O  O   . HOH G 4 .  ? -3.845  15.205  -7.476  1.00 24.07 ? 3016 HOH B O   1 
HETATM 1616 O  O   . HOH G 4 .  ? 4.410   -3.660  -3.470  1.00 21.95 ? 3017 HOH B O   1 
HETATM 1617 O  O   . HOH G 4 .  ? -2.922  -3.291  -12.768 1.00 19.78 ? 3019 HOH B O   1 
HETATM 1618 O  O   . HOH G 4 .  ? -8.154  3.502   -22.877 1.00 20.32 ? 3021 HOH B O   1 
HETATM 1619 O  O   . HOH G 4 .  ? 2.340   13.295  -19.039 1.00 24.76 ? 3022 HOH B O   1 
HETATM 1620 O  O   . HOH G 4 .  ? 2.350   16.164  0.567   1.00 33.76 ? 3023 HOH B O   1 
HETATM 1621 O  O   . HOH G 4 .  ? -16.562 -1.741  -7.105  1.00 24.51 ? 3025 HOH B O   1 
HETATM 1622 O  O   . HOH G 4 .  ? -13.772 -13.944 -5.391  1.00 40.49 ? 3026 HOH B O   1 
HETATM 1623 O  O   . HOH G 4 .  ? -14.353 14.214  -20.221 1.00 22.93 ? 3027 HOH B O   1 
HETATM 1624 O  O   . HOH G 4 .  ? -14.025 6.282   -8.506  1.00 24.49 ? 3028 HOH B O   1 
HETATM 1625 O  O   . HOH G 4 .  ? -17.990 3.942   -15.836 1.00 22.96 ? 3029 HOH B O   1 
HETATM 1626 O  O   . HOH G 4 .  ? -4.689  -14.917 -11.576 1.00 22.88 ? 3030 HOH B O   1 
HETATM 1627 O  O   . HOH G 4 .  ? -9.505  6.657   1.343   1.00 28.68 ? 3031 HOH B O   1 
HETATM 1628 O  O   . HOH G 4 .  ? -9.384  9.756   -20.222 1.00 20.48 ? 3032 HOH B O   1 
HETATM 1629 O  O   . HOH G 4 .  ? -9.957  -11.844 -23.059 1.00 21.10 ? 3037 HOH B O   1 
HETATM 1630 O  O   . HOH G 4 .  ? 8.047   11.353  -12.988 1.00 37.87 ? 3038 HOH B O   1 
HETATM 1631 O  O   . HOH G 4 .  ? -4.906  13.243  -13.162 1.00 28.06 ? 3042 HOH B O   1 
HETATM 1632 O  O   . HOH G 4 .  ? 12.007  12.014  1.813   1.00 27.63 ? 3043 HOH B O   1 
HETATM 1633 O  O   . HOH G 4 .  ? -16.579 -5.222  -9.752  1.00 29.92 ? 3045 HOH B O   1 
HETATM 1634 O  O   . HOH G 4 .  ? -2.652  8.473   -21.189 1.00 25.97 ? 3048 HOH B O   1 
HETATM 1635 O  O   . HOH G 4 .  ? 1.167   0.539   -22.400 1.00 27.08 ? 3049 HOH B O   1 
HETATM 1636 O  O   . HOH G 4 .  ? -9.591  -3.770  -22.362 1.00 34.36 ? 3050 HOH B O   1 
HETATM 1637 O  O   . HOH G 4 .  ? -5.533  12.663  2.006   1.00 29.79 ? 3051 HOH B O   1 
HETATM 1638 O  O   . HOH G 4 .  ? -17.434 -4.170  -7.403  1.00 27.63 ? 3052 HOH B O   1 
HETATM 1639 O  O   . HOH G 4 .  ? -3.776  -12.704 0.506   1.00 36.71 ? 3058 HOH B O   1 
HETATM 1640 O  O   . HOH G 4 .  ? -15.107 -1.701  -26.452 1.00 32.44 ? 3061 HOH B O   1 
HETATM 1641 O  O   . HOH G 4 .  ? -15.283 -3.597  -22.388 1.00 23.12 ? 3062 HOH B O   1 
HETATM 1642 O  O   . HOH G 4 .  ? -9.228  -5.451  -25.833 1.00 32.87 ? 3064 HOH B O   1 
HETATM 1643 O  O   . HOH G 4 .  ? 6.527   -3.185  -11.692 1.00 44.03 ? 3065 HOH B O   1 
HETATM 1644 O  O   . HOH G 4 .  ? -7.569  -16.026 -12.680 1.00 30.36 ? 3068 HOH B O   1 
HETATM 1645 O  O   . HOH G 4 .  ? -7.195  -1.168  -24.527 1.00 38.88 ? 3069 HOH B O   1 
HETATM 1646 O  O   . HOH G 4 .  ? -0.297  11.989  1.352   1.00 19.69 ? 3070 HOH B O   1 
HETATM 1647 O  O   . HOH G 4 .  ? -7.722  1.390   -24.734 1.00 29.19 ? 3071 HOH B O   1 
HETATM 1648 O  O   . HOH G 4 .  ? -4.735  9.949   -20.664 1.00 31.53 ? 3072 HOH B O   1 
HETATM 1649 O  O   . HOH G 4 .  ? 10.233  3.235   -9.549  1.00 27.69 ? 3073 HOH B O   1 
HETATM 1650 O  O   . HOH G 4 .  ? -16.375 6.317   -14.892 1.00 38.72 ? 3074 HOH B O   1 
HETATM 1651 O  O   . HOH G 4 .  ? -5.461  15.138  -20.466 1.00 26.03 ? 3078 HOH B O   1 
HETATM 1652 O  O   . HOH G 4 .  ? -16.086 -4.911  -20.132 1.00 20.86 ? 3080 HOH B O   1 
HETATM 1653 O  O   . HOH G 4 .  ? -16.022 1.966   -22.192 1.00 36.55 ? 3081 HOH B O   1 
HETATM 1654 O  O   . HOH G 4 .  ? -2.072  -7.709  -13.944 1.00 35.40 ? 3083 HOH B O   1 
HETATM 1655 O  O   . HOH G 4 .  ? 0.298   -6.480  -4.017  1.00 27.49 ? 3084 HOH B O   1 
HETATM 1656 O  O   . HOH G 4 .  ? -17.238 -1.629  -20.116 1.00 39.17 ? 3086 HOH B O   1 
HETATM 1657 O  O   . HOH G 4 .  ? -7.493  -5.955  -22.234 1.00 28.91 ? 3087 HOH B O   1 
HETATM 1658 O  O   . HOH G 4 .  ? -7.785  4.307   2.321   1.00 37.87 ? 3089 HOH B O   1 
HETATM 1659 O  O   . HOH G 4 .  ? 5.385   18.674  -4.277  1.00 38.53 ? 3090 HOH B O   1 
HETATM 1660 O  O   . HOH G 4 .  ? -1.885  -10.584 -5.697  1.00 30.79 ? 3091 HOH B O   1 
HETATM 1661 O  O   . HOH G 4 .  ? -7.248  9.187   -19.147 1.00 31.90 ? 3092 HOH B O   1 
HETATM 1662 O  O   . HOH G 4 .  ? -4.439  -12.540 -15.308 1.00 36.29 ? 3093 HOH B O   1 
HETATM 1663 O  O   . HOH G 4 .  ? 3.723   -4.904  -10.692 1.00 31.36 ? 3094 HOH B O   1 
HETATM 1664 O  O   . HOH G 4 .  ? 12.013  12.039  -8.189  1.00 41.31 ? 3095 HOH B O   1 
HETATM 1665 O  O   . HOH G 4 .  ? -15.036 13.838  -14.360 1.00 26.69 ? 3097 HOH B O   1 
HETATM 1666 O  O   . HOH G 4 .  ? 0.541   8.892   9.031   1.00 31.93 ? 3099 HOH B O   1 
HETATM 1667 O  O   . HOH G 4 .  ? -8.070  -16.823 -0.084  1.00 29.53 ? 3103 HOH B O   1 
HETATM 1668 O  O   . HOH G 4 .  ? -13.196 3.311   -10.892 1.00 20.70 ? 3104 HOH B O   1 
HETATM 1669 O  O   . HOH G 4 .  ? -10.345 4.007   -21.240 1.00 26.41 ? 3105 HOH B O   1 
HETATM 1670 O  O   . HOH G 4 .  ? -15.511 6.586   -4.749  1.00 37.49 ? 3109 HOH B O   1 
HETATM 1671 O  O   . HOH G 4 .  ? -9.312  7.785   -22.805 1.00 30.46 ? 3110 HOH B O   1 
HETATM 1672 O  O   . HOH G 4 .  ? -14.687 -7.439  -10.713 1.00 32.23 ? 3111 HOH B O   1 
HETATM 1673 O  O   . HOH G 4 .  ? -19.484 -1.160  -14.726 1.00 33.69 ? 3112 HOH B O   1 
HETATM 1674 O  O   . HOH G 4 .  ? 5.955   8.238   -18.160 1.00 45.83 ? 3116 HOH B O   1 
HETATM 1675 O  O   . HOH G 4 .  ? 16.574  10.061  -1.728  1.00 36.51 ? 3118 HOH B O   1 
HETATM 1676 O  O   . HOH G 4 .  ? -12.307 6.990   -4.947  1.00 31.48 ? 3119 HOH B O   1 
HETATM 1677 O  O   . HOH G 4 .  ? -16.366 10.550  -19.741 1.00 36.65 ? 3120 HOH B O   1 
HETATM 1678 O  O   . HOH G 4 .  ? 14.408  12.516  0.780   1.00 31.97 ? 3121 HOH B O   1 
HETATM 1679 O  O   . HOH G 4 .  ? -8.627  5.553   -24.601 1.00 41.93 ? 3122 HOH B O   1 
HETATM 1680 O  O   . HOH G 4 .  ? -18.185 -5.714  -17.311 1.00 42.06 ? 3127 HOH B O   1 
HETATM 1681 O  O   . HOH G 4 .  ? 10.776  10.385  -12.013 1.00 38.75 ? 3128 HOH B O   1 
HETATM 1682 O  O   . HOH G 4 .  ? -17.902 -3.843  -23.253 1.00 37.86 ? 3129 HOH B O   1 
HETATM 1683 O  O   . HOH G 4 .  ? -3.605  -14.796 1.753   1.00 39.70 ? 3130 HOH B O   1 
HETATM 1684 O  O   . HOH G 4 .  ? -12.666 -6.331  -1.238  1.00 36.20 ? 3132 HOH B O   1 
HETATM 1685 O  O   . HOH G 4 .  ? 11.415  9.384   -8.394  1.00 26.77 ? 3134 HOH B O   1 
HETATM 1686 O  O   . HOH G 4 .  ? 2.776   -5.907  -2.870  1.00 31.18 ? 3136 HOH B O   1 
HETATM 1687 O  O   . HOH G 4 .  ? -1.491  13.708  0.026   1.00 37.21 ? 3137 HOH B O   1 
HETATM 1688 O  O   . HOH G 4 .  ? -19.211 -2.247  -17.614 1.00 34.14 ? 3138 HOH B O   1 
HETATM 1689 O  O   . HOH G 4 .  ? -7.013  -8.132  -20.442 1.00 33.12 ? 3139 HOH B O   1 
HETATM 1690 O  O   . HOH G 4 .  ? -5.671  16.548  -17.383 1.00 34.08 ? 3141 HOH B O   1 
HETATM 1691 O  O   . HOH G 4 .  ? -0.676  -4.747  -13.015 1.00 38.58 ? 3146 HOH B O   1 
HETATM 1692 O  O   . HOH G 4 .  ? 3.880   6.713   -18.924 1.00 42.65 ? 3147 HOH B O   1 
HETATM 1693 O  O   . HOH G 4 .  ? -0.643  16.018  5.209   1.00 39.35 ? 3149 HOH B O   1 
HETATM 1694 O  O   . HOH G 4 .  ? -2.163  -7.565  -7.244  1.00 26.65 ? 3150 HOH B O   1 
HETATM 1695 O  O   . HOH G 4 .  ? -0.872  -8.891  -3.081  1.00 45.90 ? 3152 HOH B O   1 
HETATM 1696 O  O   . HOH G 4 .  ? 3.471   17.841  2.096   1.00 37.16 ? 3155 HOH B O   1 
# 
loop_
_pdbx_poly_seq_scheme.asym_id 
_pdbx_poly_seq_scheme.entity_id 
_pdbx_poly_seq_scheme.seq_id 
_pdbx_poly_seq_scheme.mon_id 
_pdbx_poly_seq_scheme.ndb_seq_num 
_pdbx_poly_seq_scheme.pdb_seq_num 
_pdbx_poly_seq_scheme.auth_seq_num 
_pdbx_poly_seq_scheme.pdb_mon_id 
_pdbx_poly_seq_scheme.auth_mon_id 
_pdbx_poly_seq_scheme.pdb_strand_id 
_pdbx_poly_seq_scheme.pdb_ins_code 
_pdbx_poly_seq_scheme.hetero 
A 1 1  PRO 1  1  1  PRO PRO A . n 
A 1 2  GLN 2  2  2  GLN GLN A . n 
A 1 3  ILE 3  3  3  ILE ILE A . n 
A 1 4  THR 4  4  4  THR THR A . n 
A 1 5  LEU 5  5  5  LEU LEU A . n 
A 1 6  TRP 6  6  6  TRP TRP A . n 
A 1 7  GLN 7  7  7  GLN GLN A . n 
A 1 8  ARG 8  8  8  ARG ARG A . n 
A 1 9  PRO 9  9  9  PRO PRO A . n 
A 1 10 LEU 10 10 10 LEU LEU A . n 
A 1 11 VAL 11 11 11 VAL VAL A . n 
A 1 12 THR 12 12 12 THR THR A . n 
A 1 13 ILE 13 13 13 ILE ILE A . n 
A 1 14 LYS 14 14 14 LYS LYS A . n 
A 1 15 ILE 15 15 15 ILE ILE A . n 
A 1 16 GLY 16 16 16 GLY GLY A . n 
A 1 17 GLY 17 17 17 GLY GLY A . n 
A 1 18 GLN 18 18 18 GLN GLN A . n 
A 1 19 LEU 19 19 19 LEU LEU A . n 
A 1 20 LYS 20 20 20 LYS LYS A . n 
A 1 21 GLU 21 21 21 GLU GLU A . n 
A 1 22 ALA 22 22 22 ALA ALA A . n 
A 1 23 LEU 23 23 23 LEU LEU A . n 
A 1 24 LEU 24 24 24 LEU LEU A . n 
A 1 25 ASP 25 25 25 ASP ASP A . n 
A 1 26 THR 26 26 26 THR THR A . n 
A 1 27 GLY 27 27 27 GLY GLY A . n 
A 1 28 ALA 28 28 28 ALA ALA A . n 
A 1 29 ASP 29 29 29 ASP ASP A . n 
A 1 30 ASP 30 30 30 ASP ASP A . n 
A 1 31 THR 31 31 31 THR THR A . n 
A 1 32 VAL 32 32 32 VAL VAL A . n 
A 1 33 LEU 33 33 33 LEU LEU A . n 
A 1 34 GLU 34 34 34 GLU GLU A . n 
A 1 35 GLU 35 35 35 GLU GLU A . n 
A 1 36 MET 36 36 36 MET MET A . n 
A 1 37 SER 37 37 37 SER SER A . n 
A 1 38 LEU 38 38 38 LEU LEU A . n 
A 1 39 PRO 39 39 39 PRO PRO A . n 
A 1 40 GLY 40 40 40 GLY GLY A . n 
A 1 41 ARG 41 41 41 ARG ALA A . n 
A 1 42 TRP 42 42 42 TRP TRP A . n 
A 1 43 LYS 43 43 43 LYS LYS A . n 
A 1 44 PRO 44 44 44 PRO PRO A . n 
A 1 45 LYS 45 45 45 LYS LYS A . n 
A 1 46 MET 46 46 46 MET MET A . n 
A 1 47 ILE 47 47 47 ILE ILE A . n 
A 1 48 GLY 48 48 48 GLY GLY A . n 
A 1 49 GLY 49 49 49 GLY GLY A . n 
A 1 50 ILE 50 50 50 ILE ILE A . n 
A 1 51 GLY 51 51 51 GLY GLY A . n 
A 1 52 GLY 52 52 52 GLY GLY A . n 
A 1 53 PHE 53 53 53 PHE PHE A . n 
A 1 54 ILE 54 54 54 ILE ILE A . n 
A 1 55 LYS 55 55 55 LYS LYS A . n 
A 1 56 VAL 56 56 56 VAL VAL A . n 
A 1 57 ARG 57 57 57 ARG ARG A . n 
A 1 58 GLN 58 58 58 GLN GLN A . n 
A 1 59 TYR 59 59 59 TYR TYR A . n 
A 1 60 ASP 60 60 60 ASP ASP A . n 
A 1 61 GLN 61 61 61 GLN GLN A . n 
A 1 62 ILE 62 62 62 ILE ILE A . n 
A 1 63 LEU 63 63 63 LEU LEU A . n 
A 1 64 ILE 64 64 64 ILE ILE A . n 
A 1 65 GLU 65 65 65 GLU GLU A . n 
A 1 66 ILE 66 66 66 ILE ILE A . n 
A 1 67 CYS 67 67 67 CYS CYS A . n 
A 1 68 GLY 68 68 68 GLY GLY A . n 
A 1 69 HIS 69 69 69 HIS HIS A . n 
A 1 70 LYS 70 70 70 LYS ALA A . n 
A 1 71 ALA 71 71 71 ALA ALA A . n 
A 1 72 ILE 72 72 72 ILE ILE A . n 
A 1 73 GLY 73 73 73 GLY GLY A . n 
A 1 74 THR 74 74 74 THR THR A . n 
A 1 75 VAL 75 75 75 VAL VAL A . n 
A 1 76 LEU 76 76 76 LEU LEU A . n 
A 1 77 VAL 77 77 77 VAL VAL A . n 
A 1 78 GLY 78 78 78 GLY GLY A . n 
A 1 79 PRO 79 79 79 PRO PRO A . n 
A 1 80 THR 80 80 80 THR THR A . n 
A 1 81 PRO 81 81 81 PRO PRO A . n 
A 1 82 VAL 82 82 82 VAL VAL A . n 
A 1 83 ASN 83 83 83 ASN ASN A . n 
A 1 84 ILE 84 84 84 ILE ILE A . n 
A 1 85 ILE 85 85 85 ILE ILE A . n 
A 1 86 GLY 86 86 86 GLY GLY A . n 
A 1 87 ARG 87 87 87 ARG ARG A . n 
A 1 88 ASN 88 88 88 ASN ASN A . n 
A 1 89 LEU 89 89 89 LEU LEU A . n 
A 1 90 LEU 90 90 90 LEU LEU A . n 
A 1 91 THR 91 91 91 THR THR A . n 
A 1 92 GLN 92 92 92 GLN GLN A . n 
A 1 93 ILE 93 93 93 ILE ILE A . n 
A 1 94 GLY 94 94 94 GLY GLY A . n 
A 1 95 CYS 95 95 95 CYS CYS A . n 
A 1 96 THR 96 96 96 THR THR A . n 
A 1 97 LEU 97 97 97 LEU LEU A . n 
A 1 98 ASN 98 98 98 ASN ASN A . n 
A 1 99 PHE 99 99 99 PHE PHE A . n 
B 1 1  PRO 1  1  1  PRO PRO B . n 
B 1 2  GLN 2  2  2  GLN GLN B . n 
B 1 3  ILE 3  3  3  ILE ILE B . n 
B 1 4  THR 4  4  4  THR THR B . n 
B 1 5  LEU 5  5  5  LEU LEU B . n 
B 1 6  TRP 6  6  6  TRP TRP B . n 
B 1 7  GLN 7  7  7  GLN GLN B . n 
B 1 8  ARG 8  8  8  ARG ARG B . n 
B 1 9  PRO 9  9  9  PRO PRO B . n 
B 1 10 LEU 10 10 10 LEU LEU B . n 
B 1 11 VAL 11 11 11 VAL VAL B . n 
B 1 12 THR 12 12 12 THR THR B . n 
B 1 13 ILE 13 13 13 ILE ILE B . n 
B 1 14 LYS 14 14 14 LYS LYS B . n 
B 1 15 ILE 15 15 15 ILE ILE B . n 
B 1 16 GLY 16 16 16 GLY GLY B . n 
B 1 17 GLY 17 17 17 GLY GLY B . n 
B 1 18 GLN 18 18 18 GLN GLN B . n 
B 1 19 LEU 19 19 19 LEU LEU B . n 
B 1 20 LYS 20 20 20 LYS LYS B . n 
B 1 21 GLU 21 21 21 GLU GLU B . n 
B 1 22 ALA 22 22 22 ALA ALA B . n 
B 1 23 LEU 23 23 23 LEU LEU B . n 
B 1 24 LEU 24 24 24 LEU LEU B . n 
B 1 25 ASP 25 25 25 ASP ASP B . n 
B 1 26 THR 26 26 26 THR THR B . n 
B 1 27 GLY 27 27 27 GLY GLY B . n 
B 1 28 ALA 28 28 28 ALA ALA B . n 
B 1 29 ASP 29 29 29 ASP ASP B . n 
B 1 30 ASP 30 30 30 ASP ASP B . n 
B 1 31 THR 31 31 31 THR THR B . n 
B 1 32 VAL 32 32 32 VAL VAL B . n 
B 1 33 LEU 33 33 33 LEU LEU B . n 
B 1 34 GLU 34 34 34 GLU GLU B . n 
B 1 35 GLU 35 35 35 GLU GLU B . n 
B 1 36 MET 36 36 36 MET MET B . n 
B 1 37 SER 37 37 37 SER SER B . n 
B 1 38 LEU 38 38 38 LEU LEU B . n 
B 1 39 PRO 39 39 39 PRO PRO B . n 
B 1 40 GLY 40 40 40 GLY GLY B . n 
B 1 41 ARG 41 41 41 ARG ARG B . n 
B 1 42 TRP 42 42 42 TRP TRP B . n 
B 1 43 LYS 43 43 43 LYS ALA B . n 
B 1 44 PRO 44 44 44 PRO PRO B . n 
B 1 45 LYS 45 45 45 LYS LYS B . n 
B 1 46 MET 46 46 46 MET MET B . n 
B 1 47 ILE 47 47 47 ILE ILE B . n 
B 1 48 GLY 48 48 48 GLY GLY B . n 
B 1 49 GLY 49 49 49 GLY GLY B . n 
B 1 50 ILE 50 50 50 ILE ILE B . n 
B 1 51 GLY 51 51 51 GLY GLY B . n 
B 1 52 GLY 52 52 52 GLY GLY B . n 
B 1 53 PHE 53 53 53 PHE PHE B . n 
B 1 54 ILE 54 54 54 ILE ILE B . n 
B 1 55 LYS 55 55 55 LYS ALA B . n 
B 1 56 VAL 56 56 56 VAL VAL B . n 
B 1 57 ARG 57 57 57 ARG ARG B . n 
B 1 58 GLN 58 58 58 GLN GLN B . n 
B 1 59 TYR 59 59 59 TYR TYR B . n 
B 1 60 ASP 60 60 60 ASP ASP B . n 
B 1 61 GLN 61 61 61 GLN GLN B . n 
B 1 62 ILE 62 62 62 ILE ILE B . n 
B 1 63 LEU 63 63 63 LEU LEU B . n 
B 1 64 ILE 64 64 64 ILE ILE B . n 
B 1 65 GLU 65 65 65 GLU GLU B . n 
B 1 66 ILE 66 66 66 ILE ILE B . n 
B 1 67 CYS 67 67 67 CYS CYS B . n 
B 1 68 GLY 68 68 68 GLY GLY B . n 
B 1 69 HIS 69 69 69 HIS HIS B . n 
B 1 70 LYS 70 70 70 LYS LYS B . n 
B 1 71 ALA 71 71 71 ALA ALA B . n 
B 1 72 ILE 72 72 72 ILE ILE B . n 
B 1 73 GLY 73 73 73 GLY GLY B . n 
B 1 74 THR 74 74 74 THR THR B . n 
B 1 75 VAL 75 75 75 VAL VAL B . n 
B 1 76 LEU 76 76 76 LEU LEU B . n 
B 1 77 VAL 77 77 77 VAL VAL B . n 
B 1 78 GLY 78 78 78 GLY GLY B . n 
B 1 79 PRO 79 79 79 PRO PRO B . n 
B 1 80 THR 80 80 80 THR THR B . n 
B 1 81 PRO 81 81 81 PRO PRO B . n 
B 1 82 VAL 82 82 82 VAL VAL B . n 
B 1 83 ASN 83 83 83 ASN ASN B . n 
B 1 84 ILE 84 84 84 ILE ILE B . n 
B 1 85 ILE 85 85 85 ILE ILE B . n 
B 1 86 GLY 86 86 86 GLY GLY B . n 
B 1 87 ARG 87 87 87 ARG ARG B . n 
B 1 88 ASN 88 88 88 ASN ASN B . n 
B 1 89 LEU 89 89 89 LEU LEU B . n 
B 1 90 LEU 90 90 90 LEU LEU B . n 
B 1 91 THR 91 91 91 THR THR B . n 
B 1 92 GLN 92 92 92 GLN GLN B . n 
B 1 93 ILE 93 93 93 ILE ILE B . n 
B 1 94 GLY 94 94 94 GLY GLY B . n 
B 1 95 CYS 95 95 95 CYS CYS B . n 
B 1 96 THR 96 96 96 THR THR B . n 
B 1 97 LEU 97 97 97 LEU LEU B . n 
B 1 98 ASN 98 98 98 ASN ASN B . n 
B 1 99 PHE 99 99 99 PHE PHE B . n 
# 
loop_
_pdbx_nonpoly_scheme.asym_id 
_pdbx_nonpoly_scheme.entity_id 
_pdbx_nonpoly_scheme.mon_id 
_pdbx_nonpoly_scheme.ndb_seq_num 
_pdbx_nonpoly_scheme.pdb_seq_num 
_pdbx_nonpoly_scheme.auth_seq_num 
_pdbx_nonpoly_scheme.pdb_mon_id 
_pdbx_nonpoly_scheme.auth_mon_id 
_pdbx_nonpoly_scheme.pdb_strand_id 
_pdbx_nonpoly_scheme.pdb_ins_code 
C 2 LJH 1  2501 2501 LJH LIG A . 
D 3 CL  1  2601 2601 CL  CL  B . 
E 3 CL  1  2602 2602 CL  CL  B . 
F 4 HOH 1  3001 3001 HOH HOH A . 
F 4 HOH 2  3003 3003 HOH HOH A . 
F 4 HOH 3  3004 3004 HOH HOH A . 
F 4 HOH 4  3005 3005 HOH HOH A . 
F 4 HOH 5  3008 3008 HOH HOH A . 
F 4 HOH 6  3010 3010 HOH HOH A . 
F 4 HOH 7  3013 3013 HOH HOH A . 
F 4 HOH 8  3018 3018 HOH HOH A . 
F 4 HOH 9  3020 3020 HOH HOH A . 
F 4 HOH 10 3024 3024 HOH HOH A . 
F 4 HOH 11 3033 3033 HOH HOH A . 
F 4 HOH 12 3034 3034 HOH HOH A . 
F 4 HOH 13 3035 3035 HOH HOH A . 
F 4 HOH 14 3036 3036 HOH HOH A . 
F 4 HOH 15 3039 3039 HOH HOH A . 
F 4 HOH 16 3040 3040 HOH HOH A . 
F 4 HOH 17 3041 3041 HOH HOH A . 
F 4 HOH 18 3044 3044 HOH HOH A . 
F 4 HOH 19 3046 3046 HOH HOH A . 
F 4 HOH 20 3047 3047 HOH HOH A . 
F 4 HOH 21 3053 3053 HOH HOH A . 
F 4 HOH 22 3054 3054 HOH HOH A . 
F 4 HOH 23 3055 3055 HOH HOH A . 
F 4 HOH 24 3056 3056 HOH HOH A . 
F 4 HOH 25 3057 3057 HOH HOH A . 
F 4 HOH 26 3059 3059 HOH HOH A . 
F 4 HOH 27 3060 3060 HOH HOH A . 
F 4 HOH 28 3063 3063 HOH HOH A . 
F 4 HOH 29 3066 3066 HOH HOH A . 
F 4 HOH 30 3067 3067 HOH HOH A . 
F 4 HOH 31 3075 3075 HOH HOH A . 
F 4 HOH 32 3076 3076 HOH HOH A . 
F 4 HOH 33 3077 3077 HOH HOH A . 
F 4 HOH 34 3079 3079 HOH HOH A . 
F 4 HOH 35 3082 3082 HOH HOH A . 
F 4 HOH 36 3085 3085 HOH HOH A . 
F 4 HOH 37 3088 3088 HOH HOH A . 
F 4 HOH 38 3096 3096 HOH HOH A . 
F 4 HOH 39 3098 3098 HOH HOH A . 
F 4 HOH 40 3100 3100 HOH HOH A . 
F 4 HOH 41 3101 3101 HOH HOH A . 
F 4 HOH 42 3102 3102 HOH HOH A . 
F 4 HOH 43 3106 3106 HOH HOH A . 
F 4 HOH 44 3107 3107 HOH HOH A . 
F 4 HOH 45 3108 3108 HOH HOH A . 
F 4 HOH 46 3113 3113 HOH HOH A . 
F 4 HOH 47 3114 3114 HOH HOH A . 
F 4 HOH 48 3115 3115 HOH HOH A . 
F 4 HOH 49 3117 3117 HOH HOH A . 
F 4 HOH 50 3123 3123 HOH HOH A . 
F 4 HOH 51 3124 3124 HOH HOH A . 
F 4 HOH 52 3125 3125 HOH HOH A . 
F 4 HOH 53 3126 3126 HOH HOH A . 
F 4 HOH 54 3131 3131 HOH HOH A . 
F 4 HOH 55 3133 3133 HOH HOH A . 
F 4 HOH 56 3135 3135 HOH HOH A . 
F 4 HOH 57 3140 3140 HOH HOH A . 
F 4 HOH 58 3142 3142 HOH HOH A . 
F 4 HOH 59 3143 3143 HOH HOH A . 
F 4 HOH 60 3144 3144 HOH HOH A . 
F 4 HOH 61 3145 3145 HOH HOH A . 
F 4 HOH 62 3148 3148 HOH HOH A . 
F 4 HOH 63 3151 3151 HOH HOH A . 
F 4 HOH 64 3153 3153 HOH HOH A . 
F 4 HOH 65 3154 3154 HOH HOH A . 
G 4 HOH 1  3002 3002 HOH HOH B . 
G 4 HOH 2  3006 3006 HOH HOH B . 
G 4 HOH 3  3007 3007 HOH HOH B . 
G 4 HOH 4  3009 3009 HOH HOH B . 
G 4 HOH 5  3011 3011 HOH HOH B . 
G 4 HOH 6  3012 3012 HOH HOH B . 
G 4 HOH 7  3014 3014 HOH HOH B . 
G 4 HOH 8  3015 3015 HOH HOH B . 
G 4 HOH 9  3016 3016 HOH HOH B . 
G 4 HOH 10 3017 3017 HOH HOH B . 
G 4 HOH 11 3019 3019 HOH HOH B . 
G 4 HOH 12 3021 3021 HOH HOH B . 
G 4 HOH 13 3022 3022 HOH HOH B . 
G 4 HOH 14 3023 3023 HOH HOH B . 
G 4 HOH 15 3025 3025 HOH HOH B . 
G 4 HOH 16 3026 3026 HOH HOH B . 
G 4 HOH 17 3027 3027 HOH HOH B . 
G 4 HOH 18 3028 3028 HOH HOH B . 
G 4 HOH 19 3029 3029 HOH HOH B . 
G 4 HOH 20 3030 3030 HOH HOH B . 
G 4 HOH 21 3031 3031 HOH HOH B . 
G 4 HOH 22 3032 3032 HOH HOH B . 
G 4 HOH 23 3037 3037 HOH HOH B . 
G 4 HOH 24 3038 3038 HOH HOH B . 
G 4 HOH 25 3042 3042 HOH HOH B . 
G 4 HOH 26 3043 3043 HOH HOH B . 
G 4 HOH 27 3045 3045 HOH HOH B . 
G 4 HOH 28 3048 3048 HOH HOH B . 
G 4 HOH 29 3049 3049 HOH HOH B . 
G 4 HOH 30 3050 3050 HOH HOH B . 
G 4 HOH 31 3051 3051 HOH HOH B . 
G 4 HOH 32 3052 3052 HOH HOH B . 
G 4 HOH 33 3058 3058 HOH HOH B . 
G 4 HOH 34 3061 3061 HOH HOH B . 
G 4 HOH 35 3062 3062 HOH HOH B . 
G 4 HOH 36 3064 3064 HOH HOH B . 
G 4 HOH 37 3065 3065 HOH HOH B . 
G 4 HOH 38 3068 3068 HOH HOH B . 
G 4 HOH 39 3069 3069 HOH HOH B . 
G 4 HOH 40 3070 3070 HOH HOH B . 
G 4 HOH 41 3071 3071 HOH HOH B . 
G 4 HOH 42 3072 3072 HOH HOH B . 
G 4 HOH 43 3073 3073 HOH HOH B . 
G 4 HOH 44 3074 3074 HOH HOH B . 
G 4 HOH 45 3078 3078 HOH HOH B . 
G 4 HOH 46 3080 3080 HOH HOH B . 
G 4 HOH 47 3081 3081 HOH HOH B . 
G 4 HOH 48 3083 3083 HOH HOH B . 
G 4 HOH 49 3084 3084 HOH HOH B . 
G 4 HOH 50 3086 3086 HOH HOH B . 
G 4 HOH 51 3087 3087 HOH HOH B . 
G 4 HOH 52 3089 3089 HOH HOH B . 
G 4 HOH 53 3090 3090 HOH HOH B . 
G 4 HOH 54 3091 3091 HOH HOH B . 
G 4 HOH 55 3092 3092 HOH HOH B . 
G 4 HOH 56 3093 3093 HOH HOH B . 
G 4 HOH 57 3094 3094 HOH HOH B . 
G 4 HOH 58 3095 3095 HOH HOH B . 
G 4 HOH 59 3097 3097 HOH HOH B . 
G 4 HOH 60 3099 3099 HOH HOH B . 
G 4 HOH 61 3103 3103 HOH HOH B . 
G 4 HOH 62 3104 3104 HOH HOH B . 
G 4 HOH 63 3105 3105 HOH HOH B . 
G 4 HOH 64 3109 3109 HOH HOH B . 
G 4 HOH 65 3110 3110 HOH HOH B . 
G 4 HOH 66 3111 3111 HOH HOH B . 
G 4 HOH 67 3112 3112 HOH HOH B . 
G 4 HOH 68 3116 3116 HOH HOH B . 
G 4 HOH 69 3118 3118 HOH HOH B . 
G 4 HOH 70 3119 3119 HOH HOH B . 
G 4 HOH 71 3120 3120 HOH HOH B . 
G 4 HOH 72 3121 3121 HOH HOH B . 
G 4 HOH 73 3122 3122 HOH HOH B . 
G 4 HOH 74 3127 3127 HOH HOH B . 
G 4 HOH 75 3128 3128 HOH HOH B . 
G 4 HOH 76 3129 3129 HOH HOH B . 
G 4 HOH 77 3130 3130 HOH HOH B . 
G 4 HOH 78 3132 3132 HOH HOH B . 
G 4 HOH 79 3134 3134 HOH HOH B . 
G 4 HOH 80 3136 3136 HOH HOH B . 
G 4 HOH 81 3137 3137 HOH HOH B . 
G 4 HOH 82 3138 3138 HOH HOH B . 
G 4 HOH 83 3139 3139 HOH HOH B . 
G 4 HOH 84 3141 3141 HOH HOH B . 
G 4 HOH 85 3146 3146 HOH HOH B . 
G 4 HOH 86 3147 3147 HOH HOH B . 
G 4 HOH 87 3149 3149 HOH HOH B . 
G 4 HOH 88 3150 3150 HOH HOH B . 
G 4 HOH 89 3152 3152 HOH HOH B . 
G 4 HOH 90 3155 3155 HOH HOH B . 
# 
_pdbx_struct_assembly.id                   1 
_pdbx_struct_assembly.details              author_and_software_defined_assembly 
_pdbx_struct_assembly.method_details       PISA 
_pdbx_struct_assembly.oligomeric_details   dimeric 
_pdbx_struct_assembly.oligomeric_count     2 
# 
_pdbx_struct_assembly_gen.assembly_id       1 
_pdbx_struct_assembly_gen.oper_expression   1 
_pdbx_struct_assembly_gen.asym_id_list      A,B,C,D,E,F,G 
# 
loop_
_pdbx_struct_assembly_prop.biol_id 
_pdbx_struct_assembly_prop.type 
_pdbx_struct_assembly_prop.value 
_pdbx_struct_assembly_prop.details 
1 'ABSA (A^2)' 4210  ? 
1 MORE         -38.7 ? 
1 'SSA (A^2)'  9270  ? 
# 
_pdbx_struct_oper_list.id                   1 
_pdbx_struct_oper_list.type                 'identity operation' 
_pdbx_struct_oper_list.name                 1_555 
_pdbx_struct_oper_list.symmetry_operation   x,y,z 
_pdbx_struct_oper_list.matrix[1][1]         1.0000000000 
_pdbx_struct_oper_list.matrix[1][2]         0.0000000000 
_pdbx_struct_oper_list.matrix[1][3]         0.0000000000 
_pdbx_struct_oper_list.vector[1]            0.0000000000 
_pdbx_struct_oper_list.matrix[2][1]         0.0000000000 
_pdbx_struct_oper_list.matrix[2][2]         1.0000000000 
_pdbx_struct_oper_list.matrix[2][3]         0.0000000000 
_pdbx_struct_oper_list.vector[2]            0.0000000000 
_pdbx_struct_oper_list.matrix[3][1]         0.0000000000 
_pdbx_struct_oper_list.matrix[3][2]         0.0000000000 
_pdbx_struct_oper_list.matrix[3][3]         1.0000000000 
_pdbx_struct_oper_list.vector[3]            0.0000000000 
# 
loop_
_pdbx_audit_revision_history.ordinal 
_pdbx_audit_revision_history.data_content_type 
_pdbx_audit_revision_history.major_revision 
_pdbx_audit_revision_history.minor_revision 
_pdbx_audit_revision_history.revision_date 
1 'Structure model' 1 0 2008-09-02 
2 'Structure model' 1 1 2011-07-13 
3 'Structure model' 1 2 2023-11-01 
# 
_pdbx_audit_revision_details.ordinal             1 
_pdbx_audit_revision_details.revision_ordinal    1 
_pdbx_audit_revision_details.data_content_type   'Structure model' 
_pdbx_audit_revision_details.provider            repository 
_pdbx_audit_revision_details.type                'Initial release' 
_pdbx_audit_revision_details.description         ? 
_pdbx_audit_revision_details.details             ? 
# 
loop_
_pdbx_audit_revision_group.ordinal 
_pdbx_audit_revision_group.revision_ordinal 
_pdbx_audit_revision_group.data_content_type 
_pdbx_audit_revision_group.group 
1 2 'Structure model' 'Version format compliance' 
2 3 'Structure model' 'Data collection'           
3 3 'Structure model' 'Database references'       
4 3 'Structure model' 'Derived calculations'      
5 3 'Structure model' 'Refinement description'    
# 
loop_
_pdbx_audit_revision_category.ordinal 
_pdbx_audit_revision_category.revision_ordinal 
_pdbx_audit_revision_category.data_content_type 
_pdbx_audit_revision_category.category 
1 3 'Structure model' chem_comp_atom                
2 3 'Structure model' chem_comp_bond                
3 3 'Structure model' database_2                    
4 3 'Structure model' pdbx_initial_refinement_model 
5 3 'Structure model' struct_site                   
# 
loop_
_pdbx_audit_revision_item.ordinal 
_pdbx_audit_revision_item.revision_ordinal 
_pdbx_audit_revision_item.data_content_type 
_pdbx_audit_revision_item.item 
1 3 'Structure model' '_database_2.pdbx_DOI'                
2 3 'Structure model' '_database_2.pdbx_database_accession' 
3 3 'Structure model' '_struct_site.pdbx_auth_asym_id'      
4 3 'Structure model' '_struct_site.pdbx_auth_comp_id'      
5 3 'Structure model' '_struct_site.pdbx_auth_seq_id'       
# 
loop_
_software.name 
_software.classification 
_software.version 
_software.citation_id 
_software.pdbx_ordinal 
SHELX        'model building'  . ? 1 
SHELXL-97    refinement        . ? 2 
CrystalClear 'data collection' . ? 3 
HKL-2000     'data reduction'  . ? 4 
HKL-2000     'data scaling'    . ? 5 
PHASER       phasing           . ? 6 
# 
loop_
_pdbx_validate_rmsd_angle.id 
_pdbx_validate_rmsd_angle.PDB_model_num 
_pdbx_validate_rmsd_angle.auth_atom_id_1 
_pdbx_validate_rmsd_angle.auth_asym_id_1 
_pdbx_validate_rmsd_angle.auth_comp_id_1 
_pdbx_validate_rmsd_angle.auth_seq_id_1 
_pdbx_validate_rmsd_angle.PDB_ins_code_1 
_pdbx_validate_rmsd_angle.label_alt_id_1 
_pdbx_validate_rmsd_angle.auth_atom_id_2 
_pdbx_validate_rmsd_angle.auth_asym_id_2 
_pdbx_validate_rmsd_angle.auth_comp_id_2 
_pdbx_validate_rmsd_angle.auth_seq_id_2 
_pdbx_validate_rmsd_angle.PDB_ins_code_2 
_pdbx_validate_rmsd_angle.label_alt_id_2 
_pdbx_validate_rmsd_angle.auth_atom_id_3 
_pdbx_validate_rmsd_angle.auth_asym_id_3 
_pdbx_validate_rmsd_angle.auth_comp_id_3 
_pdbx_validate_rmsd_angle.auth_seq_id_3 
_pdbx_validate_rmsd_angle.PDB_ins_code_3 
_pdbx_validate_rmsd_angle.label_alt_id_3 
_pdbx_validate_rmsd_angle.angle_value 
_pdbx_validate_rmsd_angle.angle_target_value 
_pdbx_validate_rmsd_angle.angle_deviation 
_pdbx_validate_rmsd_angle.angle_standard_deviation 
_pdbx_validate_rmsd_angle.linker_flag 
1 1 NE A ARG 8  ? ? CZ A ARG 8  ? ? NH1 A ARG 8  ? ? 123.62 120.30 3.32  0.50 N 
2 1 CD A ARG 57 ? ? NE A ARG 57 ? ? CZ  A ARG 57 ? ? 133.73 123.60 10.13 1.40 N 
3 1 NE A ARG 87 ? ? CZ A ARG 87 ? ? NH1 A ARG 87 ? ? 123.80 120.30 3.50  0.50 N 
# 
loop_
_pdbx_unobs_or_zero_occ_atoms.id 
_pdbx_unobs_or_zero_occ_atoms.PDB_model_num 
_pdbx_unobs_or_zero_occ_atoms.polymer_flag 
_pdbx_unobs_or_zero_occ_atoms.occupancy_flag 
_pdbx_unobs_or_zero_occ_atoms.auth_asym_id 
_pdbx_unobs_or_zero_occ_atoms.auth_comp_id 
_pdbx_unobs_or_zero_occ_atoms.auth_seq_id 
_pdbx_unobs_or_zero_occ_atoms.PDB_ins_code 
_pdbx_unobs_or_zero_occ_atoms.auth_atom_id 
_pdbx_unobs_or_zero_occ_atoms.label_alt_id 
_pdbx_unobs_or_zero_occ_atoms.label_asym_id 
_pdbx_unobs_or_zero_occ_atoms.label_comp_id 
_pdbx_unobs_or_zero_occ_atoms.label_seq_id 
_pdbx_unobs_or_zero_occ_atoms.label_atom_id 
1  1 Y 1 A ARG 41 ? CG  ? A ARG 41 CG  
2  1 Y 1 A ARG 41 ? CD  ? A ARG 41 CD  
3  1 Y 1 A ARG 41 ? NE  ? A ARG 41 NE  
4  1 Y 1 A ARG 41 ? CZ  ? A ARG 41 CZ  
5  1 Y 1 A ARG 41 ? NH1 ? A ARG 41 NH1 
6  1 Y 1 A ARG 41 ? NH2 ? A ARG 41 NH2 
7  1 Y 1 A LYS 70 ? CG  ? A LYS 70 CG  
8  1 Y 1 A LYS 70 ? CD  ? A LYS 70 CD  
9  1 Y 1 A LYS 70 ? CE  ? A LYS 70 CE  
10 1 Y 1 A LYS 70 ? NZ  ? A LYS 70 NZ  
11 1 Y 1 B LYS 43 ? CG  ? B LYS 43 CG  
12 1 Y 1 B LYS 43 ? CD  ? B LYS 43 CD  
13 1 Y 1 B LYS 43 ? CE  ? B LYS 43 CE  
14 1 Y 1 B LYS 43 ? NZ  ? B LYS 43 NZ  
15 1 Y 1 B LYS 55 ? CG  ? B LYS 55 CG  
16 1 Y 1 B LYS 55 ? CD  ? B LYS 55 CD  
17 1 Y 1 B LYS 55 ? CE  ? B LYS 55 CE  
18 1 Y 1 B LYS 55 ? NZ  ? B LYS 55 NZ  
# 
loop_
_chem_comp_atom.comp_id 
_chem_comp_atom.atom_id 
_chem_comp_atom.type_symbol 
_chem_comp_atom.pdbx_aromatic_flag 
_chem_comp_atom.pdbx_stereo_config 
_chem_comp_atom.pdbx_ordinal 
ALA N    N  N N 1   
ALA CA   C  N S 2   
ALA C    C  N N 3   
ALA O    O  N N 4   
ALA CB   C  N N 5   
ALA OXT  O  N N 6   
ALA H    H  N N 7   
ALA H2   H  N N 8   
ALA HA   H  N N 9   
ALA HB1  H  N N 10  
ALA HB2  H  N N 11  
ALA HB3  H  N N 12  
ALA HXT  H  N N 13  
ARG N    N  N N 14  
ARG CA   C  N S 15  
ARG C    C  N N 16  
ARG O    O  N N 17  
ARG CB   C  N N 18  
ARG CG   C  N N 19  
ARG CD   C  N N 20  
ARG NE   N  N N 21  
ARG CZ   C  N N 22  
ARG NH1  N  N N 23  
ARG NH2  N  N N 24  
ARG OXT  O  N N 25  
ARG H    H  N N 26  
ARG H2   H  N N 27  
ARG HA   H  N N 28  
ARG HB2  H  N N 29  
ARG HB3  H  N N 30  
ARG HG2  H  N N 31  
ARG HG3  H  N N 32  
ARG HD2  H  N N 33  
ARG HD3  H  N N 34  
ARG HE   H  N N 35  
ARG HH11 H  N N 36  
ARG HH12 H  N N 37  
ARG HH21 H  N N 38  
ARG HH22 H  N N 39  
ARG HXT  H  N N 40  
ASN N    N  N N 41  
ASN CA   C  N S 42  
ASN C    C  N N 43  
ASN O    O  N N 44  
ASN CB   C  N N 45  
ASN CG   C  N N 46  
ASN OD1  O  N N 47  
ASN ND2  N  N N 48  
ASN OXT  O  N N 49  
ASN H    H  N N 50  
ASN H2   H  N N 51  
ASN HA   H  N N 52  
ASN HB2  H  N N 53  
ASN HB3  H  N N 54  
ASN HD21 H  N N 55  
ASN HD22 H  N N 56  
ASN HXT  H  N N 57  
ASP N    N  N N 58  
ASP CA   C  N S 59  
ASP C    C  N N 60  
ASP O    O  N N 61  
ASP CB   C  N N 62  
ASP CG   C  N N 63  
ASP OD1  O  N N 64  
ASP OD2  O  N N 65  
ASP OXT  O  N N 66  
ASP H    H  N N 67  
ASP H2   H  N N 68  
ASP HA   H  N N 69  
ASP HB2  H  N N 70  
ASP HB3  H  N N 71  
ASP HD2  H  N N 72  
ASP HXT  H  N N 73  
CL  CL   CL N N 74  
CYS N    N  N N 75  
CYS CA   C  N R 76  
CYS C    C  N N 77  
CYS O    O  N N 78  
CYS CB   C  N N 79  
CYS SG   S  N N 80  
CYS OXT  O  N N 81  
CYS H    H  N N 82  
CYS H2   H  N N 83  
CYS HA   H  N N 84  
CYS HB2  H  N N 85  
CYS HB3  H  N N 86  
CYS HG   H  N N 87  
CYS HXT  H  N N 88  
GLN N    N  N N 89  
GLN CA   C  N S 90  
GLN C    C  N N 91  
GLN O    O  N N 92  
GLN CB   C  N N 93  
GLN CG   C  N N 94  
GLN CD   C  N N 95  
GLN OE1  O  N N 96  
GLN NE2  N  N N 97  
GLN OXT  O  N N 98  
GLN H    H  N N 99  
GLN H2   H  N N 100 
GLN HA   H  N N 101 
GLN HB2  H  N N 102 
GLN HB3  H  N N 103 
GLN HG2  H  N N 104 
GLN HG3  H  N N 105 
GLN HE21 H  N N 106 
GLN HE22 H  N N 107 
GLN HXT  H  N N 108 
GLU N    N  N N 109 
GLU CA   C  N S 110 
GLU C    C  N N 111 
GLU O    O  N N 112 
GLU CB   C  N N 113 
GLU CG   C  N N 114 
GLU CD   C  N N 115 
GLU OE1  O  N N 116 
GLU OE2  O  N N 117 
GLU OXT  O  N N 118 
GLU H    H  N N 119 
GLU H2   H  N N 120 
GLU HA   H  N N 121 
GLU HB2  H  N N 122 
GLU HB3  H  N N 123 
GLU HG2  H  N N 124 
GLU HG3  H  N N 125 
GLU HE2  H  N N 126 
GLU HXT  H  N N 127 
GLY N    N  N N 128 
GLY CA   C  N N 129 
GLY C    C  N N 130 
GLY O    O  N N 131 
GLY OXT  O  N N 132 
GLY H    H  N N 133 
GLY H2   H  N N 134 
GLY HA2  H  N N 135 
GLY HA3  H  N N 136 
GLY HXT  H  N N 137 
HIS N    N  N N 138 
HIS CA   C  N S 139 
HIS C    C  N N 140 
HIS O    O  N N 141 
HIS CB   C  N N 142 
HIS CG   C  Y N 143 
HIS ND1  N  Y N 144 
HIS CD2  C  Y N 145 
HIS CE1  C  Y N 146 
HIS NE2  N  Y N 147 
HIS OXT  O  N N 148 
HIS H    H  N N 149 
HIS H2   H  N N 150 
HIS HA   H  N N 151 
HIS HB2  H  N N 152 
HIS HB3  H  N N 153 
HIS HD1  H  N N 154 
HIS HD2  H  N N 155 
HIS HE1  H  N N 156 
HIS HE2  H  N N 157 
HIS HXT  H  N N 158 
HOH O    O  N N 159 
HOH H1   H  N N 160 
HOH H2   H  N N 161 
ILE N    N  N N 162 
ILE CA   C  N S 163 
ILE C    C  N N 164 
ILE O    O  N N 165 
ILE CB   C  N S 166 
ILE CG1  C  N N 167 
ILE CG2  C  N N 168 
ILE CD1  C  N N 169 
ILE OXT  O  N N 170 
ILE H    H  N N 171 
ILE H2   H  N N 172 
ILE HA   H  N N 173 
ILE HB   H  N N 174 
ILE HG12 H  N N 175 
ILE HG13 H  N N 176 
ILE HG21 H  N N 177 
ILE HG22 H  N N 178 
ILE HG23 H  N N 179 
ILE HD11 H  N N 180 
ILE HD12 H  N N 181 
ILE HD13 H  N N 182 
ILE HXT  H  N N 183 
LEU N    N  N N 184 
LEU CA   C  N S 185 
LEU C    C  N N 186 
LEU O    O  N N 187 
LEU CB   C  N N 188 
LEU CG   C  N N 189 
LEU CD1  C  N N 190 
LEU CD2  C  N N 191 
LEU OXT  O  N N 192 
LEU H    H  N N 193 
LEU H2   H  N N 194 
LEU HA   H  N N 195 
LEU HB2  H  N N 196 
LEU HB3  H  N N 197 
LEU HG   H  N N 198 
LEU HD11 H  N N 199 
LEU HD12 H  N N 200 
LEU HD13 H  N N 201 
LEU HD21 H  N N 202 
LEU HD22 H  N N 203 
LEU HD23 H  N N 204 
LEU HXT  H  N N 205 
LJH N1   N  N N 206 
LJH C5   C  N N 207 
LJH C6   C  N N 208 
LJH C8   C  N N 209 
LJH C10  C  Y N 210 
LJH C13  C  Y N 211 
LJH C17  C  Y N 212 
LJH C28  C  Y N 213 
LJH C2   C  N N 214 
LJH C3   C  N N 215 
LJH N4   N  N N 216 
LJH C27  C  Y N 217 
LJH C31  C  Y N 218 
LJH C30  C  Y N 219 
LJH C29  C  Y N 220 
LJH C25  C  N N 221 
LJH N7   N  N N 222 
LJH C18  C  Y N 223 
LJH C16  C  Y N 224 
LJH C14  C  Y N 225 
LJH C9   C  Y N 226 
LJH C11  C  Y N 227 
LJH S15  S  N N 228 
LJH O24  O  N N 229 
LJH O23  O  N N 230 
LJH C21  C  Y N 231 
LJH C20  C  Y N 232 
LJH C19  C  Y N 233 
LJH N22  N  N N 234 
LJH C12  C  Y N 235 
LJH S32  S  N N 236 
LJH O41  O  N N 237 
LJH O40  O  N N 238 
LJH C33  C  Y N 239 
LJH C38  C  Y N 240 
LJH C37  C  Y N 241 
LJH C36  C  Y N 242 
LJH N39  N  N N 243 
LJH C35  C  Y N 244 
LJH C34  C  Y N 245 
LJH C26  C  Y N 246 
LJH HN1  H  N N 247 
LJH H5   H  N N 248 
LJH H5A  H  N N 249 
LJH H6   H  N N 250 
LJH H6A  H  N N 251 
LJH H8   H  N N 252 
LJH H8A  H  N N 253 
LJH H10  H  N N 254 
LJH H13  H  N N 255 
LJH H17  H  N N 256 
LJH H28  H  N N 257 
LJH H2   H  N N 258 
LJH H2A  H  N N 259 
LJH H3   H  N N 260 
LJH H3A  H  N N 261 
LJH H27  H  N N 262 
LJH H31  H  N N 263 
LJH H30  H  N N 264 
LJH H29  H  N N 265 
LJH H25  H  N N 266 
LJH H25A H  N N 267 
LJH H18  H  N N 268 
LJH H14  H  N N 269 
LJH H11  H  N N 270 
LJH H21  H  N N 271 
LJH H20  H  N N 272 
LJH HN22 H  N N 273 
LJH HN2A H  N N 274 
LJH H12  H  N N 275 
LJH H38  H  N N 276 
LJH H37  H  N N 277 
LJH HN39 H  N N 278 
LJH HN3A H  N N 279 
LJH H35  H  N N 280 
LJH H34  H  N N 281 
LYS N    N  N N 282 
LYS CA   C  N S 283 
LYS C    C  N N 284 
LYS O    O  N N 285 
LYS CB   C  N N 286 
LYS CG   C  N N 287 
LYS CD   C  N N 288 
LYS CE   C  N N 289 
LYS NZ   N  N N 290 
LYS OXT  O  N N 291 
LYS H    H  N N 292 
LYS H2   H  N N 293 
LYS HA   H  N N 294 
LYS HB2  H  N N 295 
LYS HB3  H  N N 296 
LYS HG2  H  N N 297 
LYS HG3  H  N N 298 
LYS HD2  H  N N 299 
LYS HD3  H  N N 300 
LYS HE2  H  N N 301 
LYS HE3  H  N N 302 
LYS HZ1  H  N N 303 
LYS HZ2  H  N N 304 
LYS HZ3  H  N N 305 
LYS HXT  H  N N 306 
MET N    N  N N 307 
MET CA   C  N S 308 
MET C    C  N N 309 
MET O    O  N N 310 
MET CB   C  N N 311 
MET CG   C  N N 312 
MET SD   S  N N 313 
MET CE   C  N N 314 
MET OXT  O  N N 315 
MET H    H  N N 316 
MET H2   H  N N 317 
MET HA   H  N N 318 
MET HB2  H  N N 319 
MET HB3  H  N N 320 
MET HG2  H  N N 321 
MET HG3  H  N N 322 
MET HE1  H  N N 323 
MET HE2  H  N N 324 
MET HE3  H  N N 325 
MET HXT  H  N N 326 
PHE N    N  N N 327 
PHE CA   C  N S 328 
PHE C    C  N N 329 
PHE O    O  N N 330 
PHE CB   C  N N 331 
PHE CG   C  Y N 332 
PHE CD1  C  Y N 333 
PHE CD2  C  Y N 334 
PHE CE1  C  Y N 335 
PHE CE2  C  Y N 336 
PHE CZ   C  Y N 337 
PHE OXT  O  N N 338 
PHE H    H  N N 339 
PHE H2   H  N N 340 
PHE HA   H  N N 341 
PHE HB2  H  N N 342 
PHE HB3  H  N N 343 
PHE HD1  H  N N 344 
PHE HD2  H  N N 345 
PHE HE1  H  N N 346 
PHE HE2  H  N N 347 
PHE HZ   H  N N 348 
PHE HXT  H  N N 349 
PRO N    N  N N 350 
PRO CA   C  N S 351 
PRO C    C  N N 352 
PRO O    O  N N 353 
PRO CB   C  N N 354 
PRO CG   C  N N 355 
PRO CD   C  N N 356 
PRO OXT  O  N N 357 
PRO H    H  N N 358 
PRO HA   H  N N 359 
PRO HB2  H  N N 360 
PRO HB3  H  N N 361 
PRO HG2  H  N N 362 
PRO HG3  H  N N 363 
PRO HD2  H  N N 364 
PRO HD3  H  N N 365 
PRO HXT  H  N N 366 
SER N    N  N N 367 
SER CA   C  N S 368 
SER C    C  N N 369 
SER O    O  N N 370 
SER CB   C  N N 371 
SER OG   O  N N 372 
SER OXT  O  N N 373 
SER H    H  N N 374 
SER H2   H  N N 375 
SER HA   H  N N 376 
SER HB2  H  N N 377 
SER HB3  H  N N 378 
SER HG   H  N N 379 
SER HXT  H  N N 380 
THR N    N  N N 381 
THR CA   C  N S 382 
THR C    C  N N 383 
THR O    O  N N 384 
THR CB   C  N R 385 
THR OG1  O  N N 386 
THR CG2  C  N N 387 
THR OXT  O  N N 388 
THR H    H  N N 389 
THR H2   H  N N 390 
THR HA   H  N N 391 
THR HB   H  N N 392 
THR HG1  H  N N 393 
THR HG21 H  N N 394 
THR HG22 H  N N 395 
THR HG23 H  N N 396 
THR HXT  H  N N 397 
TRP N    N  N N 398 
TRP CA   C  N S 399 
TRP C    C  N N 400 
TRP O    O  N N 401 
TRP CB   C  N N 402 
TRP CG   C  Y N 403 
TRP CD1  C  Y N 404 
TRP CD2  C  Y N 405 
TRP NE1  N  Y N 406 
TRP CE2  C  Y N 407 
TRP CE3  C  Y N 408 
TRP CZ2  C  Y N 409 
TRP CZ3  C  Y N 410 
TRP CH2  C  Y N 411 
TRP OXT  O  N N 412 
TRP H    H  N N 413 
TRP H2   H  N N 414 
TRP HA   H  N N 415 
TRP HB2  H  N N 416 
TRP HB3  H  N N 417 
TRP HD1  H  N N 418 
TRP HE1  H  N N 419 
TRP HE3  H  N N 420 
TRP HZ2  H  N N 421 
TRP HZ3  H  N N 422 
TRP HH2  H  N N 423 
TRP HXT  H  N N 424 
TYR N    N  N N 425 
TYR CA   C  N S 426 
TYR C    C  N N 427 
TYR O    O  N N 428 
TYR CB   C  N N 429 
TYR CG   C  Y N 430 
TYR CD1  C  Y N 431 
TYR CD2  C  Y N 432 
TYR CE1  C  Y N 433 
TYR CE2  C  Y N 434 
TYR CZ   C  Y N 435 
TYR OH   O  N N 436 
TYR OXT  O  N N 437 
TYR H    H  N N 438 
TYR H2   H  N N 439 
TYR HA   H  N N 440 
TYR HB2  H  N N 441 
TYR HB3  H  N N 442 
TYR HD1  H  N N 443 
TYR HD2  H  N N 444 
TYR HE1  H  N N 445 
TYR HE2  H  N N 446 
TYR HH   H  N N 447 
TYR HXT  H  N N 448 
VAL N    N  N N 449 
VAL CA   C  N S 450 
VAL C    C  N N 451 
VAL O    O  N N 452 
VAL CB   C  N N 453 
VAL CG1  C  N N 454 
VAL CG2  C  N N 455 
VAL OXT  O  N N 456 
VAL H    H  N N 457 
VAL H2   H  N N 458 
VAL HA   H  N N 459 
VAL HB   H  N N 460 
VAL HG11 H  N N 461 
VAL HG12 H  N N 462 
VAL HG13 H  N N 463 
VAL HG21 H  N N 464 
VAL HG22 H  N N 465 
VAL HG23 H  N N 466 
VAL HXT  H  N N 467 
# 
loop_
_chem_comp_bond.comp_id 
_chem_comp_bond.atom_id_1 
_chem_comp_bond.atom_id_2 
_chem_comp_bond.value_order 
_chem_comp_bond.pdbx_aromatic_flag 
_chem_comp_bond.pdbx_stereo_config 
_chem_comp_bond.pdbx_ordinal 
ALA N   CA   sing N N 1   
ALA N   H    sing N N 2   
ALA N   H2   sing N N 3   
ALA CA  C    sing N N 4   
ALA CA  CB   sing N N 5   
ALA CA  HA   sing N N 6   
ALA C   O    doub N N 7   
ALA C   OXT  sing N N 8   
ALA CB  HB1  sing N N 9   
ALA CB  HB2  sing N N 10  
ALA CB  HB3  sing N N 11  
ALA OXT HXT  sing N N 12  
ARG N   CA   sing N N 13  
ARG N   H    sing N N 14  
ARG N   H2   sing N N 15  
ARG CA  C    sing N N 16  
ARG CA  CB   sing N N 17  
ARG CA  HA   sing N N 18  
ARG C   O    doub N N 19  
ARG C   OXT  sing N N 20  
ARG CB  CG   sing N N 21  
ARG CB  HB2  sing N N 22  
ARG CB  HB3  sing N N 23  
ARG CG  CD   sing N N 24  
ARG CG  HG2  sing N N 25  
ARG CG  HG3  sing N N 26  
ARG CD  NE   sing N N 27  
ARG CD  HD2  sing N N 28  
ARG CD  HD3  sing N N 29  
ARG NE  CZ   sing N N 30  
ARG NE  HE   sing N N 31  
ARG CZ  NH1  sing N N 32  
ARG CZ  NH2  doub N N 33  
ARG NH1 HH11 sing N N 34  
ARG NH1 HH12 sing N N 35  
ARG NH2 HH21 sing N N 36  
ARG NH2 HH22 sing N N 37  
ARG OXT HXT  sing N N 38  
ASN N   CA   sing N N 39  
ASN N   H    sing N N 40  
ASN N   H2   sing N N 41  
ASN CA  C    sing N N 42  
ASN CA  CB   sing N N 43  
ASN CA  HA   sing N N 44  
ASN C   O    doub N N 45  
ASN C   OXT  sing N N 46  
ASN CB  CG   sing N N 47  
ASN CB  HB2  sing N N 48  
ASN CB  HB3  sing N N 49  
ASN CG  OD1  doub N N 50  
ASN CG  ND2  sing N N 51  
ASN ND2 HD21 sing N N 52  
ASN ND2 HD22 sing N N 53  
ASN OXT HXT  sing N N 54  
ASP N   CA   sing N N 55  
ASP N   H    sing N N 56  
ASP N   H2   sing N N 57  
ASP CA  C    sing N N 58  
ASP CA  CB   sing N N 59  
ASP CA  HA   sing N N 60  
ASP C   O    doub N N 61  
ASP C   OXT  sing N N 62  
ASP CB  CG   sing N N 63  
ASP CB  HB2  sing N N 64  
ASP CB  HB3  sing N N 65  
ASP CG  OD1  doub N N 66  
ASP CG  OD2  sing N N 67  
ASP OD2 HD2  sing N N 68  
ASP OXT HXT  sing N N 69  
CYS N   CA   sing N N 70  
CYS N   H    sing N N 71  
CYS N   H2   sing N N 72  
CYS CA  C    sing N N 73  
CYS CA  CB   sing N N 74  
CYS CA  HA   sing N N 75  
CYS C   O    doub N N 76  
CYS C   OXT  sing N N 77  
CYS CB  SG   sing N N 78  
CYS CB  HB2  sing N N 79  
CYS CB  HB3  sing N N 80  
CYS SG  HG   sing N N 81  
CYS OXT HXT  sing N N 82  
GLN N   CA   sing N N 83  
GLN N   H    sing N N 84  
GLN N   H2   sing N N 85  
GLN CA  C    sing N N 86  
GLN CA  CB   sing N N 87  
GLN CA  HA   sing N N 88  
GLN C   O    doub N N 89  
GLN C   OXT  sing N N 90  
GLN CB  CG   sing N N 91  
GLN CB  HB2  sing N N 92  
GLN CB  HB3  sing N N 93  
GLN CG  CD   sing N N 94  
GLN CG  HG2  sing N N 95  
GLN CG  HG3  sing N N 96  
GLN CD  OE1  doub N N 97  
GLN CD  NE2  sing N N 98  
GLN NE2 HE21 sing N N 99  
GLN NE2 HE22 sing N N 100 
GLN OXT HXT  sing N N 101 
GLU N   CA   sing N N 102 
GLU N   H    sing N N 103 
GLU N   H2   sing N N 104 
GLU CA  C    sing N N 105 
GLU CA  CB   sing N N 106 
GLU CA  HA   sing N N 107 
GLU C   O    doub N N 108 
GLU C   OXT  sing N N 109 
GLU CB  CG   sing N N 110 
GLU CB  HB2  sing N N 111 
GLU CB  HB3  sing N N 112 
GLU CG  CD   sing N N 113 
GLU CG  HG2  sing N N 114 
GLU CG  HG3  sing N N 115 
GLU CD  OE1  doub N N 116 
GLU CD  OE2  sing N N 117 
GLU OE2 HE2  sing N N 118 
GLU OXT HXT  sing N N 119 
GLY N   CA   sing N N 120 
GLY N   H    sing N N 121 
GLY N   H2   sing N N 122 
GLY CA  C    sing N N 123 
GLY CA  HA2  sing N N 124 
GLY CA  HA3  sing N N 125 
GLY C   O    doub N N 126 
GLY C   OXT  sing N N 127 
GLY OXT HXT  sing N N 128 
HIS N   CA   sing N N 129 
HIS N   H    sing N N 130 
HIS N   H2   sing N N 131 
HIS CA  C    sing N N 132 
HIS CA  CB   sing N N 133 
HIS CA  HA   sing N N 134 
HIS C   O    doub N N 135 
HIS C   OXT  sing N N 136 
HIS CB  CG   sing N N 137 
HIS CB  HB2  sing N N 138 
HIS CB  HB3  sing N N 139 
HIS CG  ND1  sing Y N 140 
HIS CG  CD2  doub Y N 141 
HIS ND1 CE1  doub Y N 142 
HIS ND1 HD1  sing N N 143 
HIS CD2 NE2  sing Y N 144 
HIS CD2 HD2  sing N N 145 
HIS CE1 NE2  sing Y N 146 
HIS CE1 HE1  sing N N 147 
HIS NE2 HE2  sing N N 148 
HIS OXT HXT  sing N N 149 
HOH O   H1   sing N N 150 
HOH O   H2   sing N N 151 
ILE N   CA   sing N N 152 
ILE N   H    sing N N 153 
ILE N   H2   sing N N 154 
ILE CA  C    sing N N 155 
ILE CA  CB   sing N N 156 
ILE CA  HA   sing N N 157 
ILE C   O    doub N N 158 
ILE C   OXT  sing N N 159 
ILE CB  CG1  sing N N 160 
ILE CB  CG2  sing N N 161 
ILE CB  HB   sing N N 162 
ILE CG1 CD1  sing N N 163 
ILE CG1 HG12 sing N N 164 
ILE CG1 HG13 sing N N 165 
ILE CG2 HG21 sing N N 166 
ILE CG2 HG22 sing N N 167 
ILE CG2 HG23 sing N N 168 
ILE CD1 HD11 sing N N 169 
ILE CD1 HD12 sing N N 170 
ILE CD1 HD13 sing N N 171 
ILE OXT HXT  sing N N 172 
LEU N   CA   sing N N 173 
LEU N   H    sing N N 174 
LEU N   H2   sing N N 175 
LEU CA  C    sing N N 176 
LEU CA  CB   sing N N 177 
LEU CA  HA   sing N N 178 
LEU C   O    doub N N 179 
LEU C   OXT  sing N N 180 
LEU CB  CG   sing N N 181 
LEU CB  HB2  sing N N 182 
LEU CB  HB3  sing N N 183 
LEU CG  CD1  sing N N 184 
LEU CG  CD2  sing N N 185 
LEU CG  HG   sing N N 186 
LEU CD1 HD11 sing N N 187 
LEU CD1 HD12 sing N N 188 
LEU CD1 HD13 sing N N 189 
LEU CD2 HD21 sing N N 190 
LEU CD2 HD22 sing N N 191 
LEU CD2 HD23 sing N N 192 
LEU OXT HXT  sing N N 193 
LJH N1  C5   sing N N 194 
LJH N1  C2   sing N N 195 
LJH C5  C6   sing N N 196 
LJH C6  N7   sing N N 197 
LJH C8  N4   sing N N 198 
LJH C8  C9   sing N N 199 
LJH C10 C9   doub Y N 200 
LJH C10 C11  sing Y N 201 
LJH C13 C14  doub Y N 202 
LJH C13 C12  sing Y N 203 
LJH C17 C18  doub Y N 204 
LJH C17 C16  sing Y N 205 
LJH C28 C27  doub Y N 206 
LJH C28 C29  sing Y N 207 
LJH C2  C3   sing N N 208 
LJH C3  N4   sing N N 209 
LJH N4  S15  sing N N 210 
LJH C27 C26  sing Y N 211 
LJH C31 C30  sing Y N 212 
LJH C31 C26  doub Y N 213 
LJH C30 C29  doub Y N 214 
LJH C25 N7   sing N N 215 
LJH C25 C26  sing N N 216 
LJH N7  S32  sing N N 217 
LJH C18 C19  sing Y N 218 
LJH C16 S15  sing N N 219 
LJH C16 C21  doub Y N 220 
LJH C14 C9   sing Y N 221 
LJH C11 C12  doub Y N 222 
LJH S15 O24  doub N N 223 
LJH S15 O23  doub N N 224 
LJH C21 C20  sing Y N 225 
LJH C20 C19  doub Y N 226 
LJH C19 N22  sing N N 227 
LJH S32 O41  doub N N 228 
LJH S32 O40  doub N N 229 
LJH S32 C33  sing N N 230 
LJH C33 C38  doub Y N 231 
LJH C33 C34  sing Y N 232 
LJH C38 C37  sing Y N 233 
LJH C37 C36  doub Y N 234 
LJH C36 N39  sing N N 235 
LJH C36 C35  sing Y N 236 
LJH C35 C34  doub Y N 237 
LJH N1  HN1  sing N N 238 
LJH C5  H5   sing N N 239 
LJH C5  H5A  sing N N 240 
LJH C6  H6   sing N N 241 
LJH C6  H6A  sing N N 242 
LJH C8  H8   sing N N 243 
LJH C8  H8A  sing N N 244 
LJH C10 H10  sing N N 245 
LJH C13 H13  sing N N 246 
LJH C17 H17  sing N N 247 
LJH C28 H28  sing N N 248 
LJH C2  H2   sing N N 249 
LJH C2  H2A  sing N N 250 
LJH C3  H3   sing N N 251 
LJH C3  H3A  sing N N 252 
LJH C27 H27  sing N N 253 
LJH C31 H31  sing N N 254 
LJH C30 H30  sing N N 255 
LJH C29 H29  sing N N 256 
LJH C25 H25  sing N N 257 
LJH C25 H25A sing N N 258 
LJH C18 H18  sing N N 259 
LJH C14 H14  sing N N 260 
LJH C11 H11  sing N N 261 
LJH C21 H21  sing N N 262 
LJH C20 H20  sing N N 263 
LJH N22 HN22 sing N N 264 
LJH N22 HN2A sing N N 265 
LJH C12 H12  sing N N 266 
LJH C38 H38  sing N N 267 
LJH C37 H37  sing N N 268 
LJH N39 HN39 sing N N 269 
LJH N39 HN3A sing N N 270 
LJH C35 H35  sing N N 271 
LJH C34 H34  sing N N 272 
LYS N   CA   sing N N 273 
LYS N   H    sing N N 274 
LYS N   H2   sing N N 275 
LYS CA  C    sing N N 276 
LYS CA  CB   sing N N 277 
LYS CA  HA   sing N N 278 
LYS C   O    doub N N 279 
LYS C   OXT  sing N N 280 
LYS CB  CG   sing N N 281 
LYS CB  HB2  sing N N 282 
LYS CB  HB3  sing N N 283 
LYS CG  CD   sing N N 284 
LYS CG  HG2  sing N N 285 
LYS CG  HG3  sing N N 286 
LYS CD  CE   sing N N 287 
LYS CD  HD2  sing N N 288 
LYS CD  HD3  sing N N 289 
LYS CE  NZ   sing N N 290 
LYS CE  HE2  sing N N 291 
LYS CE  HE3  sing N N 292 
LYS NZ  HZ1  sing N N 293 
LYS NZ  HZ2  sing N N 294 
LYS NZ  HZ3  sing N N 295 
LYS OXT HXT  sing N N 296 
MET N   CA   sing N N 297 
MET N   H    sing N N 298 
MET N   H2   sing N N 299 
MET CA  C    sing N N 300 
MET CA  CB   sing N N 301 
MET CA  HA   sing N N 302 
MET C   O    doub N N 303 
MET C   OXT  sing N N 304 
MET CB  CG   sing N N 305 
MET CB  HB2  sing N N 306 
MET CB  HB3  sing N N 307 
MET CG  SD   sing N N 308 
MET CG  HG2  sing N N 309 
MET CG  HG3  sing N N 310 
MET SD  CE   sing N N 311 
MET CE  HE1  sing N N 312 
MET CE  HE2  sing N N 313 
MET CE  HE3  sing N N 314 
MET OXT HXT  sing N N 315 
PHE N   CA   sing N N 316 
PHE N   H    sing N N 317 
PHE N   H2   sing N N 318 
PHE CA  C    sing N N 319 
PHE CA  CB   sing N N 320 
PHE CA  HA   sing N N 321 
PHE C   O    doub N N 322 
PHE C   OXT  sing N N 323 
PHE CB  CG   sing N N 324 
PHE CB  HB2  sing N N 325 
PHE CB  HB3  sing N N 326 
PHE CG  CD1  doub Y N 327 
PHE CG  CD2  sing Y N 328 
PHE CD1 CE1  sing Y N 329 
PHE CD1 HD1  sing N N 330 
PHE CD2 CE2  doub Y N 331 
PHE CD2 HD2  sing N N 332 
PHE CE1 CZ   doub Y N 333 
PHE CE1 HE1  sing N N 334 
PHE CE2 CZ   sing Y N 335 
PHE CE2 HE2  sing N N 336 
PHE CZ  HZ   sing N N 337 
PHE OXT HXT  sing N N 338 
PRO N   CA   sing N N 339 
PRO N   CD   sing N N 340 
PRO N   H    sing N N 341 
PRO CA  C    sing N N 342 
PRO CA  CB   sing N N 343 
PRO CA  HA   sing N N 344 
PRO C   O    doub N N 345 
PRO C   OXT  sing N N 346 
PRO CB  CG   sing N N 347 
PRO CB  HB2  sing N N 348 
PRO CB  HB3  sing N N 349 
PRO CG  CD   sing N N 350 
PRO CG  HG2  sing N N 351 
PRO CG  HG3  sing N N 352 
PRO CD  HD2  sing N N 353 
PRO CD  HD3  sing N N 354 
PRO OXT HXT  sing N N 355 
SER N   CA   sing N N 356 
SER N   H    sing N N 357 
SER N   H2   sing N N 358 
SER CA  C    sing N N 359 
SER CA  CB   sing N N 360 
SER CA  HA   sing N N 361 
SER C   O    doub N N 362 
SER C   OXT  sing N N 363 
SER CB  OG   sing N N 364 
SER CB  HB2  sing N N 365 
SER CB  HB3  sing N N 366 
SER OG  HG   sing N N 367 
SER OXT HXT  sing N N 368 
THR N   CA   sing N N 369 
THR N   H    sing N N 370 
THR N   H2   sing N N 371 
THR CA  C    sing N N 372 
THR CA  CB   sing N N 373 
THR CA  HA   sing N N 374 
THR C   O    doub N N 375 
THR C   OXT  sing N N 376 
THR CB  OG1  sing N N 377 
THR CB  CG2  sing N N 378 
THR CB  HB   sing N N 379 
THR OG1 HG1  sing N N 380 
THR CG2 HG21 sing N N 381 
THR CG2 HG22 sing N N 382 
THR CG2 HG23 sing N N 383 
THR OXT HXT  sing N N 384 
TRP N   CA   sing N N 385 
TRP N   H    sing N N 386 
TRP N   H2   sing N N 387 
TRP CA  C    sing N N 388 
TRP CA  CB   sing N N 389 
TRP CA  HA   sing N N 390 
TRP C   O    doub N N 391 
TRP C   OXT  sing N N 392 
TRP CB  CG   sing N N 393 
TRP CB  HB2  sing N N 394 
TRP CB  HB3  sing N N 395 
TRP CG  CD1  doub Y N 396 
TRP CG  CD2  sing Y N 397 
TRP CD1 NE1  sing Y N 398 
TRP CD1 HD1  sing N N 399 
TRP CD2 CE2  doub Y N 400 
TRP CD2 CE3  sing Y N 401 
TRP NE1 CE2  sing Y N 402 
TRP NE1 HE1  sing N N 403 
TRP CE2 CZ2  sing Y N 404 
TRP CE3 CZ3  doub Y N 405 
TRP CE3 HE3  sing N N 406 
TRP CZ2 CH2  doub Y N 407 
TRP CZ2 HZ2  sing N N 408 
TRP CZ3 CH2  sing Y N 409 
TRP CZ3 HZ3  sing N N 410 
TRP CH2 HH2  sing N N 411 
TRP OXT HXT  sing N N 412 
TYR N   CA   sing N N 413 
TYR N   H    sing N N 414 
TYR N   H2   sing N N 415 
TYR CA  C    sing N N 416 
TYR CA  CB   sing N N 417 
TYR CA  HA   sing N N 418 
TYR C   O    doub N N 419 
TYR C   OXT  sing N N 420 
TYR CB  CG   sing N N 421 
TYR CB  HB2  sing N N 422 
TYR CB  HB3  sing N N 423 
TYR CG  CD1  doub Y N 424 
TYR CG  CD2  sing Y N 425 
TYR CD1 CE1  sing Y N 426 
TYR CD1 HD1  sing N N 427 
TYR CD2 CE2  doub Y N 428 
TYR CD2 HD2  sing N N 429 
TYR CE1 CZ   doub Y N 430 
TYR CE1 HE1  sing N N 431 
TYR CE2 CZ   sing Y N 432 
TYR CE2 HE2  sing N N 433 
TYR CZ  OH   sing N N 434 
TYR OH  HH   sing N N 435 
TYR OXT HXT  sing N N 436 
VAL N   CA   sing N N 437 
VAL N   H    sing N N 438 
VAL N   H2   sing N N 439 
VAL CA  C    sing N N 440 
VAL CA  CB   sing N N 441 
VAL CA  HA   sing N N 442 
VAL C   O    doub N N 443 
VAL C   OXT  sing N N 444 
VAL CB  CG1  sing N N 445 
VAL CB  CG2  sing N N 446 
VAL CB  HB   sing N N 447 
VAL CG1 HG11 sing N N 448 
VAL CG1 HG12 sing N N 449 
VAL CG1 HG13 sing N N 450 
VAL CG2 HG21 sing N N 451 
VAL CG2 HG22 sing N N 452 
VAL CG2 HG23 sing N N 453 
VAL OXT HXT  sing N N 454 
# 
loop_
_pdbx_entity_nonpoly.entity_id 
_pdbx_entity_nonpoly.name 
_pdbx_entity_nonpoly.comp_id 
2 "N,N'-(iminodiethane-2,1-diyl)bis(4-amino-N-benzylbenzenesulfonamide)" LJH 
3 'CHLORIDE ION'                                                         CL  
4 water                                                                  HOH 
# 
_pdbx_initial_refinement_model.id               1 
_pdbx_initial_refinement_model.entity_id_list   ? 
_pdbx_initial_refinement_model.type             'experimental model' 
_pdbx_initial_refinement_model.source_name      PDB 
_pdbx_initial_refinement_model.accession_code   2PQZ 
_pdbx_initial_refinement_model.details          'PDB ENTRY 2PQZ' 
# 
